data_1FG8
# 
_entry.id   1FG8 
# 
_audit_conform.dict_name       mmcif_pdbx.dic 
_audit_conform.dict_version    5.387 
_audit_conform.dict_location   http://mmcif.pdb.org/dictionaries/ascii/mmcif_pdbx.dic 
# 
loop_
_database_2.database_id 
_database_2.database_code 
_database_2.pdbx_database_accession 
_database_2.pdbx_DOI 
PDB   1FG8         pdb_00001fg8 10.2210/pdb1fg8/pdb 
RCSB  RCSB011565   ?            ?                   
WWPDB D_1000011565 ?            ?                   
# 
loop_
_pdbx_audit_revision_history.ordinal 
_pdbx_audit_revision_history.data_content_type 
_pdbx_audit_revision_history.major_revision 
_pdbx_audit_revision_history.minor_revision 
_pdbx_audit_revision_history.revision_date 
1 'Structure model' 1 0 2001-06-01 
2 'Structure model' 1 1 2008-04-27 
3 'Structure model' 1 2 2011-07-13 
4 'Structure model' 1 3 2012-12-12 
5 'Structure model' 1 4 2021-11-03 
6 'Structure model' 1 5 2024-02-07 
7 'Structure model' 1 6 2024-03-13 
# 
_pdbx_audit_revision_details.ordinal             1 
_pdbx_audit_revision_details.revision_ordinal    1 
_pdbx_audit_revision_details.data_content_type   'Structure model' 
_pdbx_audit_revision_details.provider            repository 
_pdbx_audit_revision_details.type                'Initial release' 
_pdbx_audit_revision_details.description         ? 
_pdbx_audit_revision_details.details             ? 
# 
loop_
_pdbx_audit_revision_group.ordinal 
_pdbx_audit_revision_group.revision_ordinal 
_pdbx_audit_revision_group.data_content_type 
_pdbx_audit_revision_group.group 
1  2 'Structure model' 'Version format compliance' 
2  3 'Structure model' 'Atomic model'              
3  3 'Structure model' 'Database references'       
4  3 'Structure model' 'Derived calculations'      
5  3 'Structure model' 'Non-polymer description'   
6  3 'Structure model' 'Structure summary'         
7  3 'Structure model' 'Version format compliance' 
8  4 'Structure model' Other                       
9  5 'Structure model' 'Database references'       
10 5 'Structure model' 'Derived calculations'      
11 6 'Structure model' 'Data collection'           
12 7 'Structure model' 'Source and taxonomy'       
13 7 'Structure model' 'Structure summary'         
# 
loop_
_pdbx_audit_revision_category.ordinal 
_pdbx_audit_revision_category.revision_ordinal 
_pdbx_audit_revision_category.data_content_type 
_pdbx_audit_revision_category.category 
1 5 'Structure model' database_2          
2 5 'Structure model' struct_ref_seq_dif  
3 5 'Structure model' struct_site         
4 6 'Structure model' chem_comp_atom      
5 6 'Structure model' chem_comp_bond      
6 7 'Structure model' entity              
7 7 'Structure model' pdbx_entity_src_syn 
# 
loop_
_pdbx_audit_revision_item.ordinal 
_pdbx_audit_revision_item.revision_ordinal 
_pdbx_audit_revision_item.data_content_type 
_pdbx_audit_revision_item.item 
1 5 'Structure model' '_database_2.pdbx_DOI'                
2 5 'Structure model' '_database_2.pdbx_database_accession' 
3 5 'Structure model' '_struct_ref_seq_dif.details'         
4 5 'Structure model' '_struct_site.pdbx_auth_asym_id'      
5 5 'Structure model' '_struct_site.pdbx_auth_comp_id'      
6 5 'Structure model' '_struct_site.pdbx_auth_seq_id'       
7 7 'Structure model' '_entity.details'                     
# 
_pdbx_database_status.status_code                     REL 
_pdbx_database_status.entry_id                        1FG8 
_pdbx_database_status.recvd_initial_deposition_date   2000-07-25 
_pdbx_database_status.deposit_site                    RCSB 
_pdbx_database_status.process_site                    RCSB 
_pdbx_database_status.SG_entry                        . 
_pdbx_database_status.status_code_sf                  ? 
_pdbx_database_status.status_code_mr                  ? 
_pdbx_database_status.pdb_format_compatible           Y 
_pdbx_database_status.status_code_cs                  ? 
_pdbx_database_status.status_code_nmr_data            ? 
_pdbx_database_status.methods_development_category    ? 
# 
loop_
_pdbx_database_related.db_name 
_pdbx_database_related.db_id 
_pdbx_database_related.details 
_pdbx_database_related.content_type 
PDB 1a94 . unspecified 
PDB 1daz . unspecified 
# 
loop_
_audit_author.name 
_audit_author.pdbx_ordinal 
'Mahalingam, B.' 1 
'Louis, J.M.'    2 
'Harrison, R.W.' 3 
'Weber, I.T.'    4 
# 
_citation.id                        primary 
_citation.title                     
;Structural implications of drug-resistant mutants of HIV-1 protease: high-resolution crystal structures of the mutant protease/substrate analogue complexes.
;
_citation.journal_abbrev            Proteins 
_citation.journal_volume            43 
_citation.page_first                455 
_citation.page_last                 464 
_citation.year                      2001 
_citation.journal_id_ASTM           PSFGEY 
_citation.country                   US 
_citation.journal_id_ISSN           0887-3585 
_citation.journal_id_CSD            0867 
_citation.book_publisher            ? 
_citation.pdbx_database_id_PubMed   11340661 
_citation.pdbx_database_id_DOI      10.1002/prot.1057 
# 
loop_
_citation_author.citation_id 
_citation_author.name 
_citation_author.ordinal 
_citation_author.identifier_ORCID 
primary 'Mahalingam, B.' 1 ? 
primary 'Louis, J.M.'    2 ? 
primary 'Hung, J.'       3 ? 
primary 'Harrison, R.W.' 4 ? 
primary 'Weber, I.T.'    5 ? 
# 
loop_
_entity.id 
_entity.type 
_entity.src_method 
_entity.pdbx_description 
_entity.formula_weight 
_entity.pdbx_number_of_molecules 
_entity.pdbx_ec 
_entity.pdbx_mutation 
_entity.pdbx_fragment 
_entity.details 
1 polymer     man 'PROTEASE RETROPEPSIN' 10741.661 2  3.4.23.16 N88D ? ? 
2 non-polymer syn 
;N-[(2R)-2-({N~5~-[amino(iminio)methyl]-L-ornithyl-L-valyl}amino)-4-methylpentyl]-L-phenylalanyl-L-alpha-glutamyl-L-alanyl-L-norleucinamide
;
833.053   1  ?         ?    ? 
'THE INHIBITOR IS DISORDERED WITH RELATIVE OCCUPANCIES OF 40 AND 60% SEQUENCE ANALOGOUS TO THE CA-p2 PROCESSING SITE IN HIV-1' 
3 water       nat water 18.015    81 ?         ?    ? ? 
# 
_entity_name_sys.entity_id   1 
_entity_name_sys.name        E.C.3.4.23.16 
# 
_entity_poly.entity_id                      1 
_entity_poly.type                           'polypeptide(L)' 
_entity_poly.nstd_linkage                   no 
_entity_poly.nstd_monomer                   no 
_entity_poly.pdbx_seq_one_letter_code       
;PQITLWKRPLVTIKIGGQLKEALLDTGADDTVIEEMSLPGRWKPKMIGGIGGFIKVRQYDQIIIEIAGHKAIGTVLVGPT
PVNIIGRDLLTQIGATLNF
;
_entity_poly.pdbx_seq_one_letter_code_can   
;PQITLWKRPLVTIKIGGQLKEALLDTGADDTVIEEMSLPGRWKPKMIGGIGGFIKVRQYDQIIIEIAGHKAIGTVLVGPT
PVNIIGRDLLTQIGATLNF
;
_entity_poly.pdbx_strand_id                 C,D 
_entity_poly.pdbx_target_identifier         ? 
# 
loop_
_pdbx_entity_nonpoly.entity_id 
_pdbx_entity_nonpoly.name 
_pdbx_entity_nonpoly.comp_id 
2 
;N-[(2R)-2-({N~5~-[amino(iminio)methyl]-L-ornithyl-L-valyl}amino)-4-methylpentyl]-L-phenylalanyl-L-alpha-glutamyl-L-alanyl-L-norleucinamide
;
0Q4 
3 water HOH 
# 
loop_
_entity_poly_seq.entity_id 
_entity_poly_seq.num 
_entity_poly_seq.mon_id 
_entity_poly_seq.hetero 
1 1  PRO n 
1 2  GLN n 
1 3  ILE n 
1 4  THR n 
1 5  LEU n 
1 6  TRP n 
1 7  LYS n 
1 8  ARG n 
1 9  PRO n 
1 10 LEU n 
1 11 VAL n 
1 12 THR n 
1 13 ILE n 
1 14 LYS n 
1 15 ILE n 
1 16 GLY n 
1 17 GLY n 
1 18 GLN n 
1 19 LEU n 
1 20 LYS n 
1 21 GLU n 
1 22 ALA n 
1 23 LEU n 
1 24 LEU n 
1 25 ASP n 
1 26 THR n 
1 27 GLY n 
1 28 ALA n 
1 29 ASP n 
1 30 ASP n 
1 31 THR n 
1 32 VAL n 
1 33 ILE n 
1 34 GLU n 
1 35 GLU n 
1 36 MET n 
1 37 SER n 
1 38 LEU n 
1 39 PRO n 
1 40 GLY n 
1 41 ARG n 
1 42 TRP n 
1 43 LYS n 
1 44 PRO n 
1 45 LYS n 
1 46 MET n 
1 47 ILE n 
1 48 GLY n 
1 49 GLY n 
1 50 ILE n 
1 51 GLY n 
1 52 GLY n 
1 53 PHE n 
1 54 ILE n 
1 55 LYS n 
1 56 VAL n 
1 57 ARG n 
1 58 GLN n 
1 59 TYR n 
1 60 ASP n 
1 61 GLN n 
1 62 ILE n 
1 63 ILE n 
1 64 ILE n 
1 65 GLU n 
1 66 ILE n 
1 67 ALA n 
1 68 GLY n 
1 69 HIS n 
1 70 LYS n 
1 71 ALA n 
1 72 ILE n 
1 73 GLY n 
1 74 THR n 
1 75 VAL n 
1 76 LEU n 
1 77 VAL n 
1 78 GLY n 
1 79 PRO n 
1 80 THR n 
1 81 PRO n 
1 82 VAL n 
1 83 ASN n 
1 84 ILE n 
1 85 ILE n 
1 86 GLY n 
1 87 ARG n 
1 88 ASP n 
1 89 LEU n 
1 90 LEU n 
1 91 THR n 
1 92 GLN n 
1 93 ILE n 
1 94 GLY n 
1 95 ALA n 
1 96 THR n 
1 97 LEU n 
1 98 ASN n 
1 99 PHE n 
# 
_entity_src_gen.entity_id                          1 
_entity_src_gen.pdbx_src_id                        1 
_entity_src_gen.pdbx_alt_source_flag               sample 
_entity_src_gen.pdbx_seq_type                      ? 
_entity_src_gen.pdbx_beg_seq_num                   ? 
_entity_src_gen.pdbx_end_seq_num                   ? 
_entity_src_gen.gene_src_common_name               ? 
_entity_src_gen.gene_src_genus                     Lentivirus 
_entity_src_gen.pdbx_gene_src_gene                 ? 
_entity_src_gen.gene_src_species                   ? 
_entity_src_gen.gene_src_strain                    ? 
_entity_src_gen.gene_src_tissue                    ? 
_entity_src_gen.gene_src_tissue_fraction           ? 
_entity_src_gen.gene_src_details                   ? 
_entity_src_gen.pdbx_gene_src_fragment             ? 
_entity_src_gen.pdbx_gene_src_scientific_name      'Human immunodeficiency virus 1' 
_entity_src_gen.pdbx_gene_src_ncbi_taxonomy_id     11676 
_entity_src_gen.pdbx_gene_src_variant              ? 
_entity_src_gen.pdbx_gene_src_cell_line            ? 
_entity_src_gen.pdbx_gene_src_atcc                 ? 
_entity_src_gen.pdbx_gene_src_organ                ? 
_entity_src_gen.pdbx_gene_src_organelle            ? 
_entity_src_gen.pdbx_gene_src_cell                 ? 
_entity_src_gen.pdbx_gene_src_cellular_location    ? 
_entity_src_gen.host_org_common_name               ? 
_entity_src_gen.pdbx_host_org_scientific_name      'Escherichia coli' 
_entity_src_gen.pdbx_host_org_ncbi_taxonomy_id     562 
_entity_src_gen.host_org_genus                     Escherichia 
_entity_src_gen.pdbx_host_org_gene                 ? 
_entity_src_gen.pdbx_host_org_organ                ? 
_entity_src_gen.host_org_species                   ? 
_entity_src_gen.pdbx_host_org_tissue               ? 
_entity_src_gen.pdbx_host_org_tissue_fraction      ? 
_entity_src_gen.pdbx_host_org_strain               ? 
_entity_src_gen.pdbx_host_org_variant              ? 
_entity_src_gen.pdbx_host_org_cell_line            ? 
_entity_src_gen.pdbx_host_org_atcc                 ? 
_entity_src_gen.pdbx_host_org_culture_collection   ? 
_entity_src_gen.pdbx_host_org_cell                 ? 
_entity_src_gen.pdbx_host_org_organelle            ? 
_entity_src_gen.pdbx_host_org_cellular_location    ? 
_entity_src_gen.pdbx_host_org_vector_type          ? 
_entity_src_gen.pdbx_host_org_vector               ? 
_entity_src_gen.host_org_details                   ? 
_entity_src_gen.expression_system_id               ? 
_entity_src_gen.plasmid_name                       ? 
_entity_src_gen.plasmid_details                    ? 
_entity_src_gen.pdbx_description                   ? 
# 
loop_
_chem_comp.id 
_chem_comp.type 
_chem_comp.mon_nstd_flag 
_chem_comp.name 
_chem_comp.pdbx_synonyms 
_chem_comp.formula 
_chem_comp.formula_weight 
0Q4 peptide-like        . 
;N-[(2R)-2-({N~5~-[amino(iminio)methyl]-L-ornithyl-L-valyl}amino)-4-methylpentyl]-L-phenylalanyl-L-alpha-glutamyl-L-alanyl-L-norleucinamide
;
'Inhibitor analogues of CA-p2' 'C40 H70 N11 O8 1' 833.053 
ALA 'L-peptide linking' y ALANINE ?                              'C3 H7 N O2'       89.093  
ARG 'L-peptide linking' y ARGININE ?                              'C6 H15 N4 O2 1'   175.209 
ASN 'L-peptide linking' y ASPARAGINE ?                              'C4 H8 N2 O3'      132.118 
ASP 'L-peptide linking' y 'ASPARTIC ACID' ?                              'C4 H7 N O4'       133.103 
CYS 'L-peptide linking' y CYSTEINE ?                              'C3 H7 N O2 S'     121.158 
GLN 'L-peptide linking' y GLUTAMINE ?                              'C5 H10 N2 O3'     146.144 
GLU 'L-peptide linking' y 'GLUTAMIC ACID' ?                              'C5 H9 N O4'       147.129 
GLY 'peptide linking'   y GLYCINE ?                              'C2 H5 N O2'       75.067  
HIS 'L-peptide linking' y HISTIDINE ?                              'C6 H10 N3 O2 1'   156.162 
HOH non-polymer         . WATER ?                              'H2 O'             18.015  
ILE 'L-peptide linking' y ISOLEUCINE ?                              'C6 H13 N O2'      131.173 
LEU 'L-peptide linking' y LEUCINE ?                              'C6 H13 N O2'      131.173 
LYS 'L-peptide linking' y LYSINE ?                              'C6 H15 N2 O2 1'   147.195 
MET 'L-peptide linking' y METHIONINE ?                              'C5 H11 N O2 S'    149.211 
PHE 'L-peptide linking' y PHENYLALANINE ?                              'C9 H11 N O2'      165.189 
PRO 'L-peptide linking' y PROLINE ?                              'C5 H9 N O2'       115.130 
SER 'L-peptide linking' y SERINE ?                              'C3 H7 N O3'       105.093 
THR 'L-peptide linking' y THREONINE ?                              'C4 H9 N O3'       119.119 
TRP 'L-peptide linking' y TRYPTOPHAN ?                              'C11 H12 N2 O2'    204.225 
TYR 'L-peptide linking' y TYROSINE ?                              'C9 H11 N O3'      181.189 
VAL 'L-peptide linking' y VALINE ?                              'C5 H11 N O2'      117.146 
# 
loop_
_pdbx_poly_seq_scheme.asym_id 
_pdbx_poly_seq_scheme.entity_id 
_pdbx_poly_seq_scheme.seq_id 
_pdbx_poly_seq_scheme.mon_id 
_pdbx_poly_seq_scheme.ndb_seq_num 
_pdbx_poly_seq_scheme.pdb_seq_num 
_pdbx_poly_seq_scheme.auth_seq_num 
_pdbx_poly_seq_scheme.pdb_mon_id 
_pdbx_poly_seq_scheme.auth_mon_id 
_pdbx_poly_seq_scheme.pdb_strand_id 
_pdbx_poly_seq_scheme.pdb_ins_code 
_pdbx_poly_seq_scheme.hetero 
A 1 1  PRO 1  1   1   PRO PRO C . n 
A 1 2  GLN 2  2   2   GLN GLN C . n 
A 1 3  ILE 3  3   3   ILE ILE C . n 
A 1 4  THR 4  4   4   THR THR C . n 
A 1 5  LEU 5  5   5   LEU LEU C . n 
A 1 6  TRP 6  6   6   TRP TRP C . n 
A 1 7  LYS 7  7   7   LYS LYS C . n 
A 1 8  ARG 8  8   8   ARG ARG C . n 
A 1 9  PRO 9  9   9   PRO PRO C . n 
A 1 10 LEU 10 10  10  LEU LEU C . n 
A 1 11 VAL 11 11  11  VAL VAL C . n 
A 1 12 THR 12 12  12  THR THR C . n 
A 1 13 ILE 13 13  13  ILE ILE C . n 
A 1 14 LYS 14 14  14  LYS LYS C . n 
A 1 15 ILE 15 15  15  ILE ILE C . n 
A 1 16 GLY 16 16  16  GLY GLY C . n 
A 1 17 GLY 17 17  17  GLY GLY C . n 
A 1 18 GLN 18 18  18  GLN GLN C . n 
A 1 19 LEU 19 19  19  LEU LEU C . n 
A 1 20 LYS 20 20  20  LYS LYS C . n 
A 1 21 GLU 21 21  21  GLU GLU C . n 
A 1 22 ALA 22 22  22  ALA ALA C . n 
A 1 23 LEU 23 23  23  LEU LEU C . n 
A 1 24 LEU 24 24  24  LEU LEU C . n 
A 1 25 ASP 25 25  25  ASP ASP C . n 
A 1 26 THR 26 26  26  THR THR C . n 
A 1 27 GLY 27 27  27  GLY GLY C . n 
A 1 28 ALA 28 28  28  ALA ALA C . n 
A 1 29 ASP 29 29  29  ASP ASP C . n 
A 1 30 ASP 30 30  30  ASP ASP C . n 
A 1 31 THR 31 31  31  THR THR C . n 
A 1 32 VAL 32 32  32  VAL VAL C . n 
A 1 33 ILE 33 33  33  ILE ILE C . n 
A 1 34 GLU 34 34  34  GLU GLU C . n 
A 1 35 GLU 35 35  35  GLU GLU C . n 
A 1 36 MET 36 36  36  MET MET C . n 
A 1 37 SER 37 37  37  SER SER C . n 
A 1 38 LEU 38 38  38  LEU LEU C . n 
A 1 39 PRO 39 39  39  PRO PRO C . n 
A 1 40 GLY 40 40  40  GLY GLY C . n 
A 1 41 ARG 41 41  41  ARG ARG C . n 
A 1 42 TRP 42 42  42  TRP TRP C . n 
A 1 43 LYS 43 43  43  LYS LYS C . n 
A 1 44 PRO 44 44  44  PRO PRO C . n 
A 1 45 LYS 45 45  45  LYS LYS C . n 
A 1 46 MET 46 46  46  MET MET C . n 
A 1 47 ILE 47 47  47  ILE ILE C . n 
A 1 48 GLY 48 48  48  GLY GLY C . n 
A 1 49 GLY 49 49  49  GLY GLY C . n 
A 1 50 ILE 50 50  50  ILE ILE C . n 
A 1 51 GLY 51 51  51  GLY GLY C . n 
A 1 52 GLY 52 52  52  GLY GLY C . n 
A 1 53 PHE 53 53  53  PHE PHE C . n 
A 1 54 ILE 54 54  54  ILE ILE C . n 
A 1 55 LYS 55 55  55  LYS LYS C . n 
A 1 56 VAL 56 56  56  VAL VAL C . n 
A 1 57 ARG 57 57  57  ARG ARG C . n 
A 1 58 GLN 58 58  58  GLN GLN C . n 
A 1 59 TYR 59 59  59  TYR TYR C . n 
A 1 60 ASP 60 60  60  ASP ASP C . n 
A 1 61 GLN 61 61  61  GLN GLN C . n 
A 1 62 ILE 62 62  62  ILE ILE C . n 
A 1 63 ILE 63 63  63  ILE ILE C . n 
A 1 64 ILE 64 64  64  ILE ILE C . n 
A 1 65 GLU 65 65  65  GLU GLU C . n 
A 1 66 ILE 66 66  66  ILE ILE C . n 
A 1 67 ALA 67 67  67  ALA ALA C . n 
A 1 68 GLY 68 68  68  GLY GLY C . n 
A 1 69 HIS 69 69  69  HIS HIS C . n 
A 1 70 LYS 70 70  70  LYS LYS C . n 
A 1 71 ALA 71 71  71  ALA ALA C . n 
A 1 72 ILE 72 72  72  ILE ILE C . n 
A 1 73 GLY 73 73  73  GLY GLY C . n 
A 1 74 THR 74 74  74  THR THR C . n 
A 1 75 VAL 75 75  75  VAL VAL C . n 
A 1 76 LEU 76 76  76  LEU LEU C . n 
A 1 77 VAL 77 77  77  VAL VAL C . n 
A 1 78 GLY 78 78  78  GLY GLY C . n 
A 1 79 PRO 79 79  79  PRO PRO C . n 
A 1 80 THR 80 80  80  THR THR C . n 
A 1 81 PRO 81 81  81  PRO PRO C . n 
A 1 82 VAL 82 82  82  VAL VAL C . n 
A 1 83 ASN 83 83  83  ASN ASN C . n 
A 1 84 ILE 84 84  84  ILE ILE C . n 
A 1 85 ILE 85 85  85  ILE ILE C . n 
A 1 86 GLY 86 86  86  GLY GLY C . n 
A 1 87 ARG 87 87  87  ARG ARG C . n 
A 1 88 ASP 88 88  88  ASP ASP C . n 
A 1 89 LEU 89 89  89  LEU LEU C . n 
A 1 90 LEU 90 90  90  LEU LEU C . n 
A 1 91 THR 91 91  91  THR THR C . n 
A 1 92 GLN 92 92  92  GLN GLN C . n 
A 1 93 ILE 93 93  93  ILE ILE C . n 
A 1 94 GLY 94 94  94  GLY GLY C . n 
A 1 95 ALA 95 95  95  ALA ALA C . n 
A 1 96 THR 96 96  96  THR THR C . n 
A 1 97 LEU 97 97  97  LEU LEU C . n 
A 1 98 ASN 98 98  98  ASN ASN C . n 
A 1 99 PHE 99 99  99  PHE PHE C . n 
B 1 1  PRO 1  101 101 PRO PRO D . n 
B 1 2  GLN 2  102 102 GLN GLN D . n 
B 1 3  ILE 3  103 103 ILE ILE D . n 
B 1 4  THR 4  104 104 THR THR D . n 
B 1 5  LEU 5  105 105 LEU LEU D . n 
B 1 6  TRP 6  106 106 TRP TRP D . n 
B 1 7  LYS 7  107 107 LYS LYS D . n 
B 1 8  ARG 8  108 108 ARG ARG D . n 
B 1 9  PRO 9  109 109 PRO PRO D . n 
B 1 10 LEU 10 110 110 LEU LEU D . n 
B 1 11 VAL 11 111 111 VAL VAL D . n 
B 1 12 THR 12 112 112 THR THR D . n 
B 1 13 ILE 13 113 113 ILE ILE D . n 
B 1 14 LYS 14 114 114 LYS LYS D . n 
B 1 15 ILE 15 115 115 ILE ILE D . n 
B 1 16 GLY 16 116 116 GLY GLY D . n 
B 1 17 GLY 17 117 117 GLY GLY D . n 
B 1 18 GLN 18 118 118 GLN GLN D . n 
B 1 19 LEU 19 119 119 LEU LEU D . n 
B 1 20 LYS 20 120 120 LYS LYS D . n 
B 1 21 GLU 21 121 121 GLU GLU D . n 
B 1 22 ALA 22 122 122 ALA ALA D . n 
B 1 23 LEU 23 123 123 LEU LEU D . n 
B 1 24 LEU 24 124 124 LEU LEU D . n 
B 1 25 ASP 25 125 125 ASP ASP D . n 
B 1 26 THR 26 126 126 THR THR D . n 
B 1 27 GLY 27 127 127 GLY GLY D . n 
B 1 28 ALA 28 128 128 ALA ALA D . n 
B 1 29 ASP 29 129 129 ASP ASP D . n 
B 1 30 ASP 30 130 130 ASP ASP D . n 
B 1 31 THR 31 131 131 THR THR D . n 
B 1 32 VAL 32 132 132 VAL VAL D . n 
B 1 33 ILE 33 133 133 ILE ILE D . n 
B 1 34 GLU 34 134 134 GLU GLU D . n 
B 1 35 GLU 35 135 135 GLU GLU D . n 
B 1 36 MET 36 136 136 MET MET D . n 
B 1 37 SER 37 137 137 SER SER D . n 
B 1 38 LEU 38 138 138 LEU LEU D . n 
B 1 39 PRO 39 139 139 PRO PRO D . n 
B 1 40 GLY 40 140 140 GLY GLY D . n 
B 1 41 ARG 41 141 141 ARG ARG D . n 
B 1 42 TRP 42 142 142 TRP TRP D . n 
B 1 43 LYS 43 143 143 LYS LYS D . n 
B 1 44 PRO 44 144 144 PRO PRO D . n 
B 1 45 LYS 45 145 145 LYS LYS D . n 
B 1 46 MET 46 146 146 MET MET D . n 
B 1 47 ILE 47 147 147 ILE ILE D . n 
B 1 48 GLY 48 148 148 GLY GLY D . n 
B 1 49 GLY 49 149 149 GLY GLY D . n 
B 1 50 ILE 50 150 150 ILE ILE D . n 
B 1 51 GLY 51 151 151 GLY GLY D . n 
B 1 52 GLY 52 152 152 GLY GLY D . n 
B 1 53 PHE 53 153 153 PHE PHE D . n 
B 1 54 ILE 54 154 154 ILE ILE D . n 
B 1 55 LYS 55 155 155 LYS LYS D . n 
B 1 56 VAL 56 156 156 VAL VAL D . n 
B 1 57 ARG 57 157 157 ARG ARG D . n 
B 1 58 GLN 58 158 158 GLN GLN D . n 
B 1 59 TYR 59 159 159 TYR TYR D . n 
B 1 60 ASP 60 160 160 ASP ASP D . n 
B 1 61 GLN 61 161 161 GLN GLN D . n 
B 1 62 ILE 62 162 162 ILE ILE D . n 
B 1 63 ILE 63 163 163 ILE ILE D . n 
B 1 64 ILE 64 164 164 ILE ILE D . n 
B 1 65 GLU 65 165 165 GLU GLU D . n 
B 1 66 ILE 66 166 166 ILE ILE D . n 
B 1 67 ALA 67 167 167 ALA ALA D . n 
B 1 68 GLY 68 168 168 GLY GLY D . n 
B 1 69 HIS 69 169 169 HIS HIS D . n 
B 1 70 LYS 70 170 170 LYS LYS D . n 
B 1 71 ALA 71 171 171 ALA ALA D . n 
B 1 72 ILE 72 172 172 ILE ILE D . n 
B 1 73 GLY 73 173 173 GLY GLY D . n 
B 1 74 THR 74 174 174 THR THR D . n 
B 1 75 VAL 75 175 175 VAL VAL D . n 
B 1 76 LEU 76 176 176 LEU LEU D . n 
B 1 77 VAL 77 177 177 VAL VAL D . n 
B 1 78 GLY 78 178 178 GLY GLY D . n 
B 1 79 PRO 79 179 179 PRO PRO D . n 
B 1 80 THR 80 180 180 THR THR D . n 
B 1 81 PRO 81 181 181 PRO PRO D . n 
B 1 82 VAL 82 182 182 VAL VAL D . n 
B 1 83 ASN 83 183 183 ASN ASN D . n 
B 1 84 ILE 84 184 184 ILE ILE D . n 
B 1 85 ILE 85 185 185 ILE ILE D . n 
B 1 86 GLY 86 186 186 GLY GLY D . n 
B 1 87 ARG 87 187 187 ARG ARG D . n 
B 1 88 ASP 88 188 188 ASP ASP D . n 
B 1 89 LEU 89 189 189 LEU LEU D . n 
B 1 90 LEU 90 190 190 LEU LEU D . n 
B 1 91 THR 91 191 191 THR THR D . n 
B 1 92 GLN 92 192 192 GLN GLN D . n 
B 1 93 ILE 93 193 193 ILE ILE D . n 
B 1 94 GLY 94 194 194 GLY GLY D . n 
B 1 95 ALA 95 195 195 ALA ALA D . n 
B 1 96 THR 96 196 196 THR THR D . n 
B 1 97 LEU 97 197 197 LEU LEU D . n 
B 1 98 ASN 98 198 198 ASN ASN D . n 
B 1 99 PHE 99 199 199 PHE PHE D . n 
# 
loop_
_pdbx_nonpoly_scheme.asym_id 
_pdbx_nonpoly_scheme.entity_id 
_pdbx_nonpoly_scheme.mon_id 
_pdbx_nonpoly_scheme.ndb_seq_num 
_pdbx_nonpoly_scheme.pdb_seq_num 
_pdbx_nonpoly_scheme.auth_seq_num 
_pdbx_nonpoly_scheme.pdb_mon_id 
_pdbx_nonpoly_scheme.auth_mon_id 
_pdbx_nonpoly_scheme.pdb_strand_id 
_pdbx_nonpoly_scheme.pdb_ins_code 
C 2 0Q4 1  401 401 0Q4 ARG C . 
D 3 HOH 1  100 3   HOH HOH C . 
D 3 HOH 2  101 4   HOH HOH C . 
D 3 HOH 3  102 6   HOH HOH C . 
D 3 HOH 4  103 7   HOH HOH C . 
D 3 HOH 5  104 9   HOH HOH C . 
D 3 HOH 6  105 10  HOH HOH C . 
D 3 HOH 7  106 11  HOH HOH C . 
D 3 HOH 8  107 14  HOH HOH C . 
D 3 HOH 9  108 19  HOH HOH C . 
D 3 HOH 10 109 22  HOH HOH C . 
D 3 HOH 11 110 23  HOH HOH C . 
D 3 HOH 12 111 25  HOH HOH C . 
D 3 HOH 13 112 26  HOH HOH C . 
D 3 HOH 14 113 29  HOH HOH C . 
D 3 HOH 15 114 35  HOH HOH C . 
D 3 HOH 16 115 37  HOH HOH C . 
D 3 HOH 17 116 46  HOH HOH C . 
D 3 HOH 18 117 47  HOH HOH C . 
D 3 HOH 19 118 52  HOH HOH C . 
D 3 HOH 20 119 55  HOH HOH C . 
D 3 HOH 21 120 71  HOH HOH C . 
D 3 HOH 22 121 81  HOH HOH C . 
D 3 HOH 23 122 82  HOH HOH C . 
D 3 HOH 24 123 90  HOH HOH C . 
D 3 HOH 25 124 103 HOH HOH C . 
D 3 HOH 26 125 104 HOH HOH C . 
D 3 HOH 27 126 111 HOH HOH C . 
D 3 HOH 28 127 117 HOH HOH C . 
D 3 HOH 29 128 123 HOH HOH C . 
D 3 HOH 30 129 126 HOH HOH C . 
D 3 HOH 31 130 127 HOH HOH C . 
D 3 HOH 32 131 128 HOH HOH C . 
D 3 HOH 33 132 145 HOH HOH C . 
D 3 HOH 34 133 156 HOH HOH C . 
D 3 HOH 35 134 160 HOH HOH C . 
D 3 HOH 36 135 167 HOH HOH C . 
D 3 HOH 37 136 171 HOH HOH C . 
D 3 HOH 38 137 176 HOH HOH C . 
D 3 HOH 39 138 28  HOH HOH C . 
D 3 HOH 40 177 177 HOH HOH C . 
E 3 HOH 1  200 1   HOH HOH D . 
E 3 HOH 2  201 5   HOH HOH D . 
E 3 HOH 3  202 12  HOH HOH D . 
E 3 HOH 4  203 13  HOH HOH D . 
E 3 HOH 5  204 15  HOH HOH D . 
E 3 HOH 6  205 17  HOH HOH D . 
E 3 HOH 7  206 20  HOH HOH D . 
E 3 HOH 8  207 24  HOH HOH D . 
E 3 HOH 9  208 27  HOH HOH D . 
E 3 HOH 10 209 30  HOH HOH D . 
E 3 HOH 11 210 32  HOH HOH D . 
E 3 HOH 12 211 36  HOH HOH D . 
E 3 HOH 13 212 40  HOH HOH D . 
E 3 HOH 14 213 41  HOH HOH D . 
E 3 HOH 15 214 43  HOH HOH D . 
E 3 HOH 16 215 48  HOH HOH D . 
E 3 HOH 17 216 51  HOH HOH D . 
E 3 HOH 18 217 53  HOH HOH D . 
E 3 HOH 19 218 58  HOH HOH D . 
E 3 HOH 20 219 60  HOH HOH D . 
E 3 HOH 21 220 61  HOH HOH D . 
E 3 HOH 22 221 62  HOH HOH D . 
E 3 HOH 23 222 63  HOH HOH D . 
E 3 HOH 24 223 64  HOH HOH D . 
E 3 HOH 25 224 70  HOH HOH D . 
E 3 HOH 26 225 83  HOH HOH D . 
E 3 HOH 27 226 84  HOH HOH D . 
E 3 HOH 28 227 85  HOH HOH D . 
E 3 HOH 29 228 88  HOH HOH D . 
E 3 HOH 30 229 93  HOH HOH D . 
E 3 HOH 31 230 97  HOH HOH D . 
E 3 HOH 32 231 98  HOH HOH D . 
E 3 HOH 33 232 100 HOH HOH D . 
E 3 HOH 34 233 133 HOH HOH D . 
E 3 HOH 35 234 136 HOH HOH D . 
E 3 HOH 36 235 137 HOH HOH D . 
E 3 HOH 37 236 140 HOH HOH D . 
E 3 HOH 38 237 158 HOH HOH D . 
E 3 HOH 39 238 161 HOH HOH D . 
E 3 HOH 40 239 164 HOH HOH D . 
E 3 HOH 41 240 180 HOH HOH D . 
# 
loop_
_software.name 
_software.classification 
_software.version 
_software.citation_id 
_software.pdbx_ordinal 
AMoRE     phasing           .     ? 1 
X-PLOR    refinement        3.843 ? 2 
ADSC      'data collection' .     ? 3 
DENZO     'data reduction'  .     ? 4 
SCALEPACK 'data scaling'    .     ? 5 
# 
_cell.entry_id           1FG8 
_cell.length_a           51.241 
_cell.length_b           58.305 
_cell.length_c           60.972 
_cell.angle_alpha        90.00 
_cell.angle_beta         90.00 
_cell.angle_gamma        90.00 
_cell.Z_PDB              8 
_cell.pdbx_unique_axis   ? 
_cell.length_a_esd       ? 
_cell.length_b_esd       ? 
_cell.length_c_esd       ? 
_cell.angle_alpha_esd    ? 
_cell.angle_beta_esd     ? 
_cell.angle_gamma_esd    ? 
# 
_symmetry.entry_id                         1FG8 
_symmetry.space_group_name_H-M             'P 21 21 21' 
_symmetry.pdbx_full_space_group_name_H-M   ? 
_symmetry.cell_setting                     orthorhombic 
_symmetry.Int_Tables_number                19 
_symmetry.space_group_name_Hall            ? 
# 
_exptl.entry_id          1FG8 
_exptl.method            'X-RAY DIFFRACTION' 
_exptl.crystals_number   1 
# 
_exptl_crystal.id                    1 
_exptl_crystal.density_meas          ? 
_exptl_crystal.density_percent_sol   39.69 
_exptl_crystal.density_Matthews      2.04 
_exptl_crystal.description           ? 
_exptl_crystal.F_000                 ? 
_exptl_crystal.preparation           ? 
# 
_exptl_crystal_grow.crystal_id      1 
_exptl_crystal_grow.method          'VAPOR DIFFUSION, HANGING DROP' 
_exptl_crystal_grow.pH              ? 
_exptl_crystal_grow.temp            298 
_exptl_crystal_grow.temp_details    ? 
_exptl_crystal_grow.pdbx_details    
;CITRATE/PHOSPHATE BUFFER 0.05M, DTT 10MM, 
DMSO 10%, SATURATED AMMONIUM SULPHAT25-50%, PROTEIN 2-5 MG/ML, pH 5.0-6.5.
VAPOR DIFFUSION, HANGING DROP at 298K
;
_exptl_crystal_grow.pdbx_pH_range   . 
# 
_diffrn.id                     1 
_diffrn.ambient_temp           90 
_diffrn.ambient_temp_details   ? 
_diffrn.crystal_id             1 
# 
_diffrn_detector.diffrn_id              1 
_diffrn_detector.detector               CCD 
_diffrn_detector.type                   'ADSC QUANTUM 4' 
_diffrn_detector.pdbx_collection_date   1999-10-09 
_diffrn_detector.details                ? 
# 
_diffrn_radiation.diffrn_id                        1 
_diffrn_radiation.wavelength_id                    1 
_diffrn_radiation.monochromator                    ? 
_diffrn_radiation.pdbx_monochromatic_or_laue_m_l   M 
_diffrn_radiation.pdbx_diffrn_protocol             'SINGLE WAVELENGTH' 
_diffrn_radiation.pdbx_scattering_type             x-ray 
# 
_diffrn_radiation_wavelength.id           1 
_diffrn_radiation_wavelength.wavelength   1.037 
_diffrn_radiation_wavelength.wt           1.0 
# 
_diffrn_source.diffrn_id                   1 
_diffrn_source.source                      SYNCHROTRON 
_diffrn_source.type                        'NSLS BEAMLINE X12B' 
_diffrn_source.pdbx_wavelength             1.037 
_diffrn_source.pdbx_synchrotron_site       NSLS 
_diffrn_source.pdbx_synchrotron_beamline   X12B 
_diffrn_source.pdbx_wavelength_list        ? 
# 
_reflns.entry_id                     1FG8 
_reflns.observed_criterion_sigma_I   ? 
_reflns.observed_criterion_sigma_F   ? 
_reflns.d_resolution_low             25.0 
_reflns.d_resolution_high            1.85 
_reflns.number_obs                   ? 
_reflns.number_all                   ? 
_reflns.percent_possible_obs         ? 
_reflns.pdbx_Rmerge_I_obs            0.0640000 
_reflns.pdbx_Rsym_value              ? 
_reflns.pdbx_netI_over_sigmaI        ? 
_reflns.B_iso_Wilson_estimate        ? 
_reflns.pdbx_redundancy              ? 
_reflns.R_free_details               ? 
_reflns.limit_h_max                  ? 
_reflns.limit_h_min                  ? 
_reflns.limit_k_max                  ? 
_reflns.limit_k_min                  ? 
_reflns.limit_l_max                  ? 
_reflns.limit_l_min                  ? 
_reflns.observed_criterion_F_max     ? 
_reflns.observed_criterion_F_min     ? 
_reflns.pdbx_chi_squared             ? 
_reflns.pdbx_scaling_rejects         ? 
_reflns.pdbx_ordinal                 1 
_reflns.pdbx_diffrn_id               1 
# 
_reflns_shell.d_res_high             1.85 
_reflns_shell.d_res_low              1.93 
_reflns_shell.percent_possible_obs   ? 
_reflns_shell.percent_possible_all   99.9 
_reflns_shell.Rmerge_I_obs           0.2410000 
_reflns_shell.meanI_over_sigI_obs    ? 
_reflns_shell.pdbx_Rsym_value        ? 
_reflns_shell.pdbx_redundancy        ? 
_reflns_shell.number_unique_all      ? 
_reflns_shell.number_measured_all    ? 
_reflns_shell.number_measured_obs    ? 
_reflns_shell.number_unique_obs      ? 
_reflns_shell.pdbx_chi_squared       ? 
_reflns_shell.pdbx_ordinal           1 
_reflns_shell.pdbx_diffrn_id         1 
# 
_refine.entry_id                                 1FG8 
_refine.ls_number_reflns_obs                     ? 
_refine.ls_number_reflns_all                     15942 
_refine.pdbx_ls_sigma_I                          ? 
_refine.pdbx_ls_sigma_F                          1.0 
_refine.pdbx_data_cutoff_high_absF               ? 
_refine.pdbx_data_cutoff_low_absF                ? 
_refine.ls_d_res_low                             8.0 
_refine.ls_d_res_high                            1.85 
_refine.ls_percent_reflns_obs                    ? 
_refine.ls_R_factor_obs                          ? 
_refine.ls_R_factor_all                          ? 
_refine.ls_R_factor_R_work                       0.2230000 
_refine.ls_R_factor_R_free                       0.2670000 
_refine.ls_R_factor_R_free_error                 ? 
_refine.ls_R_factor_R_free_error_details         ? 
_refine.ls_percent_reflns_R_free                 5.9 
_refine.ls_number_reflns_R_free                  941 
_refine.ls_number_parameters                     ? 
_refine.ls_number_restraints                     ? 
_refine.occupancy_min                            ? 
_refine.occupancy_max                            ? 
_refine.B_iso_mean                               ? 
_refine.aniso_B[1][1]                            ? 
_refine.aniso_B[2][2]                            ? 
_refine.aniso_B[3][3]                            ? 
_refine.aniso_B[1][2]                            ? 
_refine.aniso_B[1][3]                            ? 
_refine.aniso_B[2][3]                            ? 
_refine.solvent_model_details                    ? 
_refine.solvent_model_param_ksol                 ? 
_refine.solvent_model_param_bsol                 ? 
_refine.pdbx_ls_cross_valid_method               THROUGHOUT 
_refine.details                                  ? 
_refine.pdbx_starting_model                      ? 
_refine.pdbx_method_to_determine_struct          ? 
_refine.pdbx_isotropic_thermal_model             ? 
_refine.pdbx_stereochemistry_target_values       'ENGH  & HUBER' 
_refine.pdbx_stereochem_target_val_spec_case     ? 
_refine.pdbx_R_Free_selection_details            Random 
_refine.pdbx_overall_ESU_R_Free                  ? 
_refine.overall_SU_B                             ? 
_refine.ls_redundancy_reflns_obs                 ? 
_refine.B_iso_min                                ? 
_refine.B_iso_max                                ? 
_refine.overall_SU_ML                            ? 
_refine.pdbx_overall_ESU_R                       ? 
_refine.pdbx_data_cutoff_high_rms_absF           ? 
_refine.correlation_coeff_Fo_to_Fc               ? 
_refine.correlation_coeff_Fo_to_Fc_free          ? 
_refine.overall_SU_R_Cruickshank_DPI             ? 
_refine.overall_SU_R_free                        ? 
_refine.pdbx_refine_id                           'X-RAY DIFFRACTION' 
_refine.pdbx_overall_phase_error                 ? 
_refine.pdbx_solvent_vdw_probe_radii             ? 
_refine.pdbx_solvent_ion_probe_radii             ? 
_refine.pdbx_solvent_shrinkage_radii             ? 
_refine.ls_wR_factor_R_free                      ? 
_refine.ls_wR_factor_R_work                      ? 
_refine.overall_FOM_free_R_set                   ? 
_refine.overall_FOM_work_R_set                   ? 
_refine.pdbx_diffrn_id                           1 
_refine.pdbx_TLS_residual_ADP_flag               ? 
_refine.pdbx_overall_SU_R_free_Cruickshank_DPI   ? 
_refine.pdbx_overall_SU_R_Blow_DPI               ? 
_refine.pdbx_overall_SU_R_free_Blow_DPI          ? 
# 
_refine_hist.pdbx_refine_id                   'X-RAY DIFFRACTION' 
_refine_hist.cycle_id                         LAST 
_refine_hist.pdbx_number_atoms_protein        1512 
_refine_hist.pdbx_number_atoms_nucleic_acid   0 
_refine_hist.pdbx_number_atoms_ligand         59 
_refine_hist.number_atoms_solvent             81 
_refine_hist.number_atoms_total               1652 
_refine_hist.d_res_high                       1.85 
_refine_hist.d_res_low                        8.0 
# 
_struct.entry_id                  1FG8 
_struct.title                     
;STRUCTURAL IMPLICATIONS OF DRUG RESISTANT MUTANTS OF HIV-1 PROTEASE: HIGH RESOLUTION CRYSTAL STRUCTURES OF THE MUTANT PROTEASE/SUBSTRATE ANALOG COMPLEXES
;
_struct.pdbx_model_details        ? 
_struct.pdbx_CASP_flag            ? 
_struct.pdbx_model_type_details   ? 
# 
_struct_keywords.entry_id        1FG8 
_struct_keywords.pdbx_keywords   'HYDROLASE/HYDROLASE INHIBITOR' 
_struct_keywords.text            'HIV-1 PROTEASE, HYDROLASE-HYDROLASE INHIBITOR COMPLEX' 
# 
loop_
_struct_asym.id 
_struct_asym.pdbx_blank_PDB_chainid_flag 
_struct_asym.pdbx_modified 
_struct_asym.entity_id 
_struct_asym.details 
A N N 1 ? 
B N N 1 ? 
C N N 2 ? 
D N N 3 ? 
E N N 3 ? 
# 
_struct_ref.id                         1 
_struct_ref.db_code                    POL_HV1B5 
_struct_ref.db_name                    UNP 
_struct_ref.entity_id                  1 
_struct_ref.pdbx_db_accession          P04587 
_struct_ref.pdbx_align_begin           69 
_struct_ref.pdbx_seq_one_letter_code   
;PQITLWQRPLVTIKIGGQLKEALLDTGADDTVLEEMSLPGRWKPKMIGGIGGFIKVRQYDQILIEICGHKAIGTVLVGPT
PVNIIGRNLLTQIGCTLNF
;
_struct_ref.pdbx_db_isoform            ? 
# 
loop_
_struct_ref_seq.align_id 
_struct_ref_seq.ref_id 
_struct_ref_seq.pdbx_PDB_id_code 
_struct_ref_seq.pdbx_strand_id 
_struct_ref_seq.seq_align_beg 
_struct_ref_seq.pdbx_seq_align_beg_ins_code 
_struct_ref_seq.seq_align_end 
_struct_ref_seq.pdbx_seq_align_end_ins_code 
_struct_ref_seq.pdbx_db_accession 
_struct_ref_seq.db_align_beg 
_struct_ref_seq.pdbx_db_align_beg_ins_code 
_struct_ref_seq.db_align_end 
_struct_ref_seq.pdbx_db_align_end_ins_code 
_struct_ref_seq.pdbx_auth_seq_align_beg 
_struct_ref_seq.pdbx_auth_seq_align_end 
1 1 1FG8 C 1 ? 99 ? P04587 69 ? 167 ? 1   99  
2 1 1FG8 D 1 ? 99 ? P04587 69 ? 167 ? 101 199 
# 
loop_
_struct_ref_seq_dif.align_id 
_struct_ref_seq_dif.pdbx_pdb_id_code 
_struct_ref_seq_dif.mon_id 
_struct_ref_seq_dif.pdbx_pdb_strand_id 
_struct_ref_seq_dif.seq_num 
_struct_ref_seq_dif.pdbx_pdb_ins_code 
_struct_ref_seq_dif.pdbx_seq_db_name 
_struct_ref_seq_dif.pdbx_seq_db_accession_code 
_struct_ref_seq_dif.db_mon_id 
_struct_ref_seq_dif.pdbx_seq_db_seq_num 
_struct_ref_seq_dif.details 
_struct_ref_seq_dif.pdbx_auth_seq_num 
_struct_ref_seq_dif.pdbx_ordinal 
1 1FG8 LYS C 7  ? UNP P04587 GLN 75  'engineered mutation' 7   1  
1 1FG8 ILE C 33 ? UNP P04587 LEU 101 'engineered mutation' 33  2  
1 1FG8 ILE C 63 ? UNP P04587 LEU 131 'engineered mutation' 63  3  
1 1FG8 ALA C 67 ? UNP P04587 CYS 135 'engineered mutation' 67  4  
1 1FG8 ASP C 88 ? UNP P04587 ASN 156 'engineered mutation' 88  5  
1 1FG8 ALA C 95 ? UNP P04587 CYS 163 'engineered mutation' 95  6  
2 1FG8 LYS D 7  ? UNP P04587 GLN 75  'engineered mutation' 107 7  
2 1FG8 ILE D 33 ? UNP P04587 LEU 101 'engineered mutation' 133 8  
2 1FG8 ILE D 63 ? UNP P04587 LEU 131 'engineered mutation' 163 9  
2 1FG8 ALA D 67 ? UNP P04587 CYS 135 'engineered mutation' 167 10 
2 1FG8 ASP D 88 ? UNP P04587 ASN 156 'engineered mutation' 188 11 
2 1FG8 ALA D 95 ? UNP P04587 CYS 163 'engineered mutation' 195 12 
# 
_pdbx_struct_assembly.id                   1 
_pdbx_struct_assembly.details              author_and_software_defined_assembly 
_pdbx_struct_assembly.method_details       PISA 
_pdbx_struct_assembly.oligomeric_details   dimeric 
_pdbx_struct_assembly.oligomeric_count     2 
# 
loop_
_pdbx_struct_assembly_prop.biol_id 
_pdbx_struct_assembly_prop.type 
_pdbx_struct_assembly_prop.value 
_pdbx_struct_assembly_prop.details 
1 'ABSA (A^2)' 5480 ? 
1 MORE         -28  ? 
1 'SSA (A^2)'  9040 ? 
# 
_pdbx_struct_assembly_gen.assembly_id       1 
_pdbx_struct_assembly_gen.oper_expression   1 
_pdbx_struct_assembly_gen.asym_id_list      A,B,C,D,E 
# 
_pdbx_struct_oper_list.id                   1 
_pdbx_struct_oper_list.type                 'identity operation' 
_pdbx_struct_oper_list.name                 1_555 
_pdbx_struct_oper_list.symmetry_operation   x,y,z 
_pdbx_struct_oper_list.matrix[1][1]         1.0000000000 
_pdbx_struct_oper_list.matrix[1][2]         0.0000000000 
_pdbx_struct_oper_list.matrix[1][3]         0.0000000000 
_pdbx_struct_oper_list.vector[1]            0.0000000000 
_pdbx_struct_oper_list.matrix[2][1]         0.0000000000 
_pdbx_struct_oper_list.matrix[2][2]         1.0000000000 
_pdbx_struct_oper_list.matrix[2][3]         0.0000000000 
_pdbx_struct_oper_list.vector[2]            0.0000000000 
_pdbx_struct_oper_list.matrix[3][1]         0.0000000000 
_pdbx_struct_oper_list.matrix[3][2]         0.0000000000 
_pdbx_struct_oper_list.matrix[3][3]         1.0000000000 
_pdbx_struct_oper_list.vector[3]            0.0000000000 
# 
_struct_biol.id   1 
# 
loop_
_struct_conf.conf_type_id 
_struct_conf.id 
_struct_conf.pdbx_PDB_helix_id 
_struct_conf.beg_label_comp_id 
_struct_conf.beg_label_asym_id 
_struct_conf.beg_label_seq_id 
_struct_conf.pdbx_beg_PDB_ins_code 
_struct_conf.end_label_comp_id 
_struct_conf.end_label_asym_id 
_struct_conf.end_label_seq_id 
_struct_conf.pdbx_end_PDB_ins_code 
_struct_conf.beg_auth_comp_id 
_struct_conf.beg_auth_asym_id 
_struct_conf.beg_auth_seq_id 
_struct_conf.end_auth_comp_id 
_struct_conf.end_auth_asym_id 
_struct_conf.end_auth_seq_id 
_struct_conf.pdbx_PDB_helix_class 
_struct_conf.details 
_struct_conf.pdbx_PDB_helix_length 
HELX_P HELX_P1 1 GLY A 86 ? THR A 91 ? GLY C 86  THR C 91  1 ? 6 
HELX_P HELX_P2 2 GLY B 86 ? THR B 91 ? GLY D 186 THR D 191 1 ? 6 
# 
_struct_conf_type.id          HELX_P 
_struct_conf_type.criteria    ? 
_struct_conf_type.reference   ? 
# 
_struct_sheet.id               A 
_struct_sheet.type             ? 
_struct_sheet.number_strands   4 
_struct_sheet.details          ? 
# 
loop_
_struct_sheet_order.sheet_id 
_struct_sheet_order.range_id_1 
_struct_sheet_order.range_id_2 
_struct_sheet_order.offset 
_struct_sheet_order.sense 
A 1 2 ? anti-parallel 
A 2 3 ? anti-parallel 
A 3 4 ? anti-parallel 
# 
loop_
_struct_sheet_range.sheet_id 
_struct_sheet_range.id 
_struct_sheet_range.beg_label_comp_id 
_struct_sheet_range.beg_label_asym_id 
_struct_sheet_range.beg_label_seq_id 
_struct_sheet_range.pdbx_beg_PDB_ins_code 
_struct_sheet_range.end_label_comp_id 
_struct_sheet_range.end_label_asym_id 
_struct_sheet_range.end_label_seq_id 
_struct_sheet_range.pdbx_end_PDB_ins_code 
_struct_sheet_range.beg_auth_comp_id 
_struct_sheet_range.beg_auth_asym_id 
_struct_sheet_range.beg_auth_seq_id 
_struct_sheet_range.end_auth_comp_id 
_struct_sheet_range.end_auth_asym_id 
_struct_sheet_range.end_auth_seq_id 
A 1 GLN A 2  ? ILE A 3  ? GLN C 2   ILE C 3   
A 2 THR B 96 ? ASN B 98 ? THR D 196 ASN D 198 
A 3 THR A 96 ? ASN A 98 ? THR C 96  ASN C 98  
A 4 GLN B 2  ? THR B 4  ? GLN D 102 THR D 104 
# 
loop_
_pdbx_struct_sheet_hbond.sheet_id 
_pdbx_struct_sheet_hbond.range_id_1 
_pdbx_struct_sheet_hbond.range_id_2 
_pdbx_struct_sheet_hbond.range_1_label_atom_id 
_pdbx_struct_sheet_hbond.range_1_label_comp_id 
_pdbx_struct_sheet_hbond.range_1_label_asym_id 
_pdbx_struct_sheet_hbond.range_1_label_seq_id 
_pdbx_struct_sheet_hbond.range_1_PDB_ins_code 
_pdbx_struct_sheet_hbond.range_1_auth_atom_id 
_pdbx_struct_sheet_hbond.range_1_auth_comp_id 
_pdbx_struct_sheet_hbond.range_1_auth_asym_id 
_pdbx_struct_sheet_hbond.range_1_auth_seq_id 
_pdbx_struct_sheet_hbond.range_2_label_atom_id 
_pdbx_struct_sheet_hbond.range_2_label_comp_id 
_pdbx_struct_sheet_hbond.range_2_label_asym_id 
_pdbx_struct_sheet_hbond.range_2_label_seq_id 
_pdbx_struct_sheet_hbond.range_2_PDB_ins_code 
_pdbx_struct_sheet_hbond.range_2_auth_atom_id 
_pdbx_struct_sheet_hbond.range_2_auth_comp_id 
_pdbx_struct_sheet_hbond.range_2_auth_asym_id 
_pdbx_struct_sheet_hbond.range_2_auth_seq_id 
A 1 2 N ILE A 3  ? N ILE C 3   O LEU B 97 ? O LEU D 197 
A 2 3 O ASN B 98 ? O ASN D 198 N THR A 96 ? N THR C 96  
A 3 4 O LEU A 97 ? O LEU C 97  N ILE B 3  ? N ILE D 103 
# 
_struct_site.id                   AC1 
_struct_site.pdbx_evidence_code   Software 
_struct_site.pdbx_auth_asym_id    C 
_struct_site.pdbx_auth_comp_id    0Q4 
_struct_site.pdbx_auth_seq_id     401 
_struct_site.pdbx_auth_ins_code   ? 
_struct_site.pdbx_num_residues    38 
_struct_site.details              'BINDING SITE FOR RESIDUE 0Q4 C 401' 
# 
loop_
_struct_site_gen.id 
_struct_site_gen.site_id 
_struct_site_gen.pdbx_num_res 
_struct_site_gen.label_comp_id 
_struct_site_gen.label_asym_id 
_struct_site_gen.label_seq_id 
_struct_site_gen.pdbx_auth_ins_code 
_struct_site_gen.auth_comp_id 
_struct_site_gen.auth_asym_id 
_struct_site_gen.auth_seq_id 
_struct_site_gen.label_atom_id 
_struct_site_gen.label_alt_id 
_struct_site_gen.symmetry 
_struct_site_gen.details 
1  AC1 38 TRP A 6  ? TRP C 6   . ? 3_545 ? 
2  AC1 38 ARG A 8  ? ARG C 8   . ? 1_555 ? 
3  AC1 38 LEU A 23 ? LEU C 23  . ? 1_555 ? 
4  AC1 38 ASP A 25 ? ASP C 25  . ? 1_555 ? 
5  AC1 38 GLY A 27 ? GLY C 27  . ? 1_555 ? 
6  AC1 38 ALA A 28 ? ALA C 28  . ? 1_555 ? 
7  AC1 38 ASP A 29 ? ASP C 29  . ? 1_555 ? 
8  AC1 38 ASP A 30 ? ASP C 30  . ? 1_555 ? 
9  AC1 38 VAL A 32 ? VAL C 32  . ? 1_555 ? 
10 AC1 38 LYS A 45 ? LYS C 45  . ? 1_555 ? 
11 AC1 38 MET A 46 ? MET C 46  . ? 1_555 ? 
12 AC1 38 ILE A 47 ? ILE C 47  . ? 1_555 ? 
13 AC1 38 GLY A 48 ? GLY C 48  . ? 1_555 ? 
14 AC1 38 GLY A 49 ? GLY C 49  . ? 1_555 ? 
15 AC1 38 ILE A 50 ? ILE C 50  . ? 1_555 ? 
16 AC1 38 PRO A 81 ? PRO C 81  . ? 1_555 ? 
17 AC1 38 ILE A 84 ? ILE C 84  . ? 1_555 ? 
18 AC1 38 HOH D .  ? HOH C 138 . ? 1_555 ? 
19 AC1 38 HOH D .  ? HOH C 177 . ? 1_555 ? 
20 AC1 38 ARG B 8  ? ARG D 108 . ? 1_555 ? 
21 AC1 38 LEU B 23 ? LEU D 123 . ? 1_555 ? 
22 AC1 38 ASP B 25 ? ASP D 125 . ? 1_555 ? 
23 AC1 38 GLY B 27 ? GLY D 127 . ? 1_555 ? 
24 AC1 38 ALA B 28 ? ALA D 128 . ? 1_555 ? 
25 AC1 38 ASP B 29 ? ASP D 129 . ? 1_555 ? 
26 AC1 38 ASP B 30 ? ASP D 130 . ? 1_555 ? 
27 AC1 38 VAL B 32 ? VAL D 132 . ? 1_555 ? 
28 AC1 38 LYS B 45 ? LYS D 145 . ? 1_555 ? 
29 AC1 38 MET B 46 ? MET D 146 . ? 1_555 ? 
30 AC1 38 ILE B 47 ? ILE D 147 . ? 1_555 ? 
31 AC1 38 GLY B 48 ? GLY D 148 . ? 1_555 ? 
32 AC1 38 GLY B 49 ? GLY D 149 . ? 1_555 ? 
33 AC1 38 ILE B 50 ? ILE D 150 . ? 1_555 ? 
34 AC1 38 GLN B 58 ? GLN D 158 . ? 1_555 ? 
35 AC1 38 PRO B 81 ? PRO D 181 . ? 1_555 ? 
36 AC1 38 VAL B 82 ? VAL D 182 . ? 1_555 ? 
37 AC1 38 ILE B 84 ? ILE D 184 . ? 1_555 ? 
38 AC1 38 HOH E .  ? HOH D 201 . ? 1_555 ? 
# 
_pdbx_validate_torsion.id              1 
_pdbx_validate_torsion.PDB_model_num   1 
_pdbx_validate_torsion.auth_comp_id    PRO 
_pdbx_validate_torsion.auth_asym_id    C 
_pdbx_validate_torsion.auth_seq_id     79 
_pdbx_validate_torsion.PDB_ins_code    ? 
_pdbx_validate_torsion.label_alt_id    ? 
_pdbx_validate_torsion.phi             -67.58 
_pdbx_validate_torsion.psi             56.84 
# 
_pdbx_molecule_features.prd_id    PRD_000349 
_pdbx_molecule_features.name      
;N-[(2R)-2-({N~5~-[amino(iminio)methyl]-L-ornithyl-L-valyl}amino)-4-methylpentyl]-L-phenylalanyl-L-alpha-glutamyl-
  L-alanyl-L-norleucinamide
;
_pdbx_molecule_features.type      Peptide-like 
_pdbx_molecule_features.class     Inhibitor 
_pdbx_molecule_features.details   ? 
# 
_pdbx_molecule.instance_id   1 
_pdbx_molecule.prd_id        PRD_000349 
_pdbx_molecule.asym_id       C 
# 
_pdbx_entry_details.entry_id                 1FG8 
_pdbx_entry_details.sequence_details         
;MUTATIONS Q7K, L33I, L63I, C67A, C95A, HAVE BEEN MADE TO
STABILIZE THE PROTEASE FROM AUTOPROTEOLYSIS, WHILE
RETAINING ACTIVITY SIMILAR TO WILD-TYPE HIV-1 PROTEASE
;
_pdbx_entry_details.compound_details         ? 
_pdbx_entry_details.source_details           ? 
_pdbx_entry_details.nonpolymer_details       
;PEPTIDE INHIBITOR 0Q4 HAS A REDUCED PEPTIDE (-CH2-NH) INSTEAD
OF THE NORMAL PEPTIDE LINK (-CO-NH).
;
_pdbx_entry_details.has_ligand_of_interest   ? 
# 
loop_
_chem_comp_atom.comp_id 
_chem_comp_atom.atom_id 
_chem_comp_atom.type_symbol 
_chem_comp_atom.pdbx_aromatic_flag 
_chem_comp_atom.pdbx_stereo_config 
_chem_comp_atom.pdbx_ordinal 
0Q4 N    N N N 1   
0Q4 CA   C N S 2   
0Q4 C    C N N 3   
0Q4 O    O N N 4   
0Q4 CB   C N N 5   
0Q4 CG   C N N 6   
0Q4 CD   C N N 7   
0Q4 NE   N N N 8   
0Q4 CZ   C N N 9   
0Q4 NH1  N N N 10  
0Q4 NH2  N N N 11  
0Q4 N1   N N N 12  
0Q4 CA1  C N S 13  
0Q4 C1   C N N 14  
0Q4 O1   O N N 15  
0Q4 CB1  C N N 16  
0Q4 CG1  C N N 17  
0Q4 CG2  C N N 18  
0Q4 N2   N N N 19  
0Q4 CA2  C N S 20  
0Q4 C2   C N N 21  
0Q4 CB2  C N N 22  
0Q4 CG3  C N N 23  
0Q4 CD1  C N N 24  
0Q4 CD2  C N N 25  
0Q4 N3   N N N 26  
0Q4 CA3  C N S 27  
0Q4 C3   C N N 28  
0Q4 O2   O N N 29  
0Q4 CB3  C N N 30  
0Q4 CG4  C Y N 31  
0Q4 CD11 C Y N 32  
0Q4 CD21 C Y N 33  
0Q4 CE1  C Y N 34  
0Q4 CE2  C Y N 35  
0Q4 CZ1  C Y N 36  
0Q4 N4   N N N 37  
0Q4 CA4  C N S 38  
0Q4 C4   C N N 39  
0Q4 O3   O N N 40  
0Q4 CB4  C N N 41  
0Q4 CG5  C N N 42  
0Q4 CD3  C N N 43  
0Q4 OE1  O N N 44  
0Q4 OE2  O N N 45  
0Q4 N5   N N N 46  
0Q4 CA5  C N S 47  
0Q4 C5   C N N 48  
0Q4 O4   O N N 49  
0Q4 CB5  C N N 50  
0Q4 N6   N N N 51  
0Q4 CA6  C N S 52  
0Q4 C6   C N N 53  
0Q4 O5   O N N 54  
0Q4 CB6  C N N 55  
0Q4 CG6  C N N 56  
0Q4 CD4  C N N 57  
0Q4 CE   C N N 58  
0Q4 N7   N N N 59  
0Q4 H    H N N 60  
0Q4 H2   H N N 61  
0Q4 HA   H N N 62  
0Q4 HB2  H N N 63  
0Q4 HB3  H N N 64  
0Q4 HG2  H N N 65  
0Q4 HG3  H N N 66  
0Q4 HD2  H N N 67  
0Q4 HD3  H N N 68  
0Q4 HE   H N N 69  
0Q4 HH11 H N N 70  
0Q4 HH12 H N N 71  
0Q4 HH21 H N N 72  
0Q4 HH22 H N N 73  
0Q4 H1   H N N 74  
0Q4 HA1  H N N 75  
0Q4 HB   H N N 76  
0Q4 HG11 H N N 77  
0Q4 HG12 H N N 78  
0Q4 HG13 H N N 79  
0Q4 HG21 H N N 80  
0Q4 HG22 H N N 81  
0Q4 HG23 H N N 82  
0Q4 HN2  H N N 83  
0Q4 HA2  H N N 84  
0Q4 HC1  H N N 85  
0Q4 HC2  H N N 86  
0Q4 HB1  H N N 87  
0Q4 HB21 H N N 88  
0Q4 HG   H N N 89  
0Q4 HD11 H N N 90  
0Q4 HD12 H N N 91  
0Q4 HD13 H N N 92  
0Q4 HD21 H N N 93  
0Q4 HD22 H N N 94  
0Q4 HD23 H N N 95  
0Q4 H3   H N N 96  
0Q4 HA3  H N N 97  
0Q4 HB22 H N N 98  
0Q4 HB31 H N N 99  
0Q4 HD1  H N N 100 
0Q4 HD24 H N N 101 
0Q4 HE1  H N N 102 
0Q4 HE2  H N N 103 
0Q4 HZ   H N N 104 
0Q4 H4   H N N 105 
0Q4 HA4  H N N 106 
0Q4 HB23 H N N 107 
0Q4 HB32 H N N 108 
0Q4 HG24 H N N 109 
0Q4 HG31 H N N 110 
0Q4 HE21 H N N 111 
0Q4 H5   H N N 112 
0Q4 HA5  H N N 113 
0Q4 HB11 H N N 114 
0Q4 HB24 H N N 115 
0Q4 HB33 H N N 116 
0Q4 H6   H N N 117 
0Q4 HA6  H N N 118 
0Q4 HB25 H N N 119 
0Q4 HB34 H N N 120 
0Q4 HG25 H N N 121 
0Q4 HG32 H N N 122 
0Q4 HD25 H N N 123 
0Q4 HD31 H N N 124 
0Q4 HE11 H N N 125 
0Q4 HE22 H N N 126 
0Q4 HE3  H N N 127 
0Q4 HN1  H N N 128 
0Q4 HN21 H N N 129 
ALA N    N N N 130 
ALA CA   C N S 131 
ALA C    C N N 132 
ALA O    O N N 133 
ALA CB   C N N 134 
ALA OXT  O N N 135 
ALA H    H N N 136 
ALA H2   H N N 137 
ALA HA   H N N 138 
ALA HB1  H N N 139 
ALA HB2  H N N 140 
ALA HB3  H N N 141 
ALA HXT  H N N 142 
ARG N    N N N 143 
ARG CA   C N S 144 
ARG C    C N N 145 
ARG O    O N N 146 
ARG CB   C N N 147 
ARG CG   C N N 148 
ARG CD   C N N 149 
ARG NE   N N N 150 
ARG CZ   C N N 151 
ARG NH1  N N N 152 
ARG NH2  N N N 153 
ARG OXT  O N N 154 
ARG H    H N N 155 
ARG H2   H N N 156 
ARG HA   H N N 157 
ARG HB2  H N N 158 
ARG HB3  H N N 159 
ARG HG2  H N N 160 
ARG HG3  H N N 161 
ARG HD2  H N N 162 
ARG HD3  H N N 163 
ARG HE   H N N 164 
ARG HH11 H N N 165 
ARG HH12 H N N 166 
ARG HH21 H N N 167 
ARG HH22 H N N 168 
ARG HXT  H N N 169 
ASN N    N N N 170 
ASN CA   C N S 171 
ASN C    C N N 172 
ASN O    O N N 173 
ASN CB   C N N 174 
ASN CG   C N N 175 
ASN OD1  O N N 176 
ASN ND2  N N N 177 
ASN OXT  O N N 178 
ASN H    H N N 179 
ASN H2   H N N 180 
ASN HA   H N N 181 
ASN HB2  H N N 182 
ASN HB3  H N N 183 
ASN HD21 H N N 184 
ASN HD22 H N N 185 
ASN HXT  H N N 186 
ASP N    N N N 187 
ASP CA   C N S 188 
ASP C    C N N 189 
ASP O    O N N 190 
ASP CB   C N N 191 
ASP CG   C N N 192 
ASP OD1  O N N 193 
ASP OD2  O N N 194 
ASP OXT  O N N 195 
ASP H    H N N 196 
ASP H2   H N N 197 
ASP HA   H N N 198 
ASP HB2  H N N 199 
ASP HB3  H N N 200 
ASP HD2  H N N 201 
ASP HXT  H N N 202 
CYS N    N N N 203 
CYS CA   C N R 204 
CYS C    C N N 205 
CYS O    O N N 206 
CYS CB   C N N 207 
CYS SG   S N N 208 
CYS OXT  O N N 209 
CYS H    H N N 210 
CYS H2   H N N 211 
CYS HA   H N N 212 
CYS HB2  H N N 213 
CYS HB3  H N N 214 
CYS HG   H N N 215 
CYS HXT  H N N 216 
GLN N    N N N 217 
GLN CA   C N S 218 
GLN C    C N N 219 
GLN O    O N N 220 
GLN CB   C N N 221 
GLN CG   C N N 222 
GLN CD   C N N 223 
GLN OE1  O N N 224 
GLN NE2  N N N 225 
GLN OXT  O N N 226 
GLN H    H N N 227 
GLN H2   H N N 228 
GLN HA   H N N 229 
GLN HB2  H N N 230 
GLN HB3  H N N 231 
GLN HG2  H N N 232 
GLN HG3  H N N 233 
GLN HE21 H N N 234 
GLN HE22 H N N 235 
GLN HXT  H N N 236 
GLU N    N N N 237 
GLU CA   C N S 238 
GLU C    C N N 239 
GLU O    O N N 240 
GLU CB   C N N 241 
GLU CG   C N N 242 
GLU CD   C N N 243 
GLU OE1  O N N 244 
GLU OE2  O N N 245 
GLU OXT  O N N 246 
GLU H    H N N 247 
GLU H2   H N N 248 
GLU HA   H N N 249 
GLU HB2  H N N 250 
GLU HB3  H N N 251 
GLU HG2  H N N 252 
GLU HG3  H N N 253 
GLU HE2  H N N 254 
GLU HXT  H N N 255 
GLY N    N N N 256 
GLY CA   C N N 257 
GLY C    C N N 258 
GLY O    O N N 259 
GLY OXT  O N N 260 
GLY H    H N N 261 
GLY H2   H N N 262 
GLY HA2  H N N 263 
GLY HA3  H N N 264 
GLY HXT  H N N 265 
HIS N    N N N 266 
HIS CA   C N S 267 
HIS C    C N N 268 
HIS O    O N N 269 
HIS CB   C N N 270 
HIS CG   C Y N 271 
HIS ND1  N Y N 272 
HIS CD2  C Y N 273 
HIS CE1  C Y N 274 
HIS NE2  N Y N 275 
HIS OXT  O N N 276 
HIS H    H N N 277 
HIS H2   H N N 278 
HIS HA   H N N 279 
HIS HB2  H N N 280 
HIS HB3  H N N 281 
HIS HD1  H N N 282 
HIS HD2  H N N 283 
HIS HE1  H N N 284 
HIS HE2  H N N 285 
HIS HXT  H N N 286 
HOH O    O N N 287 
HOH H1   H N N 288 
HOH H2   H N N 289 
ILE N    N N N 290 
ILE CA   C N S 291 
ILE C    C N N 292 
ILE O    O N N 293 
ILE CB   C N S 294 
ILE CG1  C N N 295 
ILE CG2  C N N 296 
ILE CD1  C N N 297 
ILE OXT  O N N 298 
ILE H    H N N 299 
ILE H2   H N N 300 
ILE HA   H N N 301 
ILE HB   H N N 302 
ILE HG12 H N N 303 
ILE HG13 H N N 304 
ILE HG21 H N N 305 
ILE HG22 H N N 306 
ILE HG23 H N N 307 
ILE HD11 H N N 308 
ILE HD12 H N N 309 
ILE HD13 H N N 310 
ILE HXT  H N N 311 
LEU N    N N N 312 
LEU CA   C N S 313 
LEU C    C N N 314 
LEU O    O N N 315 
LEU CB   C N N 316 
LEU CG   C N N 317 
LEU CD1  C N N 318 
LEU CD2  C N N 319 
LEU OXT  O N N 320 
LEU H    H N N 321 
LEU H2   H N N 322 
LEU HA   H N N 323 
LEU HB2  H N N 324 
LEU HB3  H N N 325 
LEU HG   H N N 326 
LEU HD11 H N N 327 
LEU HD12 H N N 328 
LEU HD13 H N N 329 
LEU HD21 H N N 330 
LEU HD22 H N N 331 
LEU HD23 H N N 332 
LEU HXT  H N N 333 
LYS N    N N N 334 
LYS CA   C N S 335 
LYS C    C N N 336 
LYS O    O N N 337 
LYS CB   C N N 338 
LYS CG   C N N 339 
LYS CD   C N N 340 
LYS CE   C N N 341 
LYS NZ   N N N 342 
LYS OXT  O N N 343 
LYS H    H N N 344 
LYS H2   H N N 345 
LYS HA   H N N 346 
LYS HB2  H N N 347 
LYS HB3  H N N 348 
LYS HG2  H N N 349 
LYS HG3  H N N 350 
LYS HD2  H N N 351 
LYS HD3  H N N 352 
LYS HE2  H N N 353 
LYS HE3  H N N 354 
LYS HZ1  H N N 355 
LYS HZ2  H N N 356 
LYS HZ3  H N N 357 
LYS HXT  H N N 358 
MET N    N N N 359 
MET CA   C N S 360 
MET C    C N N 361 
MET O    O N N 362 
MET CB   C N N 363 
MET CG   C N N 364 
MET SD   S N N 365 
MET CE   C N N 366 
MET OXT  O N N 367 
MET H    H N N 368 
MET H2   H N N 369 
MET HA   H N N 370 
MET HB2  H N N 371 
MET HB3  H N N 372 
MET HG2  H N N 373 
MET HG3  H N N 374 
MET HE1  H N N 375 
MET HE2  H N N 376 
MET HE3  H N N 377 
MET HXT  H N N 378 
PHE N    N N N 379 
PHE CA   C N S 380 
PHE C    C N N 381 
PHE O    O N N 382 
PHE CB   C N N 383 
PHE CG   C Y N 384 
PHE CD1  C Y N 385 
PHE CD2  C Y N 386 
PHE CE1  C Y N 387 
PHE CE2  C Y N 388 
PHE CZ   C Y N 389 
PHE OXT  O N N 390 
PHE H    H N N 391 
PHE H2   H N N 392 
PHE HA   H N N 393 
PHE HB2  H N N 394 
PHE HB3  H N N 395 
PHE HD1  H N N 396 
PHE HD2  H N N 397 
PHE HE1  H N N 398 
PHE HE2  H N N 399 
PHE HZ   H N N 400 
PHE HXT  H N N 401 
PRO N    N N N 402 
PRO CA   C N S 403 
PRO C    C N N 404 
PRO O    O N N 405 
PRO CB   C N N 406 
PRO CG   C N N 407 
PRO CD   C N N 408 
PRO OXT  O N N 409 
PRO H    H N N 410 
PRO HA   H N N 411 
PRO HB2  H N N 412 
PRO HB3  H N N 413 
PRO HG2  H N N 414 
PRO HG3  H N N 415 
PRO HD2  H N N 416 
PRO HD3  H N N 417 
PRO HXT  H N N 418 
SER N    N N N 419 
SER CA   C N S 420 
SER C    C N N 421 
SER O    O N N 422 
SER CB   C N N 423 
SER OG   O N N 424 
SER OXT  O N N 425 
SER H    H N N 426 
SER H2   H N N 427 
SER HA   H N N 428 
SER HB2  H N N 429 
SER HB3  H N N 430 
SER HG   H N N 431 
SER HXT  H N N 432 
THR N    N N N 433 
THR CA   C N S 434 
THR C    C N N 435 
THR O    O N N 436 
THR CB   C N R 437 
THR OG1  O N N 438 
THR CG2  C N N 439 
THR OXT  O N N 440 
THR H    H N N 441 
THR H2   H N N 442 
THR HA   H N N 443 
THR HB   H N N 444 
THR HG1  H N N 445 
THR HG21 H N N 446 
THR HG22 H N N 447 
THR HG23 H N N 448 
THR HXT  H N N 449 
TRP N    N N N 450 
TRP CA   C N S 451 
TRP C    C N N 452 
TRP O    O N N 453 
TRP CB   C N N 454 
TRP CG   C Y N 455 
TRP CD1  C Y N 456 
TRP CD2  C Y N 457 
TRP NE1  N Y N 458 
TRP CE2  C Y N 459 
TRP CE3  C Y N 460 
TRP CZ2  C Y N 461 
TRP CZ3  C Y N 462 
TRP CH2  C Y N 463 
TRP OXT  O N N 464 
TRP H    H N N 465 
TRP H2   H N N 466 
TRP HA   H N N 467 
TRP HB2  H N N 468 
TRP HB3  H N N 469 
TRP HD1  H N N 470 
TRP HE1  H N N 471 
TRP HE3  H N N 472 
TRP HZ2  H N N 473 
TRP HZ3  H N N 474 
TRP HH2  H N N 475 
TRP HXT  H N N 476 
TYR N    N N N 477 
TYR CA   C N S 478 
TYR C    C N N 479 
TYR O    O N N 480 
TYR CB   C N N 481 
TYR CG   C Y N 482 
TYR CD1  C Y N 483 
TYR CD2  C Y N 484 
TYR CE1  C Y N 485 
TYR CE2  C Y N 486 
TYR CZ   C Y N 487 
TYR OH   O N N 488 
TYR OXT  O N N 489 
TYR H    H N N 490 
TYR H2   H N N 491 
TYR HA   H N N 492 
TYR HB2  H N N 493 
TYR HB3  H N N 494 
TYR HD1  H N N 495 
TYR HD2  H N N 496 
TYR HE1  H N N 497 
TYR HE2  H N N 498 
TYR HH   H N N 499 
TYR HXT  H N N 500 
VAL N    N N N 501 
VAL CA   C N S 502 
VAL C    C N N 503 
VAL O    O N N 504 
VAL CB   C N N 505 
VAL CG1  C N N 506 
VAL CG2  C N N 507 
VAL OXT  O N N 508 
VAL H    H N N 509 
VAL H2   H N N 510 
VAL HA   H N N 511 
VAL HB   H N N 512 
VAL HG11 H N N 513 
VAL HG12 H N N 514 
VAL HG13 H N N 515 
VAL HG21 H N N 516 
VAL HG22 H N N 517 
VAL HG23 H N N 518 
VAL HXT  H N N 519 
# 
loop_
_chem_comp_bond.comp_id 
_chem_comp_bond.atom_id_1 
_chem_comp_bond.atom_id_2 
_chem_comp_bond.value_order 
_chem_comp_bond.pdbx_aromatic_flag 
_chem_comp_bond.pdbx_stereo_config 
_chem_comp_bond.pdbx_ordinal 
0Q4 N    CA   sing N N 1   
0Q4 N    H    sing N N 2   
0Q4 N    H2   sing N N 3   
0Q4 CA   C    sing N N 4   
0Q4 CA   CB   sing N N 5   
0Q4 CA   HA   sing N N 6   
0Q4 C    O    doub N N 7   
0Q4 CB   CG   sing N N 8   
0Q4 CB   HB2  sing N N 9   
0Q4 CB   HB3  sing N N 10  
0Q4 CG   CD   sing N N 11  
0Q4 CG   HG2  sing N N 12  
0Q4 CG   HG3  sing N N 13  
0Q4 CD   NE   sing N N 14  
0Q4 CD   HD2  sing N N 15  
0Q4 CD   HD3  sing N N 16  
0Q4 NE   CZ   sing N N 17  
0Q4 NE   HE   sing N N 18  
0Q4 CZ   NH1  sing N N 19  
0Q4 CZ   NH2  doub N N 20  
0Q4 NH1  HH11 sing N N 21  
0Q4 NH1  HH12 sing N N 22  
0Q4 NH2  HH21 sing N N 23  
0Q4 NH2  HH22 sing N N 24  
0Q4 N1   CA1  sing N N 25  
0Q4 N1   H1   sing N N 26  
0Q4 CA1  C1   sing N N 27  
0Q4 CA1  CB1  sing N N 28  
0Q4 CA1  HA1  sing N N 29  
0Q4 C1   O1   doub N N 30  
0Q4 CB1  CG1  sing N N 31  
0Q4 CB1  CG2  sing N N 32  
0Q4 CB1  HB   sing N N 33  
0Q4 CG1  HG11 sing N N 34  
0Q4 CG1  HG12 sing N N 35  
0Q4 CG1  HG13 sing N N 36  
0Q4 CG2  HG21 sing N N 37  
0Q4 CG2  HG22 sing N N 38  
0Q4 CG2  HG23 sing N N 39  
0Q4 N2   CA2  sing N N 40  
0Q4 N2   HN2  sing N N 41  
0Q4 CA2  C2   sing N N 42  
0Q4 CA2  CB2  sing N N 43  
0Q4 CA2  HA2  sing N N 44  
0Q4 C2   HC1  sing N N 45  
0Q4 C2   HC2  sing N N 46  
0Q4 CB2  CG3  sing N N 47  
0Q4 CB2  HB1  sing N N 48  
0Q4 CB2  HB21 sing N N 49  
0Q4 CG3  CD1  sing N N 50  
0Q4 CG3  CD2  sing N N 51  
0Q4 CG3  HG   sing N N 52  
0Q4 CD1  HD11 sing N N 53  
0Q4 CD1  HD12 sing N N 54  
0Q4 CD1  HD13 sing N N 55  
0Q4 CD2  HD21 sing N N 56  
0Q4 CD2  HD22 sing N N 57  
0Q4 CD2  HD23 sing N N 58  
0Q4 N3   CA3  sing N N 59  
0Q4 N3   H3   sing N N 60  
0Q4 CA3  C3   sing N N 61  
0Q4 CA3  CB3  sing N N 62  
0Q4 CA3  HA3  sing N N 63  
0Q4 C3   O2   doub N N 64  
0Q4 CB3  CG4  sing N N 65  
0Q4 CB3  HB22 sing N N 66  
0Q4 CB3  HB31 sing N N 67  
0Q4 CG4  CD11 doub Y N 68  
0Q4 CG4  CD21 sing Y N 69  
0Q4 CD11 CE1  sing Y N 70  
0Q4 CD11 HD1  sing N N 71  
0Q4 CD21 CE2  doub Y N 72  
0Q4 CD21 HD24 sing N N 73  
0Q4 CE1  CZ1  doub Y N 74  
0Q4 CE1  HE1  sing N N 75  
0Q4 CE2  CZ1  sing Y N 76  
0Q4 CE2  HE2  sing N N 77  
0Q4 CZ1  HZ   sing N N 78  
0Q4 N4   CA4  sing N N 79  
0Q4 N4   H4   sing N N 80  
0Q4 CA4  C4   sing N N 81  
0Q4 CA4  CB4  sing N N 82  
0Q4 CA4  HA4  sing N N 83  
0Q4 C4   O3   doub N N 84  
0Q4 CB4  CG5  sing N N 85  
0Q4 CB4  HB23 sing N N 86  
0Q4 CB4  HB32 sing N N 87  
0Q4 CG5  CD3  sing N N 88  
0Q4 CG5  HG24 sing N N 89  
0Q4 CG5  HG31 sing N N 90  
0Q4 CD3  OE1  doub N N 91  
0Q4 CD3  OE2  sing N N 92  
0Q4 OE2  HE21 sing N N 93  
0Q4 N5   CA5  sing N N 94  
0Q4 N5   H5   sing N N 95  
0Q4 CA5  C5   sing N N 96  
0Q4 CA5  CB5  sing N N 97  
0Q4 CA5  HA5  sing N N 98  
0Q4 C5   O4   doub N N 99  
0Q4 CB5  HB11 sing N N 100 
0Q4 CB5  HB24 sing N N 101 
0Q4 CB5  HB33 sing N N 102 
0Q4 N6   CA6  sing N N 103 
0Q4 N6   H6   sing N N 104 
0Q4 CA6  C6   sing N N 105 
0Q4 CA6  CB6  sing N N 106 
0Q4 CA6  HA6  sing N N 107 
0Q4 C6   O5   doub N N 108 
0Q4 CB6  CG6  sing N N 109 
0Q4 CB6  HB25 sing N N 110 
0Q4 CB6  HB34 sing N N 111 
0Q4 CG6  CD4  sing N N 112 
0Q4 CG6  HG25 sing N N 113 
0Q4 CG6  HG32 sing N N 114 
0Q4 CD4  CE   sing N N 115 
0Q4 CD4  HD25 sing N N 116 
0Q4 CD4  HD31 sing N N 117 
0Q4 CE   HE11 sing N N 118 
0Q4 CE   HE22 sing N N 119 
0Q4 CE   HE3  sing N N 120 
0Q4 N7   HN1  sing N N 121 
0Q4 N7   HN21 sing N N 122 
0Q4 C    N1   sing N N 123 
0Q4 C1   N2   sing N N 124 
0Q4 C2   N3   sing N N 125 
0Q4 C3   N4   sing N N 126 
0Q4 C4   N5   sing N N 127 
0Q4 C5   N6   sing N N 128 
0Q4 C6   N7   sing N N 129 
ALA N    CA   sing N N 130 
ALA N    H    sing N N 131 
ALA N    H2   sing N N 132 
ALA CA   C    sing N N 133 
ALA CA   CB   sing N N 134 
ALA CA   HA   sing N N 135 
ALA C    O    doub N N 136 
ALA C    OXT  sing N N 137 
ALA CB   HB1  sing N N 138 
ALA CB   HB2  sing N N 139 
ALA CB   HB3  sing N N 140 
ALA OXT  HXT  sing N N 141 
ARG N    CA   sing N N 142 
ARG N    H    sing N N 143 
ARG N    H2   sing N N 144 
ARG CA   C    sing N N 145 
ARG CA   CB   sing N N 146 
ARG CA   HA   sing N N 147 
ARG C    O    doub N N 148 
ARG C    OXT  sing N N 149 
ARG CB   CG   sing N N 150 
ARG CB   HB2  sing N N 151 
ARG CB   HB3  sing N N 152 
ARG CG   CD   sing N N 153 
ARG CG   HG2  sing N N 154 
ARG CG   HG3  sing N N 155 
ARG CD   NE   sing N N 156 
ARG CD   HD2  sing N N 157 
ARG CD   HD3  sing N N 158 
ARG NE   CZ   sing N N 159 
ARG NE   HE   sing N N 160 
ARG CZ   NH1  sing N N 161 
ARG CZ   NH2  doub N N 162 
ARG NH1  HH11 sing N N 163 
ARG NH1  HH12 sing N N 164 
ARG NH2  HH21 sing N N 165 
ARG NH2  HH22 sing N N 166 
ARG OXT  HXT  sing N N 167 
ASN N    CA   sing N N 168 
ASN N    H    sing N N 169 
ASN N    H2   sing N N 170 
ASN CA   C    sing N N 171 
ASN CA   CB   sing N N 172 
ASN CA   HA   sing N N 173 
ASN C    O    doub N N 174 
ASN C    OXT  sing N N 175 
ASN CB   CG   sing N N 176 
ASN CB   HB2  sing N N 177 
ASN CB   HB3  sing N N 178 
ASN CG   OD1  doub N N 179 
ASN CG   ND2  sing N N 180 
ASN ND2  HD21 sing N N 181 
ASN ND2  HD22 sing N N 182 
ASN OXT  HXT  sing N N 183 
ASP N    CA   sing N N 184 
ASP N    H    sing N N 185 
ASP N    H2   sing N N 186 
ASP CA   C    sing N N 187 
ASP CA   CB   sing N N 188 
ASP CA   HA   sing N N 189 
ASP C    O    doub N N 190 
ASP C    OXT  sing N N 191 
ASP CB   CG   sing N N 192 
ASP CB   HB2  sing N N 193 
ASP CB   HB3  sing N N 194 
ASP CG   OD1  doub N N 195 
ASP CG   OD2  sing N N 196 
ASP OD2  HD2  sing N N 197 
ASP OXT  HXT  sing N N 198 
CYS N    CA   sing N N 199 
CYS N    H    sing N N 200 
CYS N    H2   sing N N 201 
CYS CA   C    sing N N 202 
CYS CA   CB   sing N N 203 
CYS CA   HA   sing N N 204 
CYS C    O    doub N N 205 
CYS C    OXT  sing N N 206 
CYS CB   SG   sing N N 207 
CYS CB   HB2  sing N N 208 
CYS CB   HB3  sing N N 209 
CYS SG   HG   sing N N 210 
CYS OXT  HXT  sing N N 211 
GLN N    CA   sing N N 212 
GLN N    H    sing N N 213 
GLN N    H2   sing N N 214 
GLN CA   C    sing N N 215 
GLN CA   CB   sing N N 216 
GLN CA   HA   sing N N 217 
GLN C    O    doub N N 218 
GLN C    OXT  sing N N 219 
GLN CB   CG   sing N N 220 
GLN CB   HB2  sing N N 221 
GLN CB   HB3  sing N N 222 
GLN CG   CD   sing N N 223 
GLN CG   HG2  sing N N 224 
GLN CG   HG3  sing N N 225 
GLN CD   OE1  doub N N 226 
GLN CD   NE2  sing N N 227 
GLN NE2  HE21 sing N N 228 
GLN NE2  HE22 sing N N 229 
GLN OXT  HXT  sing N N 230 
GLU N    CA   sing N N 231 
GLU N    H    sing N N 232 
GLU N    H2   sing N N 233 
GLU CA   C    sing N N 234 
GLU CA   CB   sing N N 235 
GLU CA   HA   sing N N 236 
GLU C    O    doub N N 237 
GLU C    OXT  sing N N 238 
GLU CB   CG   sing N N 239 
GLU CB   HB2  sing N N 240 
GLU CB   HB3  sing N N 241 
GLU CG   CD   sing N N 242 
GLU CG   HG2  sing N N 243 
GLU CG   HG3  sing N N 244 
GLU CD   OE1  doub N N 245 
GLU CD   OE2  sing N N 246 
GLU OE2  HE2  sing N N 247 
GLU OXT  HXT  sing N N 248 
GLY N    CA   sing N N 249 
GLY N    H    sing N N 250 
GLY N    H2   sing N N 251 
GLY CA   C    sing N N 252 
GLY CA   HA2  sing N N 253 
GLY CA   HA3  sing N N 254 
GLY C    O    doub N N 255 
GLY C    OXT  sing N N 256 
GLY OXT  HXT  sing N N 257 
HIS N    CA   sing N N 258 
HIS N    H    sing N N 259 
HIS N    H2   sing N N 260 
HIS CA   C    sing N N 261 
HIS CA   CB   sing N N 262 
HIS CA   HA   sing N N 263 
HIS C    O    doub N N 264 
HIS C    OXT  sing N N 265 
HIS CB   CG   sing N N 266 
HIS CB   HB2  sing N N 267 
HIS CB   HB3  sing N N 268 
HIS CG   ND1  sing Y N 269 
HIS CG   CD2  doub Y N 270 
HIS ND1  CE1  doub Y N 271 
HIS ND1  HD1  sing N N 272 
HIS CD2  NE2  sing Y N 273 
HIS CD2  HD2  sing N N 274 
HIS CE1  NE2  sing Y N 275 
HIS CE1  HE1  sing N N 276 
HIS NE2  HE2  sing N N 277 
HIS OXT  HXT  sing N N 278 
HOH O    H1   sing N N 279 
HOH O    H2   sing N N 280 
ILE N    CA   sing N N 281 
ILE N    H    sing N N 282 
ILE N    H2   sing N N 283 
ILE CA   C    sing N N 284 
ILE CA   CB   sing N N 285 
ILE CA   HA   sing N N 286 
ILE C    O    doub N N 287 
ILE C    OXT  sing N N 288 
ILE CB   CG1  sing N N 289 
ILE CB   CG2  sing N N 290 
ILE CB   HB   sing N N 291 
ILE CG1  CD1  sing N N 292 
ILE CG1  HG12 sing N N 293 
ILE CG1  HG13 sing N N 294 
ILE CG2  HG21 sing N N 295 
ILE CG2  HG22 sing N N 296 
ILE CG2  HG23 sing N N 297 
ILE CD1  HD11 sing N N 298 
ILE CD1  HD12 sing N N 299 
ILE CD1  HD13 sing N N 300 
ILE OXT  HXT  sing N N 301 
LEU N    CA   sing N N 302 
LEU N    H    sing N N 303 
LEU N    H2   sing N N 304 
LEU CA   C    sing N N 305 
LEU CA   CB   sing N N 306 
LEU CA   HA   sing N N 307 
LEU C    O    doub N N 308 
LEU C    OXT  sing N N 309 
LEU CB   CG   sing N N 310 
LEU CB   HB2  sing N N 311 
LEU CB   HB3  sing N N 312 
LEU CG   CD1  sing N N 313 
LEU CG   CD2  sing N N 314 
LEU CG   HG   sing N N 315 
LEU CD1  HD11 sing N N 316 
LEU CD1  HD12 sing N N 317 
LEU CD1  HD13 sing N N 318 
LEU CD2  HD21 sing N N 319 
LEU CD2  HD22 sing N N 320 
LEU CD2  HD23 sing N N 321 
LEU OXT  HXT  sing N N 322 
LYS N    CA   sing N N 323 
LYS N    H    sing N N 324 
LYS N    H2   sing N N 325 
LYS CA   C    sing N N 326 
LYS CA   CB   sing N N 327 
LYS CA   HA   sing N N 328 
LYS C    O    doub N N 329 
LYS C    OXT  sing N N 330 
LYS CB   CG   sing N N 331 
LYS CB   HB2  sing N N 332 
LYS CB   HB3  sing N N 333 
LYS CG   CD   sing N N 334 
LYS CG   HG2  sing N N 335 
LYS CG   HG3  sing N N 336 
LYS CD   CE   sing N N 337 
LYS CD   HD2  sing N N 338 
LYS CD   HD3  sing N N 339 
LYS CE   NZ   sing N N 340 
LYS CE   HE2  sing N N 341 
LYS CE   HE3  sing N N 342 
LYS NZ   HZ1  sing N N 343 
LYS NZ   HZ2  sing N N 344 
LYS NZ   HZ3  sing N N 345 
LYS OXT  HXT  sing N N 346 
MET N    CA   sing N N 347 
MET N    H    sing N N 348 
MET N    H2   sing N N 349 
MET CA   C    sing N N 350 
MET CA   CB   sing N N 351 
MET CA   HA   sing N N 352 
MET C    O    doub N N 353 
MET C    OXT  sing N N 354 
MET CB   CG   sing N N 355 
MET CB   HB2  sing N N 356 
MET CB   HB3  sing N N 357 
MET CG   SD   sing N N 358 
MET CG   HG2  sing N N 359 
MET CG   HG3  sing N N 360 
MET SD   CE   sing N N 361 
MET CE   HE1  sing N N 362 
MET CE   HE2  sing N N 363 
MET CE   HE3  sing N N 364 
MET OXT  HXT  sing N N 365 
PHE N    CA   sing N N 366 
PHE N    H    sing N N 367 
PHE N    H2   sing N N 368 
PHE CA   C    sing N N 369 
PHE CA   CB   sing N N 370 
PHE CA   HA   sing N N 371 
PHE C    O    doub N N 372 
PHE C    OXT  sing N N 373 
PHE CB   CG   sing N N 374 
PHE CB   HB2  sing N N 375 
PHE CB   HB3  sing N N 376 
PHE CG   CD1  doub Y N 377 
PHE CG   CD2  sing Y N 378 
PHE CD1  CE1  sing Y N 379 
PHE CD1  HD1  sing N N 380 
PHE CD2  CE2  doub Y N 381 
PHE CD2  HD2  sing N N 382 
PHE CE1  CZ   doub Y N 383 
PHE CE1  HE1  sing N N 384 
PHE CE2  CZ   sing Y N 385 
PHE CE2  HE2  sing N N 386 
PHE CZ   HZ   sing N N 387 
PHE OXT  HXT  sing N N 388 
PRO N    CA   sing N N 389 
PRO N    CD   sing N N 390 
PRO N    H    sing N N 391 
PRO CA   C    sing N N 392 
PRO CA   CB   sing N N 393 
PRO CA   HA   sing N N 394 
PRO C    O    doub N N 395 
PRO C    OXT  sing N N 396 
PRO CB   CG   sing N N 397 
PRO CB   HB2  sing N N 398 
PRO CB   HB3  sing N N 399 
PRO CG   CD   sing N N 400 
PRO CG   HG2  sing N N 401 
PRO CG   HG3  sing N N 402 
PRO CD   HD2  sing N N 403 
PRO CD   HD3  sing N N 404 
PRO OXT  HXT  sing N N 405 
SER N    CA   sing N N 406 
SER N    H    sing N N 407 
SER N    H2   sing N N 408 
SER CA   C    sing N N 409 
SER CA   CB   sing N N 410 
SER CA   HA   sing N N 411 
SER C    O    doub N N 412 
SER C    OXT  sing N N 413 
SER CB   OG   sing N N 414 
SER CB   HB2  sing N N 415 
SER CB   HB3  sing N N 416 
SER OG   HG   sing N N 417 
SER OXT  HXT  sing N N 418 
THR N    CA   sing N N 419 
THR N    H    sing N N 420 
THR N    H2   sing N N 421 
THR CA   C    sing N N 422 
THR CA   CB   sing N N 423 
THR CA   HA   sing N N 424 
THR C    O    doub N N 425 
THR C    OXT  sing N N 426 
THR CB   OG1  sing N N 427 
THR CB   CG2  sing N N 428 
THR CB   HB   sing N N 429 
THR OG1  HG1  sing N N 430 
THR CG2  HG21 sing N N 431 
THR CG2  HG22 sing N N 432 
THR CG2  HG23 sing N N 433 
THR OXT  HXT  sing N N 434 
TRP N    CA   sing N N 435 
TRP N    H    sing N N 436 
TRP N    H2   sing N N 437 
TRP CA   C    sing N N 438 
TRP CA   CB   sing N N 439 
TRP CA   HA   sing N N 440 
TRP C    O    doub N N 441 
TRP C    OXT  sing N N 442 
TRP CB   CG   sing N N 443 
TRP CB   HB2  sing N N 444 
TRP CB   HB3  sing N N 445 
TRP CG   CD1  doub Y N 446 
TRP CG   CD2  sing Y N 447 
TRP CD1  NE1  sing Y N 448 
TRP CD1  HD1  sing N N 449 
TRP CD2  CE2  doub Y N 450 
TRP CD2  CE3  sing Y N 451 
TRP NE1  CE2  sing Y N 452 
TRP NE1  HE1  sing N N 453 
TRP CE2  CZ2  sing Y N 454 
TRP CE3  CZ3  doub Y N 455 
TRP CE3  HE3  sing N N 456 
TRP CZ2  CH2  doub Y N 457 
TRP CZ2  HZ2  sing N N 458 
TRP CZ3  CH2  sing Y N 459 
TRP CZ3  HZ3  sing N N 460 
TRP CH2  HH2  sing N N 461 
TRP OXT  HXT  sing N N 462 
TYR N    CA   sing N N 463 
TYR N    H    sing N N 464 
TYR N    H2   sing N N 465 
TYR CA   C    sing N N 466 
TYR CA   CB   sing N N 467 
TYR CA   HA   sing N N 468 
TYR C    O    doub N N 469 
TYR C    OXT  sing N N 470 
TYR CB   CG   sing N N 471 
TYR CB   HB2  sing N N 472 
TYR CB   HB3  sing N N 473 
TYR CG   CD1  doub Y N 474 
TYR CG   CD2  sing Y N 475 
TYR CD1  CE1  sing Y N 476 
TYR CD1  HD1  sing N N 477 
TYR CD2  CE2  doub Y N 478 
TYR CD2  HD2  sing N N 479 
TYR CE1  CZ   doub Y N 480 
TYR CE1  HE1  sing N N 481 
TYR CE2  CZ   sing Y N 482 
TYR CE2  HE2  sing N N 483 
TYR CZ   OH   sing N N 484 
TYR OH   HH   sing N N 485 
TYR OXT  HXT  sing N N 486 
VAL N    CA   sing N N 487 
VAL N    H    sing N N 488 
VAL N    H2   sing N N 489 
VAL CA   C    sing N N 490 
VAL CA   CB   sing N N 491 
VAL CA   HA   sing N N 492 
VAL C    O    doub N N 493 
VAL C    OXT  sing N N 494 
VAL CB   CG1  sing N N 495 
VAL CB   CG2  sing N N 496 
VAL CB   HB   sing N N 497 
VAL CG1  HG11 sing N N 498 
VAL CG1  HG12 sing N N 499 
VAL CG1  HG13 sing N N 500 
VAL CG2  HG21 sing N N 501 
VAL CG2  HG22 sing N N 502 
VAL CG2  HG23 sing N N 503 
VAL OXT  HXT  sing N N 504 
# 
_atom_sites.entry_id                    1FG8 
_atom_sites.fract_transf_matrix[1][1]   -0.01316284 
_atom_sites.fract_transf_matrix[1][2]   -0.00040598 
_atom_sites.fract_transf_matrix[1][3]   -0.01440309 
_atom_sites.fract_transf_matrix[2][1]   -0.00743080 
_atom_sites.fract_transf_matrix[2][2]   0.01407315 
_atom_sites.fract_transf_matrix[2][3]   0.00639425 
_atom_sites.fract_transf_matrix[3][1]   0.00980481 
_atom_sites.fract_transf_matrix[3][2]   0.00936833 
_atom_sites.fract_transf_matrix[3][3]   -0.00922458 
_atom_sites.fract_transf_vector[1]      0.097417 
_atom_sites.fract_transf_vector[2]      0.019134 
_atom_sites.fract_transf_vector[3]      0.296644 
# 
loop_
_atom_type.symbol 
C 
N 
O 
S 
# 
loop_
_atom_site.group_PDB 
_atom_site.id 
_atom_site.type_symbol 
_atom_site.label_atom_id 
_atom_site.label_alt_id 
_atom_site.label_comp_id 
_atom_site.label_asym_id 
_atom_site.label_entity_id 
_atom_site.label_seq_id 
_atom_site.pdbx_PDB_ins_code 
_atom_site.Cartn_x 
_atom_site.Cartn_y 
_atom_site.Cartn_z 
_atom_site.occupancy 
_atom_site.B_iso_or_equiv 
_atom_site.pdbx_formal_charge 
_atom_site.auth_seq_id 
_atom_site.auth_comp_id 
_atom_site.auth_asym_id 
_atom_site.auth_atom_id 
_atom_site.pdbx_PDB_model_num 
ATOM   1    N N    . PRO A 1 1  ? -3.668  17.312  -7.587  1.00 17.63 ? 1   PRO C N    1 
ATOM   2    C CA   . PRO A 1 1  ? -3.971  17.721  -6.197  1.00 16.12 ? 1   PRO C CA   1 
ATOM   3    C C    . PRO A 1 1  ? -3.024  17.067  -5.190  1.00 14.64 ? 1   PRO C C    1 
ATOM   4    O O    . PRO A 1 1  ? -2.136  16.294  -5.564  1.00 13.03 ? 1   PRO C O    1 
ATOM   5    C CB   . PRO A 1 1  ? -5.404  17.279  -5.929  1.00 16.56 ? 1   PRO C CB   1 
ATOM   6    C CG   . PRO A 1 1  ? -5.531  16.091  -6.862  1.00 17.68 ? 1   PRO C CG   1 
ATOM   7    C CD   . PRO A 1 1  ? -4.792  16.530  -8.132  1.00 17.14 ? 1   PRO C CD   1 
ATOM   8    N N    . GLN A 1 2  ? -3.215  17.399  -3.917  1.00 14.01 ? 2   GLN C N    1 
ATOM   9    C CA   . GLN A 1 2  ? -2.413  16.834  -2.843  1.00 13.93 ? 2   GLN C CA   1 
ATOM   10   C C    . GLN A 1 2  ? -3.330  16.078  -1.884  1.00 14.07 ? 2   GLN C C    1 
ATOM   11   O O    . GLN A 1 2  ? -4.371  16.595  -1.467  1.00 13.11 ? 2   GLN C O    1 
ATOM   12   C CB   . GLN A 1 2  ? -1.667  17.925  -2.081  1.00 14.88 ? 2   GLN C CB   1 
ATOM   13   C CG   . GLN A 1 2  ? -0.826  17.387  -0.932  1.00 15.91 ? 2   GLN C CG   1 
ATOM   14   C CD   . GLN A 1 2  ? 0.011   18.458  -0.281  1.00 18.67 ? 2   GLN C CD   1 
ATOM   15   O OE1  . GLN A 1 2  ? -0.397  19.062  0.711   1.00 21.52 ? 2   GLN C OE1  1 
ATOM   16   N NE2  . GLN A 1 2  ? 1.191   18.707  -0.835  1.00 18.82 ? 2   GLN C NE2  1 
ATOM   17   N N    . ILE A 1 3  ? -2.934  14.860  -1.530  1.00 12.86 ? 3   ILE C N    1 
ATOM   18   C CA   . ILE A 1 3  ? -3.724  14.030  -0.632  1.00 12.07 ? 3   ILE C CA   1 
ATOM   19   C C    . ILE A 1 3  ? -2.929  13.700  0.621   1.00 12.21 ? 3   ILE C C    1 
ATOM   20   O O    . ILE A 1 3  ? -1.870  13.071  0.542   1.00 11.71 ? 3   ILE C O    1 
ATOM   21   C CB   . ILE A 1 3  ? -4.155  12.725  -1.337  1.00 12.13 ? 3   ILE C CB   1 
ATOM   22   C CG1  . ILE A 1 3  ? -5.016  13.061  -2.561  1.00 11.20 ? 3   ILE C CG1  1 
ATOM   23   C CG2  . ILE A 1 3  ? -4.911  11.818  -0.375  1.00 12.26 ? 3   ILE C CG2  1 
ATOM   24   C CD1  . ILE A 1 3  ? -5.370  11.870  -3.415  1.00 12.19 ? 3   ILE C CD1  1 
ATOM   25   N N    . THR A 1 4  ? -3.408  14.178  1.770   1.00 11.47 ? 4   THR C N    1 
ATOM   26   C CA   . THR A 1 4  ? -2.734  13.899  3.031   1.00 10.95 ? 4   THR C CA   1 
ATOM   27   C C    . THR A 1 4  ? -3.013  12.461  3.457   1.00 10.91 ? 4   THR C C    1 
ATOM   28   O O    . THR A 1 4  ? -3.898  11.795  2.913   1.00 11.00 ? 4   THR C O    1 
ATOM   29   C CB   . THR A 1 4  ? -3.123  14.880  4.148   1.00 11.33 ? 4   THR C CB   1 
ATOM   30   O OG1  . THR A 1 4  ? -4.544  14.861  4.344   1.00 11.91 ? 4   THR C OG1  1 
ATOM   31   C CG2  . THR A 1 4  ? -2.645  16.289  3.799   1.00 10.53 ? 4   THR C CG2  1 
ATOM   32   N N    . LEU A 1 5  ? -2.268  11.985  4.441   1.00 10.35 ? 5   LEU C N    1 
ATOM   33   C CA   . LEU A 1 5  ? -2.422  10.605  4.861   1.00 9.61  ? 5   LEU C CA   1 
ATOM   34   C C    . LEU A 1 5  ? -3.035  10.356  6.246   1.00 9.43  ? 5   LEU C C    1 
ATOM   35   O O    . LEU A 1 5  ? -2.900  9.267   6.802   1.00 8.91  ? 5   LEU C O    1 
ATOM   36   C CB   . LEU A 1 5  ? -1.075  9.897   4.691   1.00 9.67  ? 5   LEU C CB   1 
ATOM   37   C CG   . LEU A 1 5  ? -0.557  10.004  3.247   1.00 8.43  ? 5   LEU C CG   1 
ATOM   38   C CD1  . LEU A 1 5  ? 0.841   9.431   3.147   1.00 7.88  ? 5   LEU C CD1  1 
ATOM   39   C CD2  . LEU A 1 5  ? -1.516  9.283   2.282   1.00 7.41  ? 5   LEU C CD2  1 
ATOM   40   N N    . TRP A 1 6  ? -3.738  11.353  6.780   1.00 8.27  ? 6   TRP C N    1 
ATOM   41   C CA   . TRP A 1 6  ? -4.406  11.222  8.080   1.00 8.56  ? 6   TRP C CA   1 
ATOM   42   C C    . TRP A 1 6  ? -5.463  10.142  7.932   1.00 7.90  ? 6   TRP C C    1 
ATOM   43   O O    . TRP A 1 6  ? -5.701  9.356   8.845   1.00 8.83  ? 6   TRP C O    1 
ATOM   44   C CB   . TRP A 1 6  ? -5.102  12.528  8.473   1.00 8.56  ? 6   TRP C CB   1 
ATOM   45   C CG   . TRP A 1 6  ? -4.193  13.705  8.589   1.00 9.39  ? 6   TRP C CG   1 
ATOM   46   C CD1  . TRP A 1 6  ? -4.170  14.805  7.777   1.00 9.17  ? 6   TRP C CD1  1 
ATOM   47   C CD2  . TRP A 1 6  ? -3.209  13.932  9.602   1.00 10.11 ? 6   TRP C CD2  1 
ATOM   48   N NE1  . TRP A 1 6  ? -3.238  15.706  8.231   1.00 10.26 ? 6   TRP C NE1  1 
ATOM   49   C CE2  . TRP A 1 6  ? -2.633  15.197  9.350   1.00 11.12 ? 6   TRP C CE2  1 
ATOM   50   C CE3  . TRP A 1 6  ? -2.761  13.193  10.705  1.00 10.57 ? 6   TRP C CE3  1 
ATOM   51   C CZ2  . TRP A 1 6  ? -1.630  15.741  10.163  1.00 12.17 ? 6   TRP C CZ2  1 
ATOM   52   C CZ3  . TRP A 1 6  ? -1.763  13.738  11.512  1.00 12.63 ? 6   TRP C CZ3  1 
ATOM   53   C CH2  . TRP A 1 6  ? -1.211  15.000  11.235  1.00 11.57 ? 6   TRP C CH2  1 
ATOM   54   N N    . LYS A 1 7  ? -6.131  10.163  6.785   1.00 7.14  ? 7   LYS C N    1 
ATOM   55   C CA   . LYS A 1 7  ? -7.161  9.192   6.446   1.00 8.99  ? 7   LYS C CA   1 
ATOM   56   C C    . LYS A 1 7  ? -6.653  8.383   5.255   1.00 8.99  ? 7   LYS C C    1 
ATOM   57   O O    . LYS A 1 7  ? -5.687  8.774   4.602   1.00 9.63  ? 7   LYS C O    1 
ATOM   58   C CB   . LYS A 1 7  ? -8.440  9.919   6.017   1.00 11.75 ? 7   LYS C CB   1 
ATOM   59   C CG   . LYS A 1 7  ? -9.152  10.692  7.123   1.00 15.82 ? 7   LYS C CG   1 
ATOM   60   C CD   . LYS A 1 7  ? -10.005 11.819  6.547   1.00 20.50 ? 7   LYS C CD   1 
ATOM   61   C CE   . LYS A 1 7  ? -10.969 11.337  5.465   1.00 22.24 ? 7   LYS C CE   1 
ATOM   62   N NZ   . LYS A 1 7  ? -12.156 10.644  6.036   1.00 25.46 ? 7   LYS C NZ   1 
ATOM   63   N N    . ARG A 1 8  ? -7.306  7.259   4.967   1.00 9.03  ? 8   ARG C N    1 
ATOM   64   C CA   . ARG A 1 8  ? -6.933  6.439   3.818   1.00 8.30  ? 8   ARG C CA   1 
ATOM   65   C C    . ARG A 1 8  ? -7.126  7.298   2.565   1.00 7.60  ? 8   ARG C C    1 
ATOM   66   O O    . ARG A 1 8  ? -8.108  8.034   2.462   1.00 7.04  ? 8   ARG C O    1 
ATOM   67   C CB   . ARG A 1 8  ? -7.827  5.202   3.736   1.00 9.40  ? 8   ARG C CB   1 
ATOM   68   C CG   . ARG A 1 8  ? -7.685  4.288   4.917   1.00 12.02 ? 8   ARG C CG   1 
ATOM   69   C CD   . ARG A 1 8  ? -8.509  3.033   4.750   1.00 15.54 ? 8   ARG C CD   1 
ATOM   70   N NE   . ARG A 1 8  ? -8.419  2.205   5.946   1.00 17.95 ? 8   ARG C NE   1 
ATOM   71   C CZ   . ARG A 1 8  ? -8.884  0.967   6.032   1.00 21.91 ? 8   ARG C CZ   1 
ATOM   72   N NH1  . ARG A 1 8  ? -9.475  0.404   4.981   1.00 25.05 ? 8   ARG C NH1  1 
ATOM   73   N NH2  . ARG A 1 8  ? -8.762  0.296   7.172   1.00 21.10 ? 8   ARG C NH2  1 
ATOM   74   N N    . PRO A 1 9  ? -6.157  7.260   1.630   1.00 7.28  ? 9   PRO C N    1 
ATOM   75   C CA   . PRO A 1 9  ? -6.216  8.037   0.390   1.00 7.21  ? 9   PRO C CA   1 
ATOM   76   C C    . PRO A 1 9  ? -7.181  7.466   -0.636  1.00 8.02  ? 9   PRO C C    1 
ATOM   77   O O    . PRO A 1 9  ? -6.774  6.838   -1.621  1.00 7.49  ? 9   PRO C O    1 
ATOM   78   C CB   . PRO A 1 9  ? -4.771  8.006   -0.092  1.00 7.55  ? 9   PRO C CB   1 
ATOM   79   C CG   . PRO A 1 9  ? -4.306  6.651   0.357   1.00 8.52  ? 9   PRO C CG   1 
ATOM   80   C CD   . PRO A 1 9  ? -4.861  6.572   1.757   1.00 6.94  ? 9   PRO C CD   1 
ATOM   81   N N    . LEU A 1 10 ? -8.466  7.729   -0.413  1.00 8.05  ? 10  LEU C N    1 
ATOM   82   C CA   . LEU A 1 10 ? -9.518  7.242   -1.299  1.00 10.49 ? 10  LEU C CA   1 
ATOM   83   C C    . LEU A 1 10 ? -9.924  8.278   -2.336  1.00 11.32 ? 10  LEU C C    1 
ATOM   84   O O    . LEU A 1 10 ? -9.997  9.469   -2.044  1.00 12.67 ? 10  LEU C O    1 
ATOM   85   C CB   . LEU A 1 10 ? -10.760 6.839   -0.489  1.00 10.90 ? 10  LEU C CB   1 
ATOM   86   C CG   . LEU A 1 10 ? -10.603 5.767   0.594   1.00 11.87 ? 10  LEU C CG   1 
ATOM   87   C CD1  . LEU A 1 10 ? -11.847 5.770   1.494   1.00 13.42 ? 10  LEU C CD1  1 
ATOM   88   C CD2  . LEU A 1 10 ? -10.382 4.396   -0.033  1.00 12.86 ? 10  LEU C CD2  1 
ATOM   89   N N    . VAL A 1 11 ? -10.190 7.811   -3.549  1.00 10.42 ? 11  VAL C N    1 
ATOM   90   C CA   . VAL A 1 11 ? -10.621 8.684   -4.627  1.00 10.03 ? 11  VAL C CA   1 
ATOM   91   C C    . VAL A 1 11 ? -11.675 7.955   -5.435  1.00 9.76  ? 11  VAL C C    1 
ATOM   92   O O    . VAL A 1 11 ? -11.872 6.755   -5.276  1.00 10.15 ? 11  VAL C O    1 
ATOM   93   C CB   . VAL A 1 11 ? -9.460  9.051   -5.587  1.00 10.03 ? 11  VAL C CB   1 
ATOM   94   C CG1  . VAL A 1 11 ? -8.400  9.866   -4.862  1.00 11.66 ? 11  VAL C CG1  1 
ATOM   95   C CG2  . VAL A 1 11 ? -8.863  7.790   -6.197  1.00 9.97  ? 11  VAL C CG2  1 
ATOM   96   N N    . THR A 1 12 ? -12.386 8.700   -6.270  1.00 10.48 ? 12  THR C N    1 
ATOM   97   C CA   . THR A 1 12 ? -13.400 8.124   -7.138  1.00 9.45  ? 12  THR C CA   1 
ATOM   98   C C    . THR A 1 12 ? -12.707 7.723   -8.433  1.00 10.70 ? 12  THR C C    1 
ATOM   99   O O    . THR A 1 12 ? -11.823 8.433   -8.926  1.00 10.22 ? 12  THR C O    1 
ATOM   100  C CB   . THR A 1 12 ? -14.525 9.134   -7.453  1.00 9.40  ? 12  THR C CB   1 
ATOM   101  O OG1  . THR A 1 12 ? -15.151 9.538   -6.232  1.00 9.24  ? 12  THR C OG1  1 
ATOM   102  C CG2  . THR A 1 12 ? -15.577 8.522   -8.362  1.00 8.10  ? 12  THR C CG2  1 
ATOM   103  N N    . ILE A 1 13 ? -13.060 6.543   -8.932  1.00 9.87  ? 13  ILE C N    1 
ATOM   104  C CA   . ILE A 1 13 ? -12.505 6.037   -10.178 1.00 9.42  ? 13  ILE C CA   1 
ATOM   105  C C    . ILE A 1 13 ? -13.673 5.639   -11.069 1.00 10.93 ? 13  ILE C C    1 
ATOM   106  O O    . ILE A 1 13 ? -14.803 5.512   -10.601 1.00 11.03 ? 13  ILE C O    1 
ATOM   107  C CB   . ILE A 1 13 ? -11.605 4.792   -9.958  1.00 9.21  ? 13  ILE C CB   1 
ATOM   108  C CG1  . ILE A 1 13 ? -12.424 3.644   -9.352  1.00 8.12  ? 13  ILE C CG1  1 
ATOM   109  C CG2  . ILE A 1 13 ? -10.421 5.150   -9.072  1.00 7.63  ? 13  ILE C CG2  1 
ATOM   110  C CD1  . ILE A 1 13 ? -11.756 2.291   -9.424  1.00 7.46  ? 13  ILE C CD1  1 
ATOM   111  N N    . LYS A 1 14 ? -13.402 5.487   -12.358 1.00 12.09 ? 14  LYS C N    1 
ATOM   112  C CA   . LYS A 1 14 ? -14.420 5.076   -13.314 1.00 13.46 ? 14  LYS C CA   1 
ATOM   113  C C    . LYS A 1 14 ? -13.846 3.917   -14.106 1.00 11.91 ? 14  LYS C C    1 
ATOM   114  O O    . LYS A 1 14 ? -12.813 4.052   -14.757 1.00 11.67 ? 14  LYS C O    1 
ATOM   115  C CB   . LYS A 1 14 ? -14.789 6.228   -14.248 1.00 16.49 ? 14  LYS C CB   1 
ATOM   116  C CG   . LYS A 1 14 ? -15.957 5.925   -15.181 1.00 20.86 ? 14  LYS C CG   1 
ATOM   117  C CD   . LYS A 1 14 ? -16.274 7.146   -16.030 1.00 24.07 ? 14  LYS C CD   1 
ATOM   118  C CE   . LYS A 1 14 ? -17.609 7.010   -16.737 1.00 27.21 ? 14  LYS C CE   1 
ATOM   119  N NZ   . LYS A 1 14 ? -17.666 5.840   -17.665 1.00 31.58 ? 14  LYS C NZ   1 
ATOM   120  N N    . ILE A 1 15 ? -14.494 2.764   -13.996 1.00 11.99 ? 15  ILE C N    1 
ATOM   121  C CA   . ILE A 1 15 ? -14.046 1.562   -14.679 1.00 12.48 ? 15  ILE C CA   1 
ATOM   122  C C    . ILE A 1 15 ? -15.242 0.750   -15.175 1.00 13.55 ? 15  ILE C C    1 
ATOM   123  O O    . ILE A 1 15 ? -16.252 0.619   -14.475 1.00 13.60 ? 15  ILE C O    1 
ATOM   124  C CB   . ILE A 1 15 ? -13.150 0.689   -13.738 1.00 12.90 ? 15  ILE C CB   1 
ATOM   125  C CG1  . ILE A 1 15 ? -12.681 -0.575  -14.460 1.00 13.48 ? 15  ILE C CG1  1 
ATOM   126  C CG2  . ILE A 1 15 ? -13.889 0.352   -12.438 1.00 12.33 ? 15  ILE C CG2  1 
ATOM   127  C CD1  . ILE A 1 15 ? -11.771 -1.453  -13.628 1.00 14.76 ? 15  ILE C CD1  1 
ATOM   128  N N    . GLY A 1 16 ? -15.136 0.253   -16.406 1.00 13.30 ? 16  GLY C N    1 
ATOM   129  C CA   . GLY A 1 16 ? -16.203 -0.540  -16.991 1.00 14.10 ? 16  GLY C CA   1 
ATOM   130  C C    . GLY A 1 16 ? -17.540 0.174   -17.004 1.00 13.99 ? 16  GLY C C    1 
ATOM   131  O O    . GLY A 1 16 ? -18.586 -0.475  -16.974 1.00 14.33 ? 16  GLY C O    1 
ATOM   132  N N    . GLY A 1 17 ? -17.497 1.505   -17.052 1.00 12.95 ? 17  GLY C N    1 
ATOM   133  C CA   . GLY A 1 17 ? -18.706 2.311   -17.063 1.00 13.61 ? 17  GLY C CA   1 
ATOM   134  C C    . GLY A 1 17 ? -19.302 2.516   -15.683 1.00 14.06 ? 17  GLY C C    1 
ATOM   135  O O    . GLY A 1 17 ? -20.438 2.975   -15.551 1.00 13.71 ? 17  GLY C O    1 
ATOM   136  N N    . GLN A 1 18 ? -18.534 2.186   -14.648 1.00 15.04 ? 18  GLN C N    1 
ATOM   137  C CA   . GLN A 1 18 ? -19.000 2.338   -13.276 1.00 15.17 ? 18  GLN C CA   1 
ATOM   138  C C    . GLN A 1 18 ? -18.075 3.173   -12.415 1.00 14.54 ? 18  GLN C C    1 
ATOM   139  O O    . GLN A 1 18 ? -16.857 3.110   -12.556 1.00 14.26 ? 18  GLN C O    1 
ATOM   140  C CB   . GLN A 1 18 ? -19.162 0.978   -12.607 1.00 18.39 ? 18  GLN C CB   1 
ATOM   141  C CG   . GLN A 1 18 ? -20.208 0.089   -13.223 1.00 22.11 ? 18  GLN C CG   1 
ATOM   142  C CD   . GLN A 1 18 ? -20.654 -0.974  -12.257 1.00 25.78 ? 18  GLN C CD   1 
ATOM   143  O OE1  . GLN A 1 18 ? -19.842 -1.761  -11.761 1.00 26.49 ? 18  GLN C OE1  1 
ATOM   144  N NE2  . GLN A 1 18 ? -21.948 -0.986  -11.949 1.00 28.51 ? 18  GLN C NE2  1 
ATOM   145  N N    . LEU A 1 19 ? -18.673 3.942   -11.510 1.00 13.45 ? 19  LEU C N    1 
ATOM   146  C CA   . LEU A 1 19 ? -17.928 4.773   -10.580 1.00 13.50 ? 19  LEU C CA   1 
ATOM   147  C C    . LEU A 1 19 ? -17.748 4.003   -9.274  1.00 13.64 ? 19  LEU C C    1 
ATOM   148  O O    . LEU A 1 19 ? -18.705 3.444   -8.738  1.00 13.46 ? 19  LEU C O    1 
ATOM   149  C CB   . LEU A 1 19 ? -18.671 6.086   -10.299 1.00 14.60 ? 19  LEU C CB   1 
ATOM   150  C CG   . LEU A 1 19 ? -18.804 7.152   -11.389 1.00 15.07 ? 19  LEU C CG   1 
ATOM   151  C CD1  . LEU A 1 19 ? -19.328 8.423   -10.758 1.00 13.04 ? 19  LEU C CD1  1 
ATOM   152  C CD2  . LEU A 1 19 ? -17.464 7.418   -12.043 1.00 15.42 ? 19  LEU C CD2  1 
ATOM   153  N N    . LYS A 1 20 ? -16.520 3.974   -8.768  1.00 13.60 ? 20  LYS C N    1 
ATOM   154  C CA   . LYS A 1 20 ? -16.197 3.280   -7.526  1.00 13.46 ? 20  LYS C CA   1 
ATOM   155  C C    . LYS A 1 20 ? -15.236 4.132   -6.696  1.00 13.06 ? 20  LYS C C    1 
ATOM   156  O O    . LYS A 1 20 ? -14.745 5.157   -7.162  1.00 11.44 ? 20  LYS C O    1 
ATOM   157  C CB   . LYS A 1 20 ? -15.512 1.946   -7.835  1.00 14.05 ? 20  LYS C CB   1 
ATOM   158  C CG   . LYS A 1 20 ? -16.295 0.995   -8.695  1.00 15.97 ? 20  LYS C CG   1 
ATOM   159  C CD   . LYS A 1 20 ? -15.456 -0.208  -9.025  1.00 19.52 ? 20  LYS C CD   1 
ATOM   160  C CE   . LYS A 1 20 ? -16.285 -1.248  -9.738  1.00 22.76 ? 20  LYS C CE   1 
ATOM   161  N NZ   . LYS A 1 20 ? -17.450 -1.664  -8.912  1.00 24.61 ? 20  LYS C NZ   1 
ATOM   162  N N    . GLU A 1 21 ? -15.000 3.709   -5.458  1.00 12.82 ? 21  GLU C N    1 
ATOM   163  C CA   . GLU A 1 21 ? -14.067 4.387   -4.567  1.00 14.95 ? 21  GLU C CA   1 
ATOM   164  C C    . GLU A 1 21 ? -12.873 3.447   -4.453  1.00 13.51 ? 21  GLU C C    1 
ATOM   165  O O    . GLU A 1 21 ? -13.042 2.272   -4.143  1.00 13.76 ? 21  GLU C O    1 
ATOM   166  C CB   . GLU A 1 21 ? -14.670 4.606   -3.176  1.00 18.15 ? 21  GLU C CB   1 
ATOM   167  C CG   . GLU A 1 21 ? -15.861 5.562   -3.117  1.00 25.34 ? 21  GLU C CG   1 
ATOM   168  C CD   . GLU A 1 21 ? -15.495 7.020   -3.368  1.00 28.12 ? 21  GLU C CD   1 
ATOM   169  O OE1  . GLU A 1 21 ? -14.834 7.648   -2.508  1.00 31.39 ? 21  GLU C OE1  1 
ATOM   170  O OE2  . GLU A 1 21 ? -15.905 7.551   -4.420  1.00 30.82 ? 21  GLU C OE2  1 
ATOM   171  N N    . ALA A 1 22 ? -11.677 3.958   -4.729  1.00 10.33 ? 22  ALA C N    1 
ATOM   172  C CA   . ALA A 1 22 ? -10.471 3.149   -4.662  1.00 8.26  ? 22  ALA C CA   1 
ATOM   173  C C    . ALA A 1 22 ? -9.374  3.811   -3.837  1.00 7.71  ? 22  ALA C C    1 
ATOM   174  O O    . ALA A 1 22 ? -9.301  5.038   -3.732  1.00 8.80  ? 22  ALA C O    1 
ATOM   175  C CB   . ALA A 1 22 ? -9.977  2.836   -6.055  1.00 7.14  ? 22  ALA C CB   1 
ATOM   176  N N    . LEU A 1 23 ? -8.537  2.976   -3.242  1.00 6.39  ? 23  LEU C N    1 
ATOM   177  C CA   . LEU A 1 23 ? -7.444  3.414   -2.386  1.00 7.36  ? 23  LEU C CA   1 
ATOM   178  C C    . LEU A 1 23 ? -6.142  3.542   -3.169  1.00 7.70  ? 23  LEU C C    1 
ATOM   179  O O    . LEU A 1 23 ? -5.704  2.579   -3.806  1.00 6.82  ? 23  LEU C O    1 
ATOM   180  C CB   . LEU A 1 23 ? -7.259  2.378   -1.275  1.00 8.58  ? 23  LEU C CB   1 
ATOM   181  C CG   . LEU A 1 23 ? -6.129  2.494   -0.262  1.00 9.94  ? 23  LEU C CG   1 
ATOM   182  C CD1  . LEU A 1 23 ? -6.468  3.525   0.775   1.00 9.88  ? 23  LEU C CD1  1 
ATOM   183  C CD2  . LEU A 1 23 ? -5.948  1.139   0.398   1.00 11.01 ? 23  LEU C CD2  1 
ATOM   184  N N    . LEU A 1 24 ? -5.533  4.726   -3.138  1.00 7.93  ? 24  LEU C N    1 
ATOM   185  C CA   . LEU A 1 24 ? -4.257  4.935   -3.829  1.00 8.40  ? 24  LEU C CA   1 
ATOM   186  C C    . LEU A 1 24 ? -3.195  4.229   -2.993  1.00 7.85  ? 24  LEU C C    1 
ATOM   187  O O    . LEU A 1 24 ? -2.875  4.661   -1.883  1.00 8.06  ? 24  LEU C O    1 
ATOM   188  C CB   . LEU A 1 24 ? -3.951  6.422   -3.950  1.00 7.17  ? 24  LEU C CB   1 
ATOM   189  C CG   . LEU A 1 24 ? -5.004  7.210   -4.724  1.00 7.54  ? 24  LEU C CG   1 
ATOM   190  C CD1  . LEU A 1 24 ? -4.511  8.637   -4.899  1.00 7.28  ? 24  LEU C CD1  1 
ATOM   191  C CD2  . LEU A 1 24 ? -5.270  6.557   -6.081  1.00 6.32  ? 24  LEU C CD2  1 
ATOM   192  N N    . ASP A 1 25 ? -2.642  3.152   -3.549  1.00 8.00  ? 25  ASP C N    1 
ATOM   193  C CA   . ASP A 1 25 ? -1.685  2.318   -2.835  1.00 9.42  ? 25  ASP C CA   1 
ATOM   194  C C    . ASP A 1 25 ? -0.286  2.252   -3.456  1.00 9.04  ? 25  ASP C C    1 
ATOM   195  O O    . ASP A 1 25 ? -0.057  1.519   -4.416  1.00 8.77  ? 25  ASP C O    1 
ATOM   196  C CB   . ASP A 1 25 ? -2.296  0.903   -2.706  1.00 8.86  ? 25  ASP C CB   1 
ATOM   197  C CG   . ASP A 1 25 ? -1.611  0.031   -1.655  1.00 10.93 ? 25  ASP C CG   1 
ATOM   198  O OD1  . ASP A 1 25 ? -0.531  0.397   -1.159  1.00 9.24  ? 25  ASP C OD1  1 
ATOM   199  O OD2  . ASP A 1 25 ? -2.155  -1.048  -1.331  1.00 12.97 ? 25  ASP C OD2  1 
ATOM   200  N N    . THR A 1 26 ? 0.658   2.964   -2.839  1.00 9.19  ? 26  THR C N    1 
ATOM   201  C CA   . THR A 1 26 ? 2.048   2.983   -3.287  1.00 7.26  ? 26  THR C CA   1 
ATOM   202  C C    . THR A 1 26 ? 2.745   1.652   -3.002  1.00 7.69  ? 26  THR C C    1 
ATOM   203  O O    . THR A 1 26 ? 3.796   1.357   -3.573  1.00 9.84  ? 26  THR C O    1 
ATOM   204  C CB   . THR A 1 26 ? 2.847   4.125   -2.618  1.00 6.96  ? 26  THR C CB   1 
ATOM   205  O OG1  . THR A 1 26 ? 2.811   3.980   -1.193  1.00 6.85  ? 26  THR C OG1  1 
ATOM   206  C CG2  . THR A 1 26 ? 2.271   5.470   -3.008  1.00 5.05  ? 26  THR C CG2  1 
ATOM   207  N N    . GLY A 1 27 ? 2.175   0.866   -2.093  1.00 6.20  ? 27  GLY C N    1 
ATOM   208  C CA   . GLY A 1 27 ? 2.740   -0.428  -1.750  1.00 5.47  ? 27  GLY C CA   1 
ATOM   209  C C    . GLY A 1 27 ? 2.186   -1.553  -2.609  1.00 5.44  ? 27  GLY C C    1 
ATOM   210  O O    . GLY A 1 27 ? 2.456   -2.721  -2.355  1.00 6.47  ? 27  GLY C O    1 
ATOM   211  N N    . ALA A 1 28 ? 1.364   -1.199  -3.593  1.00 4.57  ? 28  ALA C N    1 
ATOM   212  C CA   . ALA A 1 28 ? 0.782   -2.174  -4.498  1.00 5.29  ? 28  ALA C CA   1 
ATOM   213  C C    . ALA A 1 28 ? 1.435   -2.029  -5.862  1.00 7.52  ? 28  ALA C C    1 
ATOM   214  O O    . ALA A 1 28 ? 1.458   -0.933  -6.432  1.00 8.02  ? 28  ALA C O    1 
ATOM   215  C CB   . ALA A 1 28 ? -0.710  -1.959  -4.622  1.00 3.82  ? 28  ALA C CB   1 
ATOM   216  N N    . ASP A 1 29 ? 1.973   -3.127  -6.382  1.00 8.52  ? 29  ASP C N    1 
ATOM   217  C CA   . ASP A 1 29 ? 2.606   -3.113  -7.703  1.00 10.71 ? 29  ASP C CA   1 
ATOM   218  C C    . ASP A 1 29 ? 1.539   -3.072  -8.782  1.00 11.28 ? 29  ASP C C    1 
ATOM   219  O O    . ASP A 1 29 ? 1.729   -2.476  -9.847  1.00 12.05 ? 29  ASP C O    1 
ATOM   220  C CB   . ASP A 1 29 ? 3.435   -4.378  -7.931  1.00 9.50  ? 29  ASP C CB   1 
ATOM   221  C CG   . ASP A 1 29 ? 4.529   -4.550  -6.923  1.00 10.31 ? 29  ASP C CG   1 
ATOM   222  O OD1  . ASP A 1 29 ? 5.067   -3.546  -6.424  1.00 11.69 ? 29  ASP C OD1  1 
ATOM   223  O OD2  . ASP A 1 29 ? 4.871   -5.710  -6.643  1.00 14.04 ? 29  ASP C OD2  1 
ATOM   224  N N    . ASP A 1 30 ? 0.423   -3.737  -8.487  1.00 11.17 ? 30  ASP C N    1 
ATOM   225  C CA   . ASP A 1 30 ? -0.701  -3.853  -9.396  1.00 10.53 ? 30  ASP C CA   1 
ATOM   226  C C    . ASP A 1 30 ? -1.956  -3.170  -8.881  1.00 10.00 ? 30  ASP C C    1 
ATOM   227  O O    . ASP A 1 30 ? -2.023  -2.746  -7.723  1.00 9.20  ? 30  ASP C O    1 
ATOM   228  C CB   . ASP A 1 30 ? -0.997  -5.334  -9.640  1.00 12.47 ? 30  ASP C CB   1 
ATOM   229  C CG   . ASP A 1 30 ? 0.248   -6.122  -9.966  1.00 13.62 ? 30  ASP C CG   1 
ATOM   230  O OD1  . ASP A 1 30 ? 0.778   -5.953  -11.080 1.00 16.66 ? 30  ASP C OD1  1 
ATOM   231  O OD2  . ASP A 1 30 ? 0.723   -6.884  -9.101  1.00 15.47 ? 30  ASP C OD2  1 
ATOM   232  N N    . THR A 1 31 ? -2.944  -3.075  -9.765  1.00 8.35  ? 31  THR C N    1 
ATOM   233  C CA   . THR A 1 31 ? -4.231  -2.472  -9.466  1.00 8.54  ? 31  THR C CA   1 
ATOM   234  C C    . THR A 1 31 ? -5.223  -3.625  -9.375  1.00 8.53  ? 31  THR C C    1 
ATOM   235  O O    . THR A 1 31 ? -5.267  -4.478  -10.256 1.00 8.21  ? 31  THR C O    1 
ATOM   236  C CB   . THR A 1 31 ? -4.641  -1.478  -10.578 1.00 7.60  ? 31  THR C CB   1 
ATOM   237  O OG1  . THR A 1 31 ? -3.786  -0.331  -10.520 1.00 7.28  ? 31  THR C OG1  1 
ATOM   238  C CG2  . THR A 1 31 ? -6.074  -1.030  -10.416 1.00 8.34  ? 31  THR C CG2  1 
ATOM   239  N N    . VAL A 1 32 ? -5.938  -3.695  -8.255  1.00 9.07  ? 32  VAL C N    1 
ATOM   240  C CA   . VAL A 1 32 ? -6.917  -4.751  -8.015  1.00 9.29  ? 32  VAL C CA   1 
ATOM   241  C C    . VAL A 1 32 ? -8.275  -4.143  -7.714  1.00 9.59  ? 32  VAL C C    1 
ATOM   242  O O    . VAL A 1 32 ? -8.435  -3.399  -6.750  1.00 8.12  ? 32  VAL C O    1 
ATOM   243  C CB   . VAL A 1 32 ? -6.521  -5.649  -6.819  1.00 9.54  ? 32  VAL C CB   1 
ATOM   244  C CG1  . VAL A 1 32 ? -7.338  -6.951  -6.838  1.00 9.70  ? 32  VAL C CG1  1 
ATOM   245  C CG2  . VAL A 1 32 ? -5.041  -5.941  -6.849  1.00 11.28 ? 32  VAL C CG2  1 
ATOM   246  N N    . ILE A 1 33 ? -9.261  -4.499  -8.529  1.00 9.33  ? 33  ILE C N    1 
ATOM   247  C CA   . ILE A 1 33 ? -10.617 -3.985  -8.376  1.00 10.14 ? 33  ILE C CA   1 
ATOM   248  C C    . ILE A 1 33 ? -11.578 -5.089  -7.935  1.00 11.14 ? 33  ILE C C    1 
ATOM   249  O O    . ILE A 1 33 ? -11.438 -6.254  -8.332  1.00 9.38  ? 33  ILE C O    1 
ATOM   250  C CB   . ILE A 1 33 ? -11.112 -3.354  -9.710  1.00 10.80 ? 33  ILE C CB   1 
ATOM   251  C CG1  . ILE A 1 33 ? -10.164 -2.223  -10.149 1.00 10.30 ? 33  ILE C CG1  1 
ATOM   252  C CG2  . ILE A 1 33 ? -12.552 -2.874  -9.584  1.00 12.05 ? 33  ILE C CG2  1 
ATOM   253  C CD1  . ILE A 1 33 ? -10.044 -1.062  -9.171  1.00 10.59 ? 33  ILE C CD1  1 
ATOM   254  N N    . GLU A 1 34 ? -12.540 -4.713  -7.097  1.00 11.29 ? 34  GLU C N    1 
ATOM   255  C CA   . GLU A 1 34 ? -13.550 -5.636  -6.598  1.00 13.63 ? 34  GLU C CA   1 
ATOM   256  C C    . GLU A 1 34 ? -14.210 -6.381  -7.757  1.00 13.51 ? 34  GLU C C    1 
ATOM   257  O O    . GLU A 1 34 ? -14.255 -5.883  -8.888  1.00 12.79 ? 34  GLU C O    1 
ATOM   258  C CB   . GLU A 1 34 ? -14.621 -4.874  -5.813  1.00 16.49 ? 34  GLU C CB   1 
ATOM   259  C CG   . GLU A 1 34 ? -15.367 -3.830  -6.651  1.00 21.75 ? 34  GLU C CG   1 
ATOM   260  C CD   . GLU A 1 34 ? -16.400 -3.051  -5.856  1.00 24.20 ? 34  GLU C CD   1 
ATOM   261  O OE1  . GLU A 1 34 ? -16.010 -2.354  -4.894  1.00 25.44 ? 34  GLU C OE1  1 
ATOM   262  O OE2  . GLU A 1 34 ? -17.602 -3.133  -6.202  1.00 27.31 ? 34  GLU C OE2  1 
ATOM   263  N N    . GLU A 1 35 ? -14.692 -7.588  -7.462  1.00 13.93 ? 35  GLU C N    1 
ATOM   264  C CA   . GLU A 1 35 ? -15.357 -8.444  -8.439  1.00 13.89 ? 35  GLU C CA   1 
ATOM   265  C C    . GLU A 1 35 ? -16.276 -7.652  -9.368  1.00 14.91 ? 35  GLU C C    1 
ATOM   266  O O    . GLU A 1 35 ? -17.224 -7.007  -8.912  1.00 14.34 ? 35  GLU C O    1 
ATOM   267  C CB   . GLU A 1 35 ? -16.147 -9.529  -7.704  1.00 12.97 ? 35  GLU C CB   1 
ATOM   268  C CG   . GLU A 1 35 ? -17.014 -10.388 -8.597  1.00 13.29 ? 35  GLU C CG   1 
ATOM   269  C CD   . GLU A 1 35 ? -16.248 -10.955 -9.765  1.00 14.37 ? 35  GLU C CD   1 
ATOM   270  O OE1  . GLU A 1 35 ? -15.131 -11.465 -9.552  1.00 14.00 ? 35  GLU C OE1  1 
ATOM   271  O OE2  . GLU A 1 35 ? -16.761 -10.876 -10.899 1.00 14.66 ? 35  GLU C OE2  1 
ATOM   272  N N    . MET A 1 36 ? -15.957 -7.689  -10.661 1.00 16.28 ? 36  MET C N    1 
ATOM   273  C CA   . MET A 1 36 ? -16.713 -6.992  -11.709 1.00 18.12 ? 36  MET C CA   1 
ATOM   274  C C    . MET A 1 36 ? -16.879 -7.873  -12.925 1.00 18.81 ? 36  MET C C    1 
ATOM   275  O O    . MET A 1 36 ? -15.953 -8.581  -13.313 1.00 19.00 ? 36  MET C O    1 
ATOM   276  C CB   . MET A 1 36 ? -15.963 -5.761  -12.203 1.00 18.17 ? 36  MET C CB   1 
ATOM   277  C CG   . MET A 1 36 ? -16.033 -4.563  -11.337 1.00 20.58 ? 36  MET C CG   1 
ATOM   278  S SD   . MET A 1 36 ? -15.246 -3.241  -12.232 1.00 19.69 ? 36  MET C SD   1 
ATOM   279  C CE   . MET A 1 36 ? -16.631 -2.603  -13.152 1.00 19.30 ? 36  MET C CE   1 
ATOM   280  N N    . SER A 1 37 ? -18.032 -7.759  -13.578 1.00 21.07 ? 37  SER C N    1 
ATOM   281  C CA   . SER A 1 37 ? -18.296 -8.535  -14.785 1.00 22.52 ? 37  SER C CA   1 
ATOM   282  C C    . SER A 1 37 ? -17.837 -7.730  -15.991 1.00 22.99 ? 37  SER C C    1 
ATOM   283  O O    . SER A 1 37 ? -18.655 -7.232  -16.769 1.00 22.04 ? 37  SER C O    1 
ATOM   284  C CB   . SER A 1 37 ? -19.785 -8.867  -14.910 1.00 23.58 ? 37  SER C CB   1 
ATOM   285  O OG   . SER A 1 37 ? -20.196 -9.737  -13.870 1.00 26.49 ? 37  SER C OG   1 
ATOM   286  N N    . LEU A 1 38 ? -16.523 -7.565  -16.108 1.00 23.96 ? 38  LEU C N    1 
ATOM   287  C CA   . LEU A 1 38 ? -15.948 -6.824  -17.225 1.00 25.42 ? 38  LEU C CA   1 
ATOM   288  C C    . LEU A 1 38 ? -15.941 -7.685  -18.474 1.00 25.52 ? 38  LEU C C    1 
ATOM   289  O O    . LEU A 1 38 ? -15.678 -8.888  -18.410 1.00 25.79 ? 38  LEU C O    1 
ATOM   290  C CB   . LEU A 1 38 ? -14.513 -6.384  -16.919 1.00 25.85 ? 38  LEU C CB   1 
ATOM   291  C CG   . LEU A 1 38 ? -14.283 -5.235  -15.940 1.00 26.92 ? 38  LEU C CG   1 
ATOM   292  C CD1  . LEU A 1 38 ? -12.779 -5.036  -15.753 1.00 27.05 ? 38  LEU C CD1  1 
ATOM   293  C CD2  . LEU A 1 38 ? -14.943 -3.954  -16.453 1.00 26.37 ? 38  LEU C CD2  1 
ATOM   294  N N    . PRO A 1 39 ? -16.284 -7.088  -19.624 1.00 26.33 ? 39  PRO C N    1 
ATOM   295  C CA   . PRO A 1 39 ? -16.297 -7.834  -20.882 1.00 26.48 ? 39  PRO C CA   1 
ATOM   296  C C    . PRO A 1 39 ? -14.886 -7.941  -21.439 1.00 26.29 ? 39  PRO C C    1 
ATOM   297  O O    . PRO A 1 39 ? -14.013 -7.136  -21.106 1.00 27.01 ? 39  PRO C O    1 
ATOM   298  C CB   . PRO A 1 39 ? -17.177 -6.968  -21.778 1.00 26.42 ? 39  PRO C CB   1 
ATOM   299  C CG   . PRO A 1 39 ? -16.851 -5.578  -21.311 1.00 27.90 ? 39  PRO C CG   1 
ATOM   300  C CD   . PRO A 1 39 ? -16.838 -5.732  -19.805 1.00 27.27 ? 39  PRO C CD   1 
ATOM   301  N N    . GLY A 1 40 ? -14.663 -8.950  -22.270 1.00 26.76 ? 40  GLY C N    1 
ATOM   302  C CA   . GLY A 1 40 ? -13.356 -9.122  -22.868 1.00 26.65 ? 40  GLY C CA   1 
ATOM   303  C C    . GLY A 1 40 ? -12.550 -10.268 -22.301 1.00 26.64 ? 40  GLY C C    1 
ATOM   304  O O    . GLY A 1 40 ? -12.966 -10.943 -21.353 1.00 25.69 ? 40  GLY C O    1 
ATOM   305  N N    . ARG A 1 41 ? -11.378 -10.466 -22.893 1.00 26.80 ? 41  ARG C N    1 
ATOM   306  C CA   . ARG A 1 41 ? -10.458 -11.519 -22.505 1.00 26.71 ? 41  ARG C CA   1 
ATOM   307  C C    . ARG A 1 41 ? -9.767  -11.266 -21.167 1.00 23.77 ? 41  ARG C C    1 
ATOM   308  O O    . ARG A 1 41 ? -9.561  -10.119 -20.756 1.00 21.72 ? 41  ARG C O    1 
ATOM   309  C CB   . ARG A 1 41 ? -9.398  -11.714 -23.597 1.00 30.96 ? 41  ARG C CB   1 
ATOM   310  C CG   . ARG A 1 41 ? -8.594  -10.451 -23.955 1.00 36.95 ? 41  ARG C CG   1 
ATOM   311  C CD   . ARG A 1 41 ? -7.122  -10.518 -23.518 1.00 41.50 ? 41  ARG C CD   1 
ATOM   312  N NE   . ARG A 1 41 ? -6.933  -10.276 -22.084 1.00 45.89 ? 41  ARG C NE   1 
ATOM   313  C CZ   . ARG A 1 41 ? -5.780  -10.436 -21.435 1.00 46.64 ? 41  ARG C CZ   1 
ATOM   314  N NH1  . ARG A 1 41 ? -4.694  -10.838 -22.082 1.00 47.14 ? 41  ARG C NH1  1 
ATOM   315  N NH2  . ARG A 1 41 ? -5.711  -10.198 -20.131 1.00 46.73 ? 41  ARG C NH2  1 
ATOM   316  N N    . TRP A 1 42 ? -9.416  -12.362 -20.500 1.00 20.30 ? 42  TRP C N    1 
ATOM   317  C CA   . TRP A 1 42 ? -8.711  -12.318 -19.232 1.00 18.39 ? 42  TRP C CA   1 
ATOM   318  C C    . TRP A 1 42 ? -7.909  -13.606 -19.026 1.00 17.75 ? 42  TRP C C    1 
ATOM   319  O O    . TRP A 1 42 ? -8.098  -14.604 -19.726 1.00 16.16 ? 42  TRP C O    1 
ATOM   320  C CB   . TRP A 1 42 ? -9.681  -12.093 -18.064 1.00 18.63 ? 42  TRP C CB   1 
ATOM   321  C CG   . TRP A 1 42 ? -10.711 -13.180 -17.875 1.00 19.38 ? 42  TRP C CG   1 
ATOM   322  C CD1  . TRP A 1 42 ? -11.961 -13.231 -18.424 1.00 20.55 ? 42  TRP C CD1  1 
ATOM   323  C CD2  . TRP A 1 42 ? -10.576 -14.364 -17.083 1.00 19.79 ? 42  TRP C CD2  1 
ATOM   324  N NE1  . TRP A 1 42 ? -12.610 -14.368 -18.023 1.00 20.57 ? 42  TRP C NE1  1 
ATOM   325  C CE2  . TRP A 1 42 ? -11.783 -15.083 -17.198 1.00 20.10 ? 42  TRP C CE2  1 
ATOM   326  C CE3  . TRP A 1 42 ? -9.551  -14.886 -16.284 1.00 19.52 ? 42  TRP C CE3  1 
ATOM   327  C CZ2  . TRP A 1 42 ? -11.995 -16.299 -16.544 1.00 20.47 ? 42  TRP C CZ2  1 
ATOM   328  C CZ3  . TRP A 1 42 ? -9.763  -16.094 -15.632 1.00 20.22 ? 42  TRP C CZ3  1 
ATOM   329  C CH2  . TRP A 1 42 ? -10.977 -16.787 -15.766 1.00 19.51 ? 42  TRP C CH2  1 
ATOM   330  N N    . LYS A 1 43 ? -6.988  -13.564 -18.075 1.00 17.32 ? 43  LYS C N    1 
ATOM   331  C CA   . LYS A 1 43 ? -6.168  -14.717 -17.763 1.00 15.99 ? 43  LYS C CA   1 
ATOM   332  C C    . LYS A 1 43 ? -6.059  -14.815 -16.252 1.00 14.40 ? 43  LYS C C    1 
ATOM   333  O O    . LYS A 1 43 ? -6.055  -13.806 -15.556 1.00 13.73 ? 43  LYS C O    1 
ATOM   334  C CB   . LYS A 1 43 ? -4.784  -14.594 -18.418 1.00 18.29 ? 43  LYS C CB   1 
ATOM   335  C CG   . LYS A 1 43 ? -4.006  -13.327 -18.080 1.00 22.32 ? 43  LYS C CG   1 
ATOM   336  C CD   . LYS A 1 43 ? -2.771  -13.153 -18.981 1.00 26.37 ? 43  LYS C CD   1 
ATOM   337  C CE   . LYS A 1 43 ? -1.761  -14.285 -18.798 1.00 28.59 ? 43  LYS C CE   1 
ATOM   338  N NZ   . LYS A 1 43 ? -0.483  -14.059 -19.542 1.00 30.98 ? 43  LYS C NZ   1 
ATOM   339  N N    . PRO A 1 44 ? -6.054  -16.045 -15.725 1.00 13.49 ? 44  PRO C N    1 
ATOM   340  C CA   . PRO A 1 44 ? -5.953  -16.304 -14.286 1.00 12.61 ? 44  PRO C CA   1 
ATOM   341  C C    . PRO A 1 44 ? -4.625  -15.811 -13.716 1.00 11.30 ? 44  PRO C C    1 
ATOM   342  O O    . PRO A 1 44 ? -3.573  -15.953 -14.338 1.00 12.87 ? 44  PRO C O    1 
ATOM   343  C CB   . PRO A 1 44 ? -6.031  -17.831 -14.208 1.00 11.69 ? 44  PRO C CB   1 
ATOM   344  C CG   . PRO A 1 44 ? -6.777  -18.210 -15.435 1.00 12.93 ? 44  PRO C CG   1 
ATOM   345  C CD   . PRO A 1 44 ? -6.182  -17.308 -16.470 1.00 12.93 ? 44  PRO C CD   1 
ATOM   346  N N    . LYS A 1 45 ? -4.679  -15.268 -12.513 1.00 10.87 ? 45  LYS C N    1 
ATOM   347  C CA   . LYS A 1 45 ? -3.489  -14.775 -11.846 1.00 10.95 ? 45  LYS C CA   1 
ATOM   348  C C    . LYS A 1 45 ? -3.660  -14.916 -10.335 1.00 10.00 ? 45  LYS C C    1 
ATOM   349  O O    . LYS A 1 45 ? -4.771  -15.066 -9.829  1.00 8.31  ? 45  LYS C O    1 
ATOM   350  C CB   . LYS A 1 45 ? -3.258  -13.308 -12.222 1.00 13.11 ? 45  LYS C CB   1 
ATOM   351  C CG   . LYS A 1 45 ? -1.941  -12.721 -11.750 1.00 17.67 ? 45  LYS C CG   1 
ATOM   352  C CD   . LYS A 1 45 ? -1.784  -11.299 -12.259 1.00 20.69 ? 45  LYS C CD   1 
ATOM   353  C CE   . LYS A 1 45 ? -0.393  -10.749 -11.989 1.00 21.16 ? 45  LYS C CE   1 
ATOM   354  N NZ   . LYS A 1 45 ? -0.229  -9.407  -12.625 1.00 24.80 ? 45  LYS C NZ   1 
ATOM   355  N N    . MET A 1 46 ? -2.538  -14.911 -9.630  1.00 9.94  ? 46  MET C N    1 
ATOM   356  C CA   . MET A 1 46 ? -2.520  -15.006 -8.178  1.00 10.99 ? 46  MET C CA   1 
ATOM   357  C C    . MET A 1 46 ? -1.725  -13.820 -7.659  1.00 10.00 ? 46  MET C C    1 
ATOM   358  O O    . MET A 1 46 ? -0.606  -13.584 -8.108  1.00 11.14 ? 46  MET C O    1 
ATOM   359  C CB   . MET A 1 46 ? -1.829  -16.303 -7.738  1.00 13.30 ? 46  MET C CB   1 
ATOM   360  C CG   . MET A 1 46 ? -2.648  -17.564 -7.950  1.00 16.09 ? 46  MET C CG   1 
ATOM   361  S SD   . MET A 1 46 ? -3.886  -17.745 -6.694  1.00 20.93 ? 46  MET C SD   1 
ATOM   362  C CE   . MET A 1 46 ? -2.941  -18.616 -5.449  1.00 18.87 ? 46  MET C CE   1 
ATOM   363  N N    . ILE A 1 47 ? -2.323  -13.032 -6.772  1.00 9.75  ? 47  ILE C N    1 
ATOM   364  C CA   . ILE A 1 47 ? -1.621  -11.889 -6.193  1.00 9.45  ? 47  ILE C CA   1 
ATOM   365  C C    . ILE A 1 47 ? -1.556  -12.063 -4.681  1.00 10.08 ? 47  ILE C C    1 
ATOM   366  O O    . ILE A 1 47 ? -2.490  -12.577 -4.055  1.00 9.15  ? 47  ILE C O    1 
ATOM   367  C CB   . ILE A 1 47 ? -2.285  -10.536 -6.538  1.00 10.63 ? 47  ILE C CB   1 
ATOM   368  C CG1  . ILE A 1 47 ? -3.759  -10.546 -6.140  1.00 10.16 ? 47  ILE C CG1  1 
ATOM   369  C CG2  . ILE A 1 47 ? -2.118  -10.241 -8.009  1.00 10.56 ? 47  ILE C CG2  1 
ATOM   370  C CD1  . ILE A 1 47 ? -4.394  -9.200  -6.173  1.00 14.06 ? 47  ILE C CD1  1 
ATOM   371  N N    . GLY A 1 48 ? -0.440  -11.649 -4.103  1.00 9.72  ? 48  GLY C N    1 
ATOM   372  C CA   . GLY A 1 48 ? -0.262  -11.796 -2.677  1.00 10.20 ? 48  GLY C CA   1 
ATOM   373  C C    . GLY A 1 48 ? -0.070  -10.507 -1.926  1.00 10.88 ? 48  GLY C C    1 
ATOM   374  O O    . GLY A 1 48 ? 0.244   -9.453  -2.500  1.00 9.80  ? 48  GLY C O    1 
ATOM   375  N N    . GLY A 1 49 ? -0.257  -10.620 -0.620  1.00 11.89 ? 49  GLY C N    1 
ATOM   376  C CA   . GLY A 1 49 ? -0.107  -9.487  0.268   1.00 14.02 ? 49  GLY C CA   1 
ATOM   377  C C    . GLY A 1 49 ? 0.171   -9.992  1.662   1.00 15.34 ? 49  GLY C C    1 
ATOM   378  O O    . GLY A 1 49 ? 0.695   -11.086 1.834   1.00 17.46 ? 49  GLY C O    1 
ATOM   379  N N    . ILE A 1 50 ? -0.222  -9.212  2.657   1.00 17.34 ? 50  ILE C N    1 
ATOM   380  C CA   . ILE A 1 50 ? -0.020  -9.548  4.068   1.00 20.20 ? 50  ILE C CA   1 
ATOM   381  C C    . ILE A 1 50 ? -0.371  -10.974 4.524   1.00 20.64 ? 50  ILE C C    1 
ATOM   382  O O    . ILE A 1 50 ? 0.506   -11.712 4.989   1.00 24.23 ? 50  ILE C O    1 
ATOM   383  C CB   . ILE A 1 50 ? -0.733  -8.497  4.984   1.00 20.88 ? 50  ILE C CB   1 
ATOM   384  C CG1  . ILE A 1 50 ? 0.071   -7.196  4.992   1.00 22.72 ? 50  ILE C CG1  1 
ATOM   385  C CG2  . ILE A 1 50 ? -0.905  -9.013  6.409   1.00 21.80 ? 50  ILE C CG2  1 
ATOM   386  C CD1  . ILE A 1 50 ? 1.483   -7.357  5.503   1.00 22.76 ? 50  ILE C CD1  1 
ATOM   387  N N    . GLY A 1 51 ? -1.633  -11.373 4.367   1.00 19.01 ? 51  GLY C N    1 
ATOM   388  C CA   . GLY A 1 51 ? -2.042  -12.690 4.821   1.00 16.73 ? 51  GLY C CA   1 
ATOM   389  C C    . GLY A 1 51 ? -2.099  -13.835 3.831   1.00 16.42 ? 51  GLY C C    1 
ATOM   390  O O    . GLY A 1 51 ? -2.618  -14.900 4.160   1.00 17.89 ? 51  GLY C O    1 
ATOM   391  N N    . GLY A 1 52 ? -1.568  -13.643 2.630   1.00 13.82 ? 52  GLY C N    1 
ATOM   392  C CA   . GLY A 1 52 ? -1.599  -14.710 1.655   1.00 11.56 ? 52  GLY C CA   1 
ATOM   393  C C    . GLY A 1 52 ? -1.934  -14.241 0.258   1.00 10.72 ? 52  GLY C C    1 
ATOM   394  O O    . GLY A 1 52 ? -1.790  -13.061 -0.072  1.00 9.15  ? 52  GLY C O    1 
ATOM   395  N N    . PHE A 1 53 ? -2.422  -15.166 -0.559  1.00 10.94 ? 53  PHE C N    1 
ATOM   396  C CA   . PHE A 1 53 ? -2.762  -14.869 -1.949  1.00 11.61 ? 53  PHE C CA   1 
ATOM   397  C C    . PHE A 1 53 ? -4.240  -14.967 -2.232  1.00 12.59 ? 53  PHE C C    1 
ATOM   398  O O    . PHE A 1 53 ? -4.984  -15.598 -1.478  1.00 14.15 ? 53  PHE C O    1 
ATOM   399  C CB   . PHE A 1 53 ? -2.041  -15.842 -2.895  1.00 10.11 ? 53  PHE C CB   1 
ATOM   400  C CG   . PHE A 1 53 ? -0.563  -15.623 -2.986  1.00 9.00  ? 53  PHE C CG   1 
ATOM   401  C CD1  . PHE A 1 53 ? 0.267   -15.913 -1.910  1.00 9.00  ? 53  PHE C CD1  1 
ATOM   402  C CD2  . PHE A 1 53 ? -0.004  -15.089 -4.134  1.00 8.38  ? 53  PHE C CD2  1 
ATOM   403  C CE1  . PHE A 1 53 ? 1.633   -15.667 -1.978  1.00 8.32  ? 53  PHE C CE1  1 
ATOM   404  C CE2  . PHE A 1 53 ? 1.360   -14.841 -4.210  1.00 9.26  ? 53  PHE C CE2  1 
ATOM   405  C CZ   . PHE A 1 53 ? 2.176   -15.129 -3.130  1.00 9.23  ? 53  PHE C CZ   1 
ATOM   406  N N    . ILE A 1 54 ? -4.666  -14.308 -3.307  1.00 11.99 ? 54  ILE C N    1 
ATOM   407  C CA   . ILE A 1 54 ? -6.053  -14.377 -3.756  1.00 12.85 ? 54  ILE C CA   1 
ATOM   408  C C    . ILE A 1 54 ? -6.047  -14.571 -5.265  1.00 13.01 ? 54  ILE C C    1 
ATOM   409  O O    . ILE A 1 54 ? -5.126  -14.122 -5.957  1.00 10.64 ? 54  ILE C O    1 
ATOM   410  C CB   . ILE A 1 54 ? -6.899  -13.128 -3.414  1.00 14.05 ? 54  ILE C CB   1 
ATOM   411  C CG1  . ILE A 1 54 ? -6.366  -11.897 -4.137  1.00 13.95 ? 54  ILE C CG1  1 
ATOM   412  C CG2  . ILE A 1 54 ? -6.963  -12.931 -1.896  1.00 15.22 ? 54  ILE C CG2  1 
ATOM   413  C CD1  . ILE A 1 54 ? -7.355  -10.747 -4.173  1.00 18.35 ? 54  ILE C CD1  1 
ATOM   414  N N    . LYS A 1 55 ? -7.055  -15.288 -5.752  1.00 11.81 ? 55  LYS C N    1 
ATOM   415  C CA   . LYS A 1 55 ? -7.208  -15.586 -7.172  1.00 12.78 ? 55  LYS C CA   1 
ATOM   416  C C    . LYS A 1 55 ? -7.884  -14.404 -7.854  1.00 11.93 ? 55  LYS C C    1 
ATOM   417  O O    . LYS A 1 55 ? -8.918  -13.930 -7.391  1.00 11.47 ? 55  LYS C O    1 
ATOM   418  C CB   . LYS A 1 55 ? -8.081  -16.828 -7.324  1.00 14.25 ? 55  LYS C CB   1 
ATOM   419  C CG   . LYS A 1 55 ? -7.605  -17.828 -8.347  1.00 20.26 ? 55  LYS C CG   1 
ATOM   420  C CD   . LYS A 1 55 ? -8.108  -19.216 -7.973  1.00 22.12 ? 55  LYS C CD   1 
ATOM   421  C CE   . LYS A 1 55 ? -7.629  -19.600 -6.572  1.00 23.08 ? 55  LYS C CE   1 
ATOM   422  N NZ   . LYS A 1 55 ? -8.077  -20.954 -6.143  1.00 24.12 ? 55  LYS C NZ   1 
ATOM   423  N N    . VAL A 1 56 ? -7.304  -13.934 -8.953  1.00 11.59 ? 56  VAL C N    1 
ATOM   424  C CA   . VAL A 1 56 ? -7.863  -12.796 -9.675  1.00 10.84 ? 56  VAL C CA   1 
ATOM   425  C C    . VAL A 1 56 ? -7.876  -13.015 -11.184 1.00 11.56 ? 56  VAL C C    1 
ATOM   426  O O    . VAL A 1 56 ? -7.235  -13.930 -11.687 1.00 12.21 ? 56  VAL C O    1 
ATOM   427  C CB   . VAL A 1 56 ? -7.080  -11.486 -9.370  1.00 11.32 ? 56  VAL C CB   1 
ATOM   428  C CG1  . VAL A 1 56 ? -7.211  -11.106 -7.891  1.00 10.04 ? 56  VAL C CG1  1 
ATOM   429  C CG2  . VAL A 1 56 ? -5.608  -11.641 -9.754  1.00 10.10 ? 56  VAL C CG2  1 
ATOM   430  N N    . ARG A 1 57 ? -8.649  -12.195 -11.893 1.00 11.57 ? 57  ARG C N    1 
ATOM   431  C CA   . ARG A 1 57 ? -8.727  -12.270 -13.349 1.00 11.50 ? 57  ARG C CA   1 
ATOM   432  C C    . ARG A 1 57 ? -8.024  -11.044 -13.912 1.00 11.19 ? 57  ARG C C    1 
ATOM   433  O O    . ARG A 1 57 ? -8.396  -9.911  -13.604 1.00 10.94 ? 57  ARG C O    1 
ATOM   434  C CB   . ARG A 1 57 ? -10.180 -12.281 -13.830 1.00 12.13 ? 57  ARG C CB   1 
ATOM   435  C CG   . ARG A 1 57 ? -11.005 -13.455 -13.337 1.00 12.76 ? 57  ARG C CG   1 
ATOM   436  C CD   . ARG A 1 57 ? -12.327 -13.562 -14.110 1.00 14.59 ? 57  ARG C CD   1 
ATOM   437  N NE   . ARG A 1 57 ? -13.127 -12.336 -14.078 1.00 14.78 ? 57  ARG C NE   1 
ATOM   438  C CZ   . ARG A 1 57 ? -13.850 -11.932 -13.036 1.00 14.83 ? 57  ARG C CZ   1 
ATOM   439  N NH1  . ARG A 1 57 ? -13.886 -12.653 -11.922 1.00 14.84 ? 57  ARG C NH1  1 
ATOM   440  N NH2  . ARG A 1 57 ? -14.521 -10.789 -13.106 1.00 13.69 ? 57  ARG C NH2  1 
ATOM   441  N N    . GLN A 1 58 ? -7.013  -11.279 -14.739 1.00 11.39 ? 58  GLN C N    1 
ATOM   442  C CA   . GLN A 1 58 ? -6.241  -10.202 -15.337 1.00 11.91 ? 58  GLN C CA   1 
ATOM   443  C C    . GLN A 1 58 ? -6.779  -9.747  -16.684 1.00 12.79 ? 58  GLN C C    1 
ATOM   444  O O    . GLN A 1 58 ? -6.819  -10.510 -17.644 1.00 13.21 ? 58  GLN C O    1 
ATOM   445  C CB   . GLN A 1 58 ? -4.787  -10.630 -15.488 1.00 12.61 ? 58  GLN C CB   1 
ATOM   446  C CG   . GLN A 1 58 ? -3.913  -9.588  -16.144 1.00 14.52 ? 58  GLN C CG   1 
ATOM   447  C CD   . GLN A 1 58 ? -2.528  -10.104 -16.426 1.00 16.88 ? 58  GLN C CD   1 
ATOM   448  O OE1  . GLN A 1 58 ? -1.936  -10.804 -15.606 1.00 19.41 ? 58  GLN C OE1  1 
ATOM   449  N NE2  . GLN A 1 58 ? -2.005  -9.780  -17.600 1.00 20.30 ? 58  GLN C NE2  1 
ATOM   450  N N    . TYR A 1 59 ? -7.207  -8.493  -16.735 1.00 14.19 ? 59  TYR C N    1 
ATOM   451  C CA   . TYR A 1 59 ? -7.727  -7.886  -17.953 1.00 15.33 ? 59  TYR C CA   1 
ATOM   452  C C    . TYR A 1 59 ? -6.701  -6.848  -18.378 1.00 15.75 ? 59  TYR C C    1 
ATOM   453  O O    . TYR A 1 59 ? -6.340  -5.983  -17.593 1.00 15.79 ? 59  TYR C O    1 
ATOM   454  C CB   . TYR A 1 59 ? -9.057  -7.173  -17.683 1.00 15.07 ? 59  TYR C CB   1 
ATOM   455  C CG   . TYR A 1 59 ? -10.212 -8.078  -17.343 1.00 15.68 ? 59  TYR C CG   1 
ATOM   456  C CD1  . TYR A 1 59 ? -10.439 -8.485  -16.030 1.00 16.23 ? 59  TYR C CD1  1 
ATOM   457  C CD2  . TYR A 1 59 ? -11.096 -8.509  -18.333 1.00 16.50 ? 59  TYR C CD2  1 
ATOM   458  C CE1  . TYR A 1 59 ? -11.520 -9.299  -15.707 1.00 16.30 ? 59  TYR C CE1  1 
ATOM   459  C CE2  . TYR A 1 59 ? -12.179 -9.326  -18.024 1.00 16.93 ? 59  TYR C CE2  1 
ATOM   460  C CZ   . TYR A 1 59 ? -12.385 -9.716  -16.709 1.00 18.02 ? 59  TYR C CZ   1 
ATOM   461  O OH   . TYR A 1 59 ? -13.457 -10.523 -16.397 1.00 20.19 ? 59  TYR C OH   1 
ATOM   462  N N    . ASP A 1 60 ? -6.210  -6.952  -19.604 1.00 18.15 ? 60  ASP C N    1 
ATOM   463  C CA   . ASP A 1 60 ? -5.232  -5.994  -20.104 1.00 21.33 ? 60  ASP C CA   1 
ATOM   464  C C    . ASP A 1 60 ? -5.917  -4.836  -20.823 1.00 20.98 ? 60  ASP C C    1 
ATOM   465  O O    . ASP A 1 60 ? -7.081  -4.930  -21.204 1.00 21.13 ? 60  ASP C O    1 
ATOM   466  C CB   . ASP A 1 60 ? -4.243  -6.679  -21.060 1.00 25.27 ? 60  ASP C CB   1 
ATOM   467  C CG   . ASP A 1 60 ? -3.346  -7.690  -20.359 1.00 28.10 ? 60  ASP C CG   1 
ATOM   468  O OD1  . ASP A 1 60 ? -3.018  -7.476  -19.173 1.00 30.00 ? 60  ASP C OD1  1 
ATOM   469  O OD2  . ASP A 1 60 ? -2.954  -8.689  -21.001 1.00 30.26 ? 60  ASP C OD2  1 
ATOM   470  N N    . GLN A 1 61 ? -5.188  -3.737  -20.983 1.00 21.54 ? 61  GLN C N    1 
ATOM   471  C CA   . GLN A 1 61 ? -5.691  -2.555  -21.677 1.00 21.77 ? 61  GLN C CA   1 
ATOM   472  C C    . GLN A 1 61 ? -7.037  -2.044  -21.174 1.00 21.15 ? 61  GLN C C    1 
ATOM   473  O O    . GLN A 1 61 ? -7.946  -1.766  -21.960 1.00 21.26 ? 61  GLN C O    1 
ATOM   474  C CB   . GLN A 1 61 ? -5.768  -2.831  -23.179 1.00 23.39 ? 61  GLN C CB   1 
ATOM   475  C CG   . GLN A 1 61 ? -4.425  -3.042  -23.835 1.00 26.80 ? 61  GLN C CG   1 
ATOM   476  C CD   . GLN A 1 61 ? -3.618  -1.768  -23.889 1.00 29.43 ? 61  GLN C CD   1 
ATOM   477  O OE1  . GLN A 1 61 ? -3.761  -0.973  -24.821 1.00 31.76 ? 61  GLN C OE1  1 
ATOM   478  N NE2  . GLN A 1 61 ? -2.779  -1.549  -22.878 1.00 30.06 ? 61  GLN C NE2  1 
ATOM   479  N N    . ILE A 1 62 ? -7.169  -1.943  -19.859 1.00 19.98 ? 62  ILE C N    1 
ATOM   480  C CA   . ILE A 1 62 ? -8.405  -1.453  -19.274 1.00 19.12 ? 62  ILE C CA   1 
ATOM   481  C C    . ILE A 1 62 ? -8.270  0.040   -19.039 1.00 18.83 ? 62  ILE C C    1 
ATOM   482  O O    . ILE A 1 62 ? -7.269  0.507   -18.498 1.00 18.57 ? 62  ILE C O    1 
ATOM   483  C CB   . ILE A 1 62 ? -8.751  -2.172  -17.941 1.00 17.94 ? 62  ILE C CB   1 
ATOM   484  C CG1  . ILE A 1 62 ? -8.945  -3.671  -18.186 1.00 17.57 ? 62  ILE C CG1  1 
ATOM   485  C CG2  . ILE A 1 62 ? -10.030 -1.583  -17.327 1.00 17.82 ? 62  ILE C CG2  1 
ATOM   486  C CD1  . ILE A 1 62 ? -10.037 -4.004  -19.192 1.00 15.62 ? 62  ILE C CD1  1 
ATOM   487  N N    . ILE A 1 63 ? -9.267  0.780   -19.507 1.00 18.97 ? 63  ILE C N    1 
ATOM   488  C CA   . ILE A 1 63 ? -9.301  2.226   -19.351 1.00 20.19 ? 63  ILE C CA   1 
ATOM   489  C C    . ILE A 1 63 ? -9.917  2.572   -17.997 1.00 19.46 ? 63  ILE C C    1 
ATOM   490  O O    . ILE A 1 63 ? -11.034 2.154   -17.693 1.00 19.27 ? 63  ILE C O    1 
ATOM   491  C CB   . ILE A 1 63 ? -10.167 2.882   -20.444 1.00 21.31 ? 63  ILE C CB   1 
ATOM   492  C CG1  . ILE A 1 63 ? -9.714  2.427   -21.833 1.00 23.45 ? 63  ILE C CG1  1 
ATOM   493  C CG2  . ILE A 1 63 ? -10.095 4.394   -20.329 1.00 22.56 ? 63  ILE C CG2  1 
ATOM   494  C CD1  . ILE A 1 63 ? -10.645 2.864   -22.950 1.00 26.25 ? 63  ILE C CD1  1 
ATOM   495  N N    . ILE A 1 64 ? -9.174  3.310   -17.181 1.00 18.75 ? 64  ILE C N    1 
ATOM   496  C CA   . ILE A 1 64 ? -9.653  3.743   -15.873 1.00 18.37 ? 64  ILE C CA   1 
ATOM   497  C C    . ILE A 1 64 ? -9.371  5.227   -15.736 1.00 17.69 ? 64  ILE C C    1 
ATOM   498  O O    . ILE A 1 64 ? -8.344  5.727   -16.197 1.00 18.39 ? 64  ILE C O    1 
ATOM   499  C CB   . ILE A 1 64 ? -8.922  3.055   -14.682 1.00 18.88 ? 64  ILE C CB   1 
ATOM   500  C CG1  . ILE A 1 64 ? -9.155  1.550   -14.674 1.00 22.02 ? 64  ILE C CG1  1 
ATOM   501  C CG2  . ILE A 1 64 ? -9.441  3.603   -13.345 1.00 18.09 ? 64  ILE C CG2  1 
ATOM   502  C CD1  . ILE A 1 64 ? -8.682  0.887   -13.375 1.00 21.20 ? 64  ILE C CD1  1 
ATOM   503  N N    . GLU A 1 65 ? -10.307 5.936   -15.125 1.00 16.22 ? 65  GLU C N    1 
ATOM   504  C CA   . GLU A 1 65 ? -10.126 7.351   -14.876 1.00 15.68 ? 65  GLU C CA   1 
ATOM   505  C C    . GLU A 1 65 ? -9.969  7.407   -13.354 1.00 14.76 ? 65  GLU C C    1 
ATOM   506  O O    . GLU A 1 65 ? -10.807 6.887   -12.623 1.00 15.08 ? 65  GLU C O    1 
ATOM   507  C CB   . GLU A 1 65 ? -11.348 8.129   -15.343 1.00 16.85 ? 65  GLU C CB   1 
ATOM   508  C CG   . GLU A 1 65 ? -11.101 9.603   -15.550 1.00 19.03 ? 65  GLU C CG   1 
ATOM   509  C CD   . GLU A 1 65 ? -12.311 10.291  -16.119 1.00 21.14 ? 65  GLU C CD   1 
ATOM   510  O OE1  . GLU A 1 65 ? -12.510 10.217  -17.349 1.00 24.34 ? 65  GLU C OE1  1 
ATOM   511  O OE2  . GLU A 1 65 ? -13.083 10.875  -15.335 1.00 23.57 ? 65  GLU C OE2  1 
ATOM   512  N N    . ILE A 1 66 ? -8.843  7.939   -12.895 1.00 12.63 ? 66  ILE C N    1 
ATOM   513  C CA   . ILE A 1 66 ? -8.536  8.033   -11.469 1.00 12.46 ? 66  ILE C CA   1 
ATOM   514  C C    . ILE A 1 66 ? -8.559  9.495   -11.043 1.00 13.53 ? 66  ILE C C    1 
ATOM   515  O O    . ILE A 1 66 ? -7.686  10.275  -11.440 1.00 13.07 ? 66  ILE C O    1 
ATOM   516  C CB   . ILE A 1 66 ? -7.138  7.408   -11.174 1.00 12.26 ? 66  ILE C CB   1 
ATOM   517  C CG1  . ILE A 1 66 ? -7.122  5.945   -11.645 1.00 12.44 ? 66  ILE C CG1  1 
ATOM   518  C CG2  . ILE A 1 66 ? -6.791  7.496   -9.683  1.00 10.09 ? 66  ILE C CG2  1 
ATOM   519  C CD1  . ILE A 1 66 ? -5.738  5.357   -11.831 1.00 13.44 ? 66  ILE C CD1  1 
ATOM   520  N N    . ALA A 1 67 ? -9.575  9.859   -10.256 1.00 13.36 ? 67  ALA C N    1 
ATOM   521  C CA   . ALA A 1 67 ? -9.750  11.230  -9.771  1.00 14.30 ? 67  ALA C CA   1 
ATOM   522  C C    . ALA A 1 67 ? -9.709  12.237  -10.928 1.00 14.91 ? 67  ALA C C    1 
ATOM   523  O O    . ALA A 1 67 ? -9.019  13.260  -10.862 1.00 14.10 ? 67  ALA C O    1 
ATOM   524  C CB   . ALA A 1 67 ? -8.682  11.565  -8.730  1.00 15.21 ? 67  ALA C CB   1 
ATOM   525  N N    . GLY A 1 68 ? -10.427 11.912  -12.000 1.00 15.51 ? 68  GLY C N    1 
ATOM   526  C CA   . GLY A 1 68 ? -10.466 12.778  -13.164 1.00 15.60 ? 68  GLY C CA   1 
ATOM   527  C C    . GLY A 1 68 ? -9.321  12.551  -14.132 1.00 16.06 ? 68  GLY C C    1 
ATOM   528  O O    . GLY A 1 68 ? -9.306  13.131  -15.217 1.00 17.92 ? 68  GLY C O    1 
ATOM   529  N N    . HIS A 1 69 ? -8.358  11.717  -13.744 1.00 15.42 ? 69  HIS C N    1 
ATOM   530  C CA   . HIS A 1 69 ? -7.198  11.422  -14.585 1.00 14.61 ? 69  HIS C CA   1 
ATOM   531  C C    . HIS A 1 69 ? -7.317  10.080  -15.304 1.00 16.01 ? 69  HIS C C    1 
ATOM   532  O O    . HIS A 1 69 ? -7.353  9.024   -14.669 1.00 14.77 ? 69  HIS C O    1 
ATOM   533  C CB   . HIS A 1 69 ? -5.910  11.432  -13.756 1.00 13.40 ? 69  HIS C CB   1 
ATOM   534  C CG   . HIS A 1 69 ? -5.454  12.798  -13.344 1.00 13.20 ? 69  HIS C CG   1 
ATOM   535  N ND1  . HIS A 1 69 ? -6.177  13.592  -12.482 1.00 15.36 ? 69  HIS C ND1  1 
ATOM   536  C CD2  . HIS A 1 69 ? -4.323  13.483  -13.628 1.00 11.55 ? 69  HIS C CD2  1 
ATOM   537  C CE1  . HIS A 1 69 ? -5.507  14.709  -12.248 1.00 12.77 ? 69  HIS C CE1  1 
ATOM   538  N NE2  . HIS A 1 69 ? -4.380  14.664  -12.931 1.00 13.33 ? 69  HIS C NE2  1 
ATOM   539  N N    . LYS A 1 70 ? -7.356  10.127  -16.633 1.00 17.13 ? 70  LYS C N    1 
ATOM   540  C CA   . LYS A 1 70 ? -7.458  8.921   -17.447 1.00 19.12 ? 70  LYS C CA   1 
ATOM   541  C C    . LYS A 1 70 ? -6.145  8.148   -17.471 1.00 19.30 ? 70  LYS C C    1 
ATOM   542  O O    . LYS A 1 70 ? -5.058  8.731   -17.435 1.00 18.56 ? 70  LYS C O    1 
ATOM   543  C CB   . LYS A 1 70 ? -7.879  9.251   -18.881 1.00 20.95 ? 70  LYS C CB   1 
ATOM   544  C CG   . LYS A 1 70 ? -9.289  9.789   -19.017 1.00 26.38 ? 70  LYS C CG   1 
ATOM   545  C CD   . LYS A 1 70 ? -9.367  11.303  -18.810 1.00 31.74 ? 70  LYS C CD   1 
ATOM   546  C CE   . LYS A 1 70 ? -8.580  12.063  -19.883 1.00 34.63 ? 70  LYS C CE   1 
ATOM   547  N NZ   . LYS A 1 70 ? -9.041  11.754  -21.276 1.00 35.96 ? 70  LYS C NZ   1 
ATOM   548  N N    . ALA A 1 71 ? -6.262  6.826   -17.514 1.00 18.76 ? 71  ALA C N    1 
ATOM   549  C CA   . ALA A 1 71 ? -5.111  5.940   -17.552 1.00 19.39 ? 71  ALA C CA   1 
ATOM   550  C C    . ALA A 1 71 ? -5.569  4.670   -18.240 1.00 20.85 ? 71  ALA C C    1 
ATOM   551  O O    . ALA A 1 71 ? -6.771  4.404   -18.321 1.00 21.86 ? 71  ALA C O    1 
ATOM   552  C CB   . ALA A 1 71 ? -4.622  5.633   -16.143 1.00 18.49 ? 71  ALA C CB   1 
ATOM   553  N N    . ILE A 1 72 ? -4.623  3.911   -18.778 1.00 21.34 ? 72  ILE C N    1 
ATOM   554  C CA   . ILE A 1 72 ? -4.944  2.662   -19.453 1.00 21.34 ? 72  ILE C CA   1 
ATOM   555  C C    . ILE A 1 72 ? -3.920  1.609   -19.064 1.00 20.58 ? 72  ILE C C    1 
ATOM   556  O O    . ILE A 1 72 ? -2.715  1.861   -19.088 1.00 21.19 ? 72  ILE C O    1 
ATOM   557  C CB   . ILE A 1 72 ? -4.995  2.839   -21.003 1.00 22.54 ? 72  ILE C CB   1 
ATOM   558  C CG1  . ILE A 1 72 ? -5.312  1.509   -21.690 1.00 23.09 ? 72  ILE C CG1  1 
ATOM   559  C CG2  . ILE A 1 72 ? -3.684  3.397   -21.524 1.00 24.21 ? 72  ILE C CG2  1 
ATOM   560  C CD1  . ILE A 1 72 ? -5.546  1.644   -23.182 1.00 23.61 ? 72  ILE C CD1  1 
ATOM   561  N N    . GLY A 1 73 ? -4.398  0.447   -18.638 1.00 18.89 ? 73  GLY C N    1 
ATOM   562  C CA   . GLY A 1 73 ? -3.470  -0.595  -18.257 1.00 18.16 ? 73  GLY C CA   1 
ATOM   563  C C    . GLY A 1 73 ? -4.117  -1.882  -17.814 1.00 17.19 ? 73  GLY C C    1 
ATOM   564  O O    . GLY A 1 73 ? -5.295  -2.119  -18.060 1.00 16.44 ? 73  GLY C O    1 
ATOM   565  N N    . THR A 1 74 ? -3.320  -2.705  -17.149 1.00 17.51 ? 74  THR C N    1 
ATOM   566  C CA   . THR A 1 74 ? -3.748  -3.996  -16.635 1.00 17.65 ? 74  THR C CA   1 
ATOM   567  C C    . THR A 1 74 ? -4.497  -3.834  -15.315 1.00 17.79 ? 74  THR C C    1 
ATOM   568  O O    . THR A 1 74 ? -4.032  -3.148  -14.406 1.00 18.43 ? 74  THR C O    1 
ATOM   569  C CB   . THR A 1 74 ? -2.534  -4.909  -16.406 1.00 18.22 ? 74  THR C CB   1 
ATOM   570  O OG1  . THR A 1 74 ? -1.887  -5.170  -17.658 1.00 19.86 ? 74  THR C OG1  1 
ATOM   571  C CG2  . THR A 1 74 ? -2.955  -6.219  -15.765 1.00 19.16 ? 74  THR C CG2  1 
ATOM   572  N N    . VAL A 1 75 ? -5.674  -4.447  -15.230 1.00 16.27 ? 75  VAL C N    1 
ATOM   573  C CA   . VAL A 1 75 ? -6.488  -4.395  -14.024 1.00 14.16 ? 75  VAL C CA   1 
ATOM   574  C C    . VAL A 1 75 ? -6.833  -5.811  -13.579 1.00 12.15 ? 75  VAL C C    1 
ATOM   575  O O    . VAL A 1 75 ? -7.266  -6.634  -14.377 1.00 12.44 ? 75  VAL C O    1 
ATOM   576  C CB   . VAL A 1 75 ? -7.786  -3.588  -14.245 1.00 14.62 ? 75  VAL C CB   1 
ATOM   577  C CG1  . VAL A 1 75 ? -8.656  -3.641  -13.005 1.00 16.00 ? 75  VAL C CG1  1 
ATOM   578  C CG2  . VAL A 1 75 ? -7.451  -2.142  -14.563 1.00 15.83 ? 75  VAL C CG2  1 
ATOM   579  N N    . LEU A 1 76 ? -6.575  -6.104  -12.313 1.00 11.44 ? 76  LEU C N    1 
ATOM   580  C CA   . LEU A 1 76 ? -6.875  -7.417  -11.754 1.00 11.03 ? 76  LEU C CA   1 
ATOM   581  C C    . LEU A 1 76 ? -8.230  -7.350  -11.037 1.00 11.51 ? 76  LEU C C    1 
ATOM   582  O O    . LEU A 1 76 ? -8.479  -6.439  -10.246 1.00 11.46 ? 76  LEU C O    1 
ATOM   583  C CB   . LEU A 1 76 ? -5.775  -7.840  -10.782 1.00 8.48  ? 76  LEU C CB   1 
ATOM   584  C CG   . LEU A 1 76 ? -4.367  -7.837  -11.379 1.00 7.69  ? 76  LEU C CG   1 
ATOM   585  C CD1  . LEU A 1 76 ? -3.344  -8.113  -10.297 1.00 5.90  ? 76  LEU C CD1  1 
ATOM   586  C CD2  . LEU A 1 76 ? -4.270  -8.849  -12.499 1.00 5.69  ? 76  LEU C CD2  1 
ATOM   587  N N    . VAL A 1 77 ? -9.107  -8.304  -11.327 1.00 10.94 ? 77  VAL C N    1 
ATOM   588  C CA   . VAL A 1 77 ? -10.434 -8.326  -10.722 1.00 9.92  ? 77  VAL C CA   1 
ATOM   589  C C    . VAL A 1 77 ? -10.614 -9.569  -9.861  1.00 10.20 ? 77  VAL C C    1 
ATOM   590  O O    . VAL A 1 77 ? -10.331 -10.679 -10.296 1.00 9.79  ? 77  VAL C O    1 
ATOM   591  C CB   . VAL A 1 77 ? -11.535 -8.269  -11.804 1.00 10.13 ? 77  VAL C CB   1 
ATOM   592  C CG1  . VAL A 1 77 ? -12.904 -8.286  -11.157 1.00 9.39  ? 77  VAL C CG1  1 
ATOM   593  C CG2  . VAL A 1 77 ? -11.374 -7.009  -12.653 1.00 8.00  ? 77  VAL C CG2  1 
ATOM   594  N N    . GLY A 1 78 ? -11.062 -9.371  -8.628  1.00 10.79 ? 78  GLY C N    1 
ATOM   595  C CA   . GLY A 1 78 ? -11.253 -10.493 -7.733  1.00 11.39 ? 78  GLY C CA   1 
ATOM   596  C C    . GLY A 1 78 ? -11.764 -10.090 -6.369  1.00 11.16 ? 78  GLY C C    1 
ATOM   597  O O    . GLY A 1 78 ? -12.034 -8.912  -6.137  1.00 11.72 ? 78  GLY C O    1 
ATOM   598  N N    . PRO A 1 79 ? -11.889 -11.048 -5.434  1.00 11.94 ? 79  PRO C N    1 
ATOM   599  C CA   . PRO A 1 79 ? -12.376 -10.822 -4.066  1.00 13.24 ? 79  PRO C CA   1 
ATOM   600  C C    . PRO A 1 79 ? -11.470 -9.989  -3.163  1.00 14.29 ? 79  PRO C C    1 
ATOM   601  O O    . PRO A 1 79 ? -11.062 -10.446 -2.098  1.00 16.41 ? 79  PRO C O    1 
ATOM   602  C CB   . PRO A 1 79 ? -12.567 -12.239 -3.529  1.00 12.01 ? 79  PRO C CB   1 
ATOM   603  C CG   . PRO A 1 79 ? -11.517 -13.016 -4.246  1.00 11.95 ? 79  PRO C CG   1 
ATOM   604  C CD   . PRO A 1 79 ? -11.624 -12.483 -5.659  1.00 12.36 ? 79  PRO C CD   1 
ATOM   605  N N    . THR A 1 80 ? -11.152 -8.772  -3.601  1.00 14.86 ? 80  THR C N    1 
ATOM   606  C CA   . THR A 1 80 ? -10.319 -7.852  -2.824  1.00 14.13 ? 80  THR C CA   1 
ATOM   607  C C    . THR A 1 80 ? -11.194 -7.128  -1.778  1.00 14.15 ? 80  THR C C    1 
ATOM   608  O O    . THR A 1 80 ? -12.357 -6.807  -2.041  1.00 14.29 ? 80  THR C O    1 
ATOM   609  C CB   . THR A 1 80 ? -9.595  -6.797  -3.757  1.00 13.21 ? 80  THR C CB   1 
ATOM   610  O OG1  . THR A 1 80 ? -8.767  -5.931  -2.969  1.00 12.74 ? 80  THR C OG1  1 
ATOM   611  C CG2  . THR A 1 80 ? -10.591 -5.940  -4.524  1.00 10.41 ? 80  THR C CG2  1 
ATOM   612  N N    . PRO A 1 81 ? -10.667 -6.923  -0.559  1.00 14.44 ? 81  PRO C N    1 
ATOM   613  C CA   . PRO A 1 81 ? -11.442 -6.230  0.475   1.00 15.55 ? 81  PRO C CA   1 
ATOM   614  C C    . PRO A 1 81 ? -11.674 -4.760  0.113   1.00 15.88 ? 81  PRO C C    1 
ATOM   615  O O    . PRO A 1 81 ? -12.635 -4.135  0.570   1.00 16.18 ? 81  PRO C O    1 
ATOM   616  C CB   . PRO A 1 81 ? -10.557 -6.370  1.716   1.00 15.20 ? 81  PRO C CB   1 
ATOM   617  C CG   . PRO A 1 81 ? -9.166  -6.446  1.142   1.00 15.64 ? 81  PRO C CG   1 
ATOM   618  C CD   . PRO A 1 81 ? -9.371  -7.380  -0.025  1.00 13.69 ? 81  PRO C CD   1 
ATOM   619  N N    . VAL A 1 82 ? -10.820 -4.230  -0.755  1.00 15.31 ? 82  VAL C N    1 
ATOM   620  C CA   . VAL A 1 82 ? -10.925 -2.837  -1.169  1.00 15.84 ? 82  VAL C CA   1 
ATOM   621  C C    . VAL A 1 82 ? -10.317 -2.616  -2.564  1.00 13.71 ? 82  VAL C C    1 
ATOM   622  O O    . VAL A 1 82 ? -9.415  -3.348  -2.984  1.00 13.49 ? 82  VAL C O    1 
ATOM   623  C CB   . VAL A 1 82 ? -10.228 -1.919  -0.117  1.00 16.98 ? 82  VAL C CB   1 
ATOM   624  C CG1  . VAL A 1 82 ? -8.768  -2.287  0.022   1.00 17.96 ? 82  VAL C CG1  1 
ATOM   625  C CG2  . VAL A 1 82 ? -10.385 -0.450  -0.478  1.00 19.91 ? 82  VAL C CG2  1 
ATOM   626  N N    . ASN A 1 83 ? -10.878 -1.660  -3.304  1.00 12.70 ? 83  ASN C N    1 
ATOM   627  C CA   . ASN A 1 83 ? -10.377 -1.324  -4.638  1.00 11.41 ? 83  ASN C CA   1 
ATOM   628  C C    . ASN A 1 83 ? -9.022  -0.648  -4.462  1.00 10.48 ? 83  ASN C C    1 
ATOM   629  O O    . ASN A 1 83 ? -8.907  0.340   -3.747  1.00 10.11 ? 83  ASN C O    1 
ATOM   630  C CB   . ASN A 1 83 ? -11.349 -0.395  -5.350  1.00 12.17 ? 83  ASN C CB   1 
ATOM   631  C CG   . ASN A 1 83 ? -12.642 -1.085  -5.722  1.00 13.65 ? 83  ASN C CG   1 
ATOM   632  O OD1  . ASN A 1 83 ? -12.636 -2.236  -6.150  1.00 13.33 ? 83  ASN C OD1  1 
ATOM   633  N ND2  . ASN A 1 83 ? -13.756 -0.389  -5.558  1.00 14.53 ? 83  ASN C ND2  1 
ATOM   634  N N    . ILE A 1 84 ? -7.993  -1.213  -5.091  1.00 10.56 ? 84  ILE C N    1 
ATOM   635  C CA   . ILE A 1 84 ? -6.624  -0.713  -4.972  1.00 10.06 ? 84  ILE C CA   1 
ATOM   636  C C    . ILE A 1 84 ? -6.014  -0.257  -6.288  1.00 9.75  ? 84  ILE C C    1 
ATOM   637  O O    . ILE A 1 84 ? -6.004  -1.005  -7.261  1.00 9.09  ? 84  ILE C O    1 
ATOM   638  C CB   . ILE A 1 84 ? -5.711  -1.817  -4.368  1.00 10.69 ? 84  ILE C CB   1 
ATOM   639  C CG1  . ILE A 1 84 ? -6.055  -2.027  -2.894  1.00 13.78 ? 84  ILE C CG1  1 
ATOM   640  C CG2  . ILE A 1 84 ? -4.240  -1.466  -4.531  1.00 11.20 ? 84  ILE C CG2  1 
ATOM   641  C CD1  . ILE A 1 84 ? -5.850  -3.448  -2.425  1.00 15.52 ? 84  ILE C CD1  1 
ATOM   642  N N    . ILE A 1 85 ? -5.535  0.988   -6.312  1.00 9.02  ? 85  ILE C N    1 
ATOM   643  C CA   . ILE A 1 85 ? -4.863  1.527   -7.488  1.00 7.79  ? 85  ILE C CA   1 
ATOM   644  C C    . ILE A 1 85 ? -3.379  1.412   -7.155  1.00 7.72  ? 85  ILE C C    1 
ATOM   645  O O    . ILE A 1 85 ? -2.893  2.048   -6.219  1.00 7.70  ? 85  ILE C O    1 
ATOM   646  C CB   . ILE A 1 85 ? -5.213  3.012   -7.768  1.00 7.97  ? 85  ILE C CB   1 
ATOM   647  C CG1  . ILE A 1 85 ? -6.723  3.193   -7.957  1.00 7.55  ? 85  ILE C CG1  1 
ATOM   648  C CG2  . ILE A 1 85 ? -4.500  3.476   -9.030  1.00 7.29  ? 85  ILE C CG2  1 
ATOM   649  C CD1  . ILE A 1 85 ? -7.297  2.360   -9.068  1.00 6.91  ? 85  ILE C CD1  1 
ATOM   650  N N    . GLY A 1 86 ? -2.685  0.557   -7.897  1.00 6.55  ? 86  GLY C N    1 
ATOM   651  C CA   . GLY A 1 86 ? -1.272  0.341   -7.678  1.00 6.20  ? 86  GLY C CA   1 
ATOM   652  C C    . GLY A 1 86 ? -0.376  1.256   -8.485  1.00 6.85  ? 86  GLY C C    1 
ATOM   653  O O    . GLY A 1 86 ? -0.849  2.125   -9.226  1.00 6.16  ? 86  GLY C O    1 
ATOM   654  N N    . ARG A 1 87 ? 0.929   1.039   -8.353  1.00 6.57  ? 87  ARG C N    1 
ATOM   655  C CA   . ARG A 1 87 ? 1.918   1.850   -9.048  1.00 8.04  ? 87  ARG C CA   1 
ATOM   656  C C    . ARG A 1 87 ? 1.780   1.808   -10.561 1.00 8.95  ? 87  ARG C C    1 
ATOM   657  O O    . ARG A 1 87 ? 2.125   2.781   -11.243 1.00 10.52 ? 87  ARG C O    1 
ATOM   658  C CB   . ARG A 1 87 ? 3.333   1.433   -8.652  1.00 7.53  ? 87  ARG C CB   1 
ATOM   659  C CG   . ARG A 1 87 ? 3.665   1.670   -7.184  1.00 8.29  ? 87  ARG C CG   1 
ATOM   660  C CD   . ARG A 1 87 ? 5.116   1.314   -6.878  1.00 7.17  ? 87  ARG C CD   1 
ATOM   661  N NE   . ARG A 1 87 ? 5.423   -0.083  -7.173  1.00 7.56  ? 87  ARG C NE   1 
ATOM   662  C CZ   . ARG A 1 87 ? 6.086   -0.497  -8.249  1.00 9.04  ? 87  ARG C CZ   1 
ATOM   663  N NH1  . ARG A 1 87 ? 6.521   0.374   -9.147  1.00 9.96  ? 87  ARG C NH1  1 
ATOM   664  N NH2  . ARG A 1 87 ? 6.311   -1.789  -8.434  1.00 9.21  ? 87  ARG C NH2  1 
ATOM   665  N N    . ASP A 1 88 ? 1.265   0.702   -11.089 1.00 8.56  ? 88  ASP C N    1 
ATOM   666  C CA   . ASP A 1 88 ? 1.103   0.570   -12.532 1.00 9.59  ? 88  ASP C CA   1 
ATOM   667  C C    . ASP A 1 88 ? 0.199   1.657   -13.133 1.00 9.97  ? 88  ASP C C    1 
ATOM   668  O O    . ASP A 1 88 ? 0.383   2.058   -14.285 1.00 10.86 ? 88  ASP C O    1 
ATOM   669  C CB   . ASP A 1 88 ? 0.623   -0.843  -12.906 1.00 10.14 ? 88  ASP C CB   1 
ATOM   670  C CG   . ASP A 1 88 ? -0.793  -1.129  -12.459 1.00 11.86 ? 88  ASP C CG   1 
ATOM   671  O OD1  . ASP A 1 88 ? -1.179  -0.702  -11.354 1.00 12.04 ? 88  ASP C OD1  1 
ATOM   672  O OD2  . ASP A 1 88 ? -1.521  -1.794  -13.222 1.00 17.00 ? 88  ASP C OD2  1 
ATOM   673  N N    . LEU A 1 89 ? -0.756  2.150   -12.351 1.00 9.20  ? 89  LEU C N    1 
ATOM   674  C CA   . LEU A 1 89 ? -1.643  3.206   -12.828 1.00 8.93  ? 89  LEU C CA   1 
ATOM   675  C C    . LEU A 1 89 ? -1.284  4.556   -12.198 1.00 9.16  ? 89  LEU C C    1 
ATOM   676  O O    . LEU A 1 89 ? -1.493  5.603   -12.811 1.00 9.25  ? 89  LEU C O    1 
ATOM   677  C CB   . LEU A 1 89 ? -3.103  2.837   -12.572 1.00 9.10  ? 89  LEU C CB   1 
ATOM   678  C CG   . LEU A 1 89 ? -3.579  1.594   -13.334 1.00 11.59 ? 89  LEU C CG   1 
ATOM   679  C CD1  . LEU A 1 89 ? -5.069  1.372   -13.110 1.00 12.65 ? 89  LEU C CD1  1 
ATOM   680  C CD2  . LEU A 1 89 ? -3.298  1.775   -14.812 1.00 12.17 ? 89  LEU C CD2  1 
ATOM   681  N N    . LEU A 1 90 ? -0.705  4.524   -10.994 1.00 8.66  ? 90  LEU C N    1 
ATOM   682  C CA   . LEU A 1 90 ? -0.290  5.741   -10.287 1.00 7.21  ? 90  LEU C CA   1 
ATOM   683  C C    . LEU A 1 90 ? 0.807   6.463   -11.060 1.00 7.44  ? 90  LEU C C    1 
ATOM   684  O O    . LEU A 1 90 ? 0.867   7.691   -11.067 1.00 7.20  ? 90  LEU C O    1 
ATOM   685  C CB   . LEU A 1 90 ? 0.200   5.420   -8.871  1.00 7.95  ? 90  LEU C CB   1 
ATOM   686  C CG   . LEU A 1 90 ? -0.849  5.124   -7.787  1.00 7.96  ? 90  LEU C CG   1 
ATOM   687  C CD1  . LEU A 1 90 ? -0.177  4.690   -6.506  1.00 7.18  ? 90  LEU C CD1  1 
ATOM   688  C CD2  . LEU A 1 90 ? -1.694  6.353   -7.523  1.00 9.81  ? 90  LEU C CD2  1 
ATOM   689  N N    . THR A 1 91 ? 1.682   5.696   -11.705 1.00 8.38  ? 91  THR C N    1 
ATOM   690  C CA   . THR A 1 91 ? 2.757   6.283   -12.503 1.00 9.94  ? 91  THR C CA   1 
ATOM   691  C C    . THR A 1 91 ? 2.181   7.007   -13.721 1.00 10.64 ? 91  THR C C    1 
ATOM   692  O O    . THR A 1 91 ? 2.673   8.066   -14.118 1.00 11.62 ? 91  THR C O    1 
ATOM   693  C CB   . THR A 1 91 ? 3.754   5.213   -12.968 1.00 8.95  ? 91  THR C CB   1 
ATOM   694  O OG1  . THR A 1 91 ? 3.051   4.092   -13.526 1.00 9.19  ? 91  THR C OG1  1 
ATOM   695  C CG2  . THR A 1 91 ? 4.594   4.762   -11.818 1.00 7.44  ? 91  THR C CG2  1 
ATOM   696  N N    . GLN A 1 92 ? 1.107   6.453   -14.274 1.00 11.59 ? 92  GLN C N    1 
ATOM   697  C CA   . GLN A 1 92 ? 0.440   7.020   -15.445 1.00 12.64 ? 92  GLN C CA   1 
ATOM   698  C C    . GLN A 1 92 ? -0.236  8.353   -15.184 1.00 12.94 ? 92  GLN C C    1 
ATOM   699  O O    . GLN A 1 92 ? -0.358  9.169   -16.099 1.00 14.49 ? 92  GLN C O    1 
ATOM   700  C CB   . GLN A 1 92 ? -0.584  6.048   -16.006 1.00 13.80 ? 92  GLN C CB   1 
ATOM   701  C CG   . GLN A 1 92 ? 0.015   4.817   -16.630 1.00 17.72 ? 92  GLN C CG   1 
ATOM   702  C CD   . GLN A 1 92 ? -1.011  4.040   -17.426 1.00 19.90 ? 92  GLN C CD   1 
ATOM   703  O OE1  . GLN A 1 92 ? -2.113  4.525   -17.683 1.00 22.92 ? 92  GLN C OE1  1 
ATOM   704  N NE2  . GLN A 1 92 ? -0.652  2.833   -17.831 1.00 23.39 ? 92  GLN C NE2  1 
ATOM   705  N N    . ILE A 1 93 ? -0.729  8.559   -13.962 1.00 12.96 ? 93  ILE C N    1 
ATOM   706  C CA   . ILE A 1 93 ? -1.369  9.830   -13.620 1.00 12.35 ? 93  ILE C CA   1 
ATOM   707  C C    . ILE A 1 93 ? -0.362  10.814  -12.998 1.00 12.03 ? 93  ILE C C    1 
ATOM   708  O O    . ILE A 1 93 ? -0.733  11.893  -12.553 1.00 12.43 ? 93  ILE C O    1 
ATOM   709  C CB   . ILE A 1 93 ? -2.631  9.647   -12.709 1.00 12.22 ? 93  ILE C CB   1 
ATOM   710  C CG1  . ILE A 1 93 ? -2.246  9.205   -11.294 1.00 11.07 ? 93  ILE C CG1  1 
ATOM   711  C CG2  . ILE A 1 93 ? -3.594  8.632   -13.341 1.00 11.98 ? 93  ILE C CG2  1 
ATOM   712  C CD1  . ILE A 1 93 ? -3.423  9.110   -10.347 1.00 9.66  ? 93  ILE C CD1  1 
ATOM   713  N N    . GLY A 1 94 ? 0.917   10.442  -13.015 1.00 11.69 ? 94  GLY C N    1 
ATOM   714  C CA   . GLY A 1 94 ? 1.977   11.286  -12.479 1.00 10.34 ? 94  GLY C CA   1 
ATOM   715  C C    . GLY A 1 94 ? 2.004   11.467  -10.972 1.00 9.92  ? 94  GLY C C    1 
ATOM   716  O O    . GLY A 1 94 ? 2.457   12.499  -10.490 1.00 8.79  ? 94  GLY C O    1 
ATOM   717  N N    . ALA A 1 95 ? 1.553   10.454  -10.230 1.00 9.56  ? 95  ALA C N    1 
ATOM   718  C CA   . ALA A 1 95 ? 1.515   10.516  -8.774  1.00 7.74  ? 95  ALA C CA   1 
ATOM   719  C C    . ALA A 1 95 ? 2.869   10.292  -8.136  1.00 8.35  ? 95  ALA C C    1 
ATOM   720  O O    . ALA A 1 95 ? 3.616   9.395   -8.541  1.00 8.65  ? 95  ALA C O    1 
ATOM   721  C CB   . ALA A 1 95 ? 0.503   9.507   -8.218  1.00 8.68  ? 95  ALA C CB   1 
ATOM   722  N N    . THR A 1 96 ? 3.172   11.113  -7.132  1.00 8.07  ? 96  THR C N    1 
ATOM   723  C CA   . THR A 1 96 ? 4.429   11.028  -6.399  1.00 8.61  ? 96  THR C CA   1 
ATOM   724  C C    . THR A 1 96 ? 4.205   11.044  -4.893  1.00 9.09  ? 96  THR C C    1 
ATOM   725  O O    . THR A 1 96 ? 3.131   11.411  -4.405  1.00 8.73  ? 96  THR C O    1 
ATOM   726  C CB   . THR A 1 96 ? 5.386   12.210  -6.730  1.00 8.55  ? 96  THR C CB   1 
ATOM   727  O OG1  . THR A 1 96 ? 4.722   13.452  -6.466  1.00 9.08  ? 96  THR C OG1  1 
ATOM   728  C CG2  . THR A 1 96 ? 5.833   12.161  -8.187  1.00 11.27 ? 96  THR C CG2  1 
ATOM   729  N N    . LEU A 1 97 ? 5.231   10.626  -4.169  1.00 8.75  ? 97  LEU C N    1 
ATOM   730  C CA   . LEU A 1 97 ? 5.205   10.616  -2.719  1.00 10.34 ? 97  LEU C CA   1 
ATOM   731  C C    . LEU A 1 97 ? 6.151   11.760  -2.361  1.00 10.67 ? 97  LEU C C    1 
ATOM   732  O O    . LEU A 1 97 ? 7.244   11.864  -2.926  1.00 11.90 ? 97  LEU C O    1 
ATOM   733  C CB   . LEU A 1 97 ? 5.728   9.276   -2.211  1.00 12.37 ? 97  LEU C CB   1 
ATOM   734  C CG   . LEU A 1 97 ? 5.144   8.672   -0.935  1.00 15.21 ? 97  LEU C CG   1 
ATOM   735  C CD1  . LEU A 1 97 ? 3.671   9.040   -0.751  1.00 13.58 ? 97  LEU C CD1  1 
ATOM   736  C CD2  . LEU A 1 97 ? 5.317   7.164   -1.018  1.00 15.55 ? 97  LEU C CD2  1 
ATOM   737  N N    . ASN A 1 98 ? 5.715   12.649  -1.477  1.00 9.61  ? 98  ASN C N    1 
ATOM   738  C CA   . ASN A 1 98 ? 6.541   13.793  -1.104  1.00 10.70 ? 98  ASN C CA   1 
ATOM   739  C C    . ASN A 1 98 ? 6.631   14.090  0.390   1.00 11.54 ? 98  ASN C C    1 
ATOM   740  O O    . ASN A 1 98 ? 5.610   14.179  1.080   1.00 10.27 ? 98  ASN C O    1 
ATOM   741  C CB   . ASN A 1 98 ? 6.024   15.050  -1.808  1.00 10.66 ? 98  ASN C CB   1 
ATOM   742  C CG   . ASN A 1 98 ? 5.970   14.894  -3.313  1.00 11.11 ? 98  ASN C CG   1 
ATOM   743  O OD1  . ASN A 1 98 ? 5.092   14.229  -3.854  1.00 10.49 ? 98  ASN C OD1  1 
ATOM   744  N ND2  . ASN A 1 98 ? 6.903   15.525  -3.994  1.00 11.54 ? 98  ASN C ND2  1 
ATOM   745  N N    . PHE A 1 99 ? 7.859   14.281  0.869   1.00 12.50 ? 99  PHE C N    1 
ATOM   746  C CA   . PHE A 1 99 ? 8.109   14.636  2.270   1.00 13.51 ? 99  PHE C CA   1 
ATOM   747  C C    . PHE A 1 99 ? 9.446   15.379  2.442   1.00 14.52 ? 99  PHE C C    1 
ATOM   748  O O    . PHE A 1 99 ? 9.764   15.797  3.572   1.00 15.23 ? 99  PHE C O    1 
ATOM   749  C CB   . PHE A 1 99 ? 8.023   13.414  3.204   1.00 11.58 ? 99  PHE C CB   1 
ATOM   750  C CG   . PHE A 1 99 ? 9.017   12.326  2.909   1.00 11.78 ? 99  PHE C CG   1 
ATOM   751  C CD1  . PHE A 1 99 ? 8.727   11.337  1.973   1.00 12.59 ? 99  PHE C CD1  1 
ATOM   752  C CD2  . PHE A 1 99 ? 10.219  12.258  3.604   1.00 10.41 ? 99  PHE C CD2  1 
ATOM   753  C CE1  . PHE A 1 99 ? 9.629   10.288  1.739   1.00 12.38 ? 99  PHE C CE1  1 
ATOM   754  C CE2  . PHE A 1 99 ? 11.124  11.221  3.383   1.00 10.74 ? 99  PHE C CE2  1 
ATOM   755  C CZ   . PHE A 1 99 ? 10.832  10.234  2.450   1.00 11.78 ? 99  PHE C CZ   1 
ATOM   756  O OXT  . PHE A 1 99 ? 10.151  15.565  1.430   1.00 15.99 ? 99  PHE C OXT  1 
ATOM   757  N N    . PRO B 1 1  ? 12.108  14.217  0.160   1.00 15.41 ? 101 PRO D N    1 
ATOM   758  C CA   . PRO B 1 1  ? 12.229  14.289  -1.306  1.00 13.57 ? 101 PRO D CA   1 
ATOM   759  C C    . PRO B 1 1  ? 10.918  13.947  -1.994  1.00 13.06 ? 101 PRO D C    1 
ATOM   760  O O    . PRO B 1 1  ? 9.892   13.756  -1.347  1.00 12.72 ? 101 PRO D O    1 
ATOM   761  C CB   . PRO B 1 1  ? 13.280  13.261  -1.690  1.00 15.31 ? 101 PRO D CB   1 
ATOM   762  C CG   . PRO B 1 1  ? 13.054  12.210  -0.629  1.00 15.24 ? 101 PRO D CG   1 
ATOM   763  C CD   . PRO B 1 1  ? 12.820  13.022  0.656   1.00 16.45 ? 101 PRO D CD   1 
ATOM   764  N N    . GLN B 1 2  ? 10.974  13.892  -3.320  1.00 12.18 ? 102 GLN D N    1 
ATOM   765  C CA   . GLN B 1 2  ? 9.837   13.536  -4.151  1.00 11.51 ? 102 GLN D CA   1 
ATOM   766  C C    . GLN B 1 2  ? 10.167  12.168  -4.736  1.00 10.83 ? 102 GLN D C    1 
ATOM   767  O O    . GLN B 1 2  ? 11.213  11.977  -5.363  1.00 12.56 ? 102 GLN D O    1 
ATOM   768  C CB   . GLN B 1 2  ? 9.635   14.563  -5.267  1.00 11.15 ? 102 GLN D CB   1 
ATOM   769  C CG   . GLN B 1 2  ? 8.573   14.163  -6.281  1.00 12.13 ? 102 GLN D CG   1 
ATOM   770  C CD   . GLN B 1 2  ? 8.114   15.328  -7.131  1.00 11.67 ? 102 GLN D CD   1 
ATOM   771  O OE1  . GLN B 1 2  ? 7.133   15.986  -6.803  1.00 12.63 ? 102 GLN D OE1  1 
ATOM   772  N NE2  . GLN B 1 2  ? 8.820   15.587  -8.228  1.00 12.17 ? 102 GLN D NE2  1 
ATOM   773  N N    . ILE B 1 3  ? 9.278   11.213  -4.511  1.00 10.05 ? 103 ILE D N    1 
ATOM   774  C CA   . ILE B 1 3  ? 9.472   9.851   -4.976  1.00 8.90  ? 103 ILE D CA   1 
ATOM   775  C C    . ILE B 1 3  ? 8.438   9.460   -6.024  1.00 8.78  ? 103 ILE D C    1 
ATOM   776  O O    . ILE B 1 3  ? 7.238   9.473   -5.761  1.00 8.62  ? 103 ILE D O    1 
ATOM   777  C CB   . ILE B 1 3  ? 9.403   8.865   -3.773  1.00 9.26  ? 103 ILE D CB   1 
ATOM   778  C CG1  . ILE B 1 3  ? 10.468  9.244   -2.731  1.00 12.17 ? 103 ILE D CG1  1 
ATOM   779  C CG2  . ILE B 1 3  ? 9.616   7.435   -4.233  1.00 9.03  ? 103 ILE D CG2  1 
ATOM   780  C CD1  . ILE B 1 3  ? 10.394  8.485   -1.416  1.00 10.50 ? 103 ILE D CD1  1 
ATOM   781  N N    . THR B 1 4  ? 8.914   9.168   -7.229  1.00 7.16  ? 104 THR D N    1 
ATOM   782  C CA   . THR B 1 4  ? 8.043   8.743   -8.315  1.00 8.13  ? 104 THR D CA   1 
ATOM   783  C C    . THR B 1 4  ? 7.808   7.256   -8.078  1.00 8.96  ? 104 THR D C    1 
ATOM   784  O O    . THR B 1 4  ? 8.558   6.620   -7.326  1.00 10.20 ? 104 THR D O    1 
ATOM   785  C CB   . THR B 1 4  ? 8.678   8.972   -9.701  1.00 9.33  ? 104 THR D CB   1 
ATOM   786  O OG1  . THR B 1 4  ? 9.930   8.280   -9.773  1.00 10.74 ? 104 THR D OG1  1 
ATOM   787  C CG2  . THR B 1 4  ? 8.900   10.471  -9.954  1.00 8.48  ? 104 THR D CG2  1 
ATOM   788  N N    . LEU B 1 5  ? 6.843   6.677   -8.780  1.00 8.38  ? 105 LEU D N    1 
ATOM   789  C CA   . LEU B 1 5  ? 6.494   5.289   -8.529  1.00 9.14  ? 105 LEU D CA   1 
ATOM   790  C C    . LEU B 1 5  ? 6.799   4.241   -9.585  1.00 9.16  ? 105 LEU D C    1 
ATOM   791  O O    . LEU B 1 5  ? 6.143   3.197   -9.629  1.00 8.60  ? 105 LEU D O    1 
ATOM   792  C CB   . LEU B 1 5  ? 5.016   5.223   -8.118  1.00 8.41  ? 105 LEU D CB   1 
ATOM   793  C CG   . LEU B 1 5  ? 4.678   6.109   -6.907  1.00 7.66  ? 105 LEU D CG   1 
ATOM   794  C CD1  . LEU B 1 5  ? 3.179   6.336   -6.816  1.00 6.91  ? 105 LEU D CD1  1 
ATOM   795  C CD2  . LEU B 1 5  ? 5.239   5.498   -5.616  1.00 7.18  ? 105 LEU D CD2  1 
ATOM   796  N N    . TRP B 1 6  ? 7.815   4.488   -10.406 1.00 9.50  ? 106 TRP D N    1 
ATOM   797  C CA   . TRP B 1 6  ? 8.191   3.537   -11.447 1.00 9.66  ? 106 TRP D CA   1 
ATOM   798  C C    . TRP B 1 6  ? 8.804   2.307   -10.800 1.00 9.40  ? 106 TRP D C    1 
ATOM   799  O O    . TRP B 1 6  ? 8.740   1.200   -11.341 1.00 9.35  ? 106 TRP D O    1 
ATOM   800  C CB   . TRP B 1 6  ? 9.149   4.196   -12.442 1.00 11.84 ? 106 TRP D CB   1 
ATOM   801  C CG   . TRP B 1 6  ? 8.542   5.407   -13.081 1.00 12.58 ? 106 TRP D CG   1 
ATOM   802  C CD1  . TRP B 1 6  ? 8.762   6.715   -12.742 1.00 13.45 ? 106 TRP D CD1  1 
ATOM   803  C CD2  . TRP B 1 6  ? 7.551   5.421   -14.110 1.00 12.60 ? 106 TRP D CD2  1 
ATOM   804  N NE1  . TRP B 1 6  ? 7.959   7.541   -13.490 1.00 13.53 ? 106 TRP D NE1  1 
ATOM   805  C CE2  . TRP B 1 6  ? 7.207   6.774   -14.340 1.00 14.53 ? 106 TRP D CE2  1 
ATOM   806  C CE3  . TRP B 1 6  ? 6.916   4.423   -14.857 1.00 12.51 ? 106 TRP D CE3  1 
ATOM   807  C CZ2  . TRP B 1 6  ? 6.252   7.155   -15.289 1.00 15.30 ? 106 TRP D CZ2  1 
ATOM   808  C CZ3  . TRP B 1 6  ? 5.964   4.801   -15.803 1.00 15.24 ? 106 TRP D CZ3  1 
ATOM   809  C CH2  . TRP B 1 6  ? 5.642   6.158   -16.010 1.00 15.19 ? 106 TRP D CH2  1 
ATOM   810  N N    . LYS B 1 7  ? 9.395   2.512   -9.630  1.00 9.88  ? 107 LYS D N    1 
ATOM   811  C CA   . LYS B 1 7  ? 9.976   1.416   -8.873  1.00 11.26 ? 107 LYS D CA   1 
ATOM   812  C C    . LYS B 1 7  ? 9.321   1.478   -7.506  1.00 10.29 ? 107 LYS D C    1 
ATOM   813  O O    . LYS B 1 7  ? 8.720   2.492   -7.145  1.00 8.90  ? 107 LYS D O    1 
ATOM   814  C CB   . LYS B 1 7  ? 11.490  1.576   -8.726  1.00 13.15 ? 107 LYS D CB   1 
ATOM   815  C CG   . LYS B 1 7  ? 11.909  2.696   -7.795  1.00 18.16 ? 107 LYS D CG   1 
ATOM   816  C CD   . LYS B 1 7  ? 13.381  2.585   -7.391  1.00 21.00 ? 107 LYS D CD   1 
ATOM   817  C CE   . LYS B 1 7  ? 13.556  2.101   -5.939  1.00 22.77 ? 107 LYS D CE   1 
ATOM   818  N NZ   . LYS B 1 7  ? 13.121  0.689   -5.698  1.00 21.27 ? 107 LYS D NZ   1 
ATOM   819  N N    . ARG B 1 8  ? 9.408   0.389   -6.753  1.00 9.27  ? 108 ARG D N    1 
ATOM   820  C CA   . ARG B 1 8  ? 8.829   0.367   -5.417  1.00 10.41 ? 108 ARG D CA   1 
ATOM   821  C C    . ARG B 1 8  ? 9.448   1.482   -4.567  1.00 10.64 ? 108 ARG D C    1 
ATOM   822  O O    . ARG B 1 8  ? 10.662  1.710   -4.612  1.00 9.90  ? 108 ARG D O    1 
ATOM   823  C CB   . ARG B 1 8  ? 9.072   -0.994  -4.755  1.00 10.61 ? 108 ARG D CB   1 
ATOM   824  C CG   . ARG B 1 8  ? 8.162   -2.089  -5.263  1.00 11.32 ? 108 ARG D CG   1 
ATOM   825  C CD   . ARG B 1 8  ? 8.478   -3.415  -4.611  1.00 15.53 ? 108 ARG D CD   1 
ATOM   826  N NE   . ARG B 1 8  ? 7.573   -4.473  -5.058  1.00 18.75 ? 108 ARG D NE   1 
ATOM   827  C CZ   . ARG B 1 8  ? 7.810   -5.777  -4.923  1.00 20.37 ? 108 ARG D CZ   1 
ATOM   828  N NH1  . ARG B 1 8  ? 8.933   -6.199  -4.358  1.00 21.59 ? 108 ARG D NH1  1 
ATOM   829  N NH2  . ARG B 1 8  ? 6.912   -6.666  -5.336  1.00 19.42 ? 108 ARG D NH2  1 
ATOM   830  N N    . PRO B 1 9  ? 8.608   2.249   -3.848  1.00 10.19 ? 109 PRO D N    1 
ATOM   831  C CA   . PRO B 1 9  ? 9.106   3.341   -2.996  1.00 10.57 ? 109 PRO D CA   1 
ATOM   832  C C    . PRO B 1 9  ? 9.782   2.816   -1.730  1.00 9.61  ? 109 PRO D C    1 
ATOM   833  O O    . PRO B 1 9  ? 9.258   2.927   -0.617  1.00 8.98  ? 109 PRO D O    1 
ATOM   834  C CB   . PRO B 1 9  ? 7.837   4.145   -2.697  1.00 9.61  ? 109 PRO D CB   1 
ATOM   835  C CG   . PRO B 1 9  ? 6.758   3.100   -2.739  1.00 10.86 ? 109 PRO D CG   1 
ATOM   836  C CD   . PRO B 1 9  ? 7.138   2.268   -3.934  1.00 10.79 ? 109 PRO D CD   1 
ATOM   837  N N    . LEU B 1 10 ? 10.952  2.222   -1.921  1.00 10.48 ? 110 LEU D N    1 
ATOM   838  C CA   . LEU B 1 10 ? 11.718  1.658   -0.824  1.00 12.40 ? 110 LEU D CA   1 
ATOM   839  C C    . LEU B 1 10 ? 12.695  2.675   -0.238  1.00 13.71 ? 110 LEU D C    1 
ATOM   840  O O    . LEU B 1 10 ? 13.256  3.510   -0.950  1.00 13.90 ? 110 LEU D O    1 
ATOM   841  C CB   . LEU B 1 10 ? 12.481  0.421   -1.303  1.00 13.69 ? 110 LEU D CB   1 
ATOM   842  C CG   . LEU B 1 10 ? 11.686  -0.816  -1.733  1.00 14.67 ? 110 LEU D CG   1 
ATOM   843  C CD1  . LEU B 1 10 ? 12.612  -1.759  -2.484  1.00 15.55 ? 110 LEU D CD1  1 
ATOM   844  C CD2  . LEU B 1 10 ? 11.081  -1.513  -0.531  1.00 14.73 ? 110 LEU D CD2  1 
ATOM   845  N N    . VAL B 1 11 ? 12.875  2.618   1.074   1.00 13.62 ? 111 VAL D N    1 
ATOM   846  C CA   . VAL B 1 11 ? 13.797  3.516   1.748   1.00 13.09 ? 111 VAL D CA   1 
ATOM   847  C C    . VAL B 1 11 ? 14.525  2.736   2.828   1.00 13.80 ? 111 VAL D C    1 
ATOM   848  O O    . VAL B 1 11 ? 14.180  1.597   3.137   1.00 12.12 ? 111 VAL D O    1 
ATOM   849  C CB   . VAL B 1 11 ? 13.075  4.726   2.399   1.00 12.76 ? 111 VAL D CB   1 
ATOM   850  C CG1  . VAL B 1 11 ? 12.454  5.627   1.328   1.00 12.18 ? 111 VAL D CG1  1 
ATOM   851  C CG2  . VAL B 1 11 ? 12.018  4.245   3.391   1.00 12.75 ? 111 VAL D CG2  1 
ATOM   852  N N    . THR B 1 12 ? 15.571  3.347   3.364   1.00 15.42 ? 112 THR D N    1 
ATOM   853  C CA   . THR B 1 12 ? 16.343  2.728   4.421   1.00 16.20 ? 112 THR D CA   1 
ATOM   854  C C    . THR B 1 12 ? 15.813  3.278   5.740   1.00 14.68 ? 112 THR D C    1 
ATOM   855  O O    . THR B 1 12 ? 15.537  4.472   5.858   1.00 15.49 ? 112 THR D O    1 
ATOM   856  C CB   . THR B 1 12 ? 17.852  3.034   4.243   1.00 18.69 ? 112 THR D CB   1 
ATOM   857  O OG1  . THR B 1 12 ? 18.602  2.431   5.308   1.00 23.97 ? 112 THR D OG1  1 
ATOM   858  C CG2  . THR B 1 12 ? 18.096  4.546   4.222   1.00 22.36 ? 112 THR D CG2  1 
ATOM   859  N N    . ILE B 1 13 ? 15.545  2.384   6.682   1.00 12.80 ? 113 ILE D N    1 
ATOM   860  C CA   . ILE B 1 13 ? 15.055  2.792   7.991   1.00 11.53 ? 113 ILE D CA   1 
ATOM   861  C C    . ILE B 1 13 ? 16.028  2.302   9.055   1.00 11.39 ? 113 ILE D C    1 
ATOM   862  O O    . ILE B 1 13 ? 16.875  1.446   8.788   1.00 10.32 ? 113 ILE D O    1 
ATOM   863  C CB   . ILE B 1 13 ? 13.639  2.214   8.309   1.00 10.84 ? 113 ILE D CB   1 
ATOM   864  C CG1  . ILE B 1 13 ? 13.686  0.683   8.399   1.00 9.39  ? 113 ILE D CG1  1 
ATOM   865  C CG2  . ILE B 1 13 ? 12.626  2.687   7.268   1.00 8.77  ? 113 ILE D CG2  1 
ATOM   866  C CD1  . ILE B 1 13 ? 12.461  0.048   9.044   1.00 9.84  ? 113 ILE D CD1  1 
ATOM   867  N N    . LYS B 1 14 ? 15.928  2.877   10.247  1.00 11.73 ? 114 LYS D N    1 
ATOM   868  C CA   . LYS B 1 14 ? 16.770  2.468   11.362  1.00 12.96 ? 114 LYS D CA   1 
ATOM   869  C C    . LYS B 1 14 ? 15.829  2.208   12.534  1.00 13.15 ? 114 LYS D C    1 
ATOM   870  O O    . LYS B 1 14 ? 15.115  3.103   12.989  1.00 11.63 ? 114 LYS D O    1 
ATOM   871  C CB   . LYS B 1 14 ? 17.796  3.547   11.714  1.00 15.77 ? 114 LYS D CB   1 
ATOM   872  C CG   . LYS B 1 14 ? 18.942  3.030   12.580  1.00 19.38 ? 114 LYS D CG   1 
ATOM   873  C CD   . LYS B 1 14 ? 19.909  4.139   12.967  1.00 24.28 ? 114 LYS D CD   1 
ATOM   874  C CE   . LYS B 1 14 ? 20.470  4.861   11.744  1.00 26.10 ? 114 LYS D CE   1 
ATOM   875  N NZ   . LYS B 1 14 ? 21.423  5.948   12.125  1.00 28.97 ? 114 LYS D NZ   1 
ATOM   876  N N    . ILE B 1 15 ? 15.792  0.955   12.976  1.00 12.71 ? 115 ILE D N    1 
ATOM   877  C CA   . ILE B 1 15 ? 14.927  0.551   14.068  1.00 12.56 ? 115 ILE D CA   1 
ATOM   878  C C    . ILE B 1 15 ? 15.696  -0.354  15.021  1.00 13.93 ? 115 ILE D C    1 
ATOM   879  O O    . ILE B 1 15 ? 16.385  -1.280  14.590  1.00 14.29 ? 115 ILE D O    1 
ATOM   880  C CB   . ILE B 1 15 ? 13.666  -0.161  13.520  1.00 11.68 ? 115 ILE D CB   1 
ATOM   881  C CG1  . ILE B 1 15 ? 12.759  -0.593  14.671  1.00 11.46 ? 115 ILE D CG1  1 
ATOM   882  C CG2  . ILE B 1 15 ? 14.062  -1.307  12.595  1.00 10.54 ? 115 ILE D CG2  1 
ATOM   883  C CD1  . ILE B 1 15 ? 11.381  -1.012  14.237  1.00 10.52 ? 115 ILE D CD1  1 
ATOM   884  N N    . GLY B 1 16 ? 15.600  -0.057  16.316  1.00 15.16 ? 116 GLY D N    1 
ATOM   885  C CA   . GLY B 1 16 ? 16.314  -0.833  17.315  1.00 16.26 ? 116 GLY D CA   1 
ATOM   886  C C    . GLY B 1 16 ? 17.814  -0.672  17.131  1.00 16.93 ? 116 GLY D C    1 
ATOM   887  O O    . GLY B 1 16 ? 18.610  -1.433  17.682  1.00 18.57 ? 116 GLY D O    1 
ATOM   888  N N    . GLY B 1 17 ? 18.190  0.344   16.362  1.00 17.49 ? 117 GLY D N    1 
ATOM   889  C CA   . GLY B 1 17 ? 19.588  0.606   16.082  1.00 17.74 ? 117 GLY D CA   1 
ATOM   890  C C    . GLY B 1 17 ? 20.059  -0.115  14.835  1.00 18.00 ? 117 GLY D C    1 
ATOM   891  O O    . GLY B 1 17 ? 21.200  0.064   14.411  1.00 19.24 ? 117 GLY D O    1 
ATOM   892  N N    . GLN B 1 18 ? 19.175  -0.908  14.232  1.00 17.24 ? 118 GLN D N    1 
ATOM   893  C CA   . GLN B 1 18 ? 19.502  -1.669  13.029  1.00 16.70 ? 118 GLN D CA   1 
ATOM   894  C C    . GLN B 1 18 ? 18.883  -1.102  11.744  1.00 16.08 ? 118 GLN D C    1 
ATOM   895  O O    . GLN B 1 18 ? 17.702  -0.733  11.708  1.00 15.78 ? 118 GLN D O    1 
ATOM   896  C CB   . GLN B 1 18 ? 19.064  -3.120  13.211  1.00 18.58 ? 118 GLN D CB   1 
ATOM   897  C CG   . GLN B 1 18 ? 19.452  -4.048  12.070  1.00 21.78 ? 118 GLN D CG   1 
ATOM   898  C CD   . GLN B 1 18 ? 18.845  -5.435  12.209  1.00 23.85 ? 118 GLN D CD   1 
ATOM   899  O OE1  . GLN B 1 18 ? 17.634  -5.583  12.408  1.00 24.93 ? 118 GLN D OE1  1 
ATOM   900  N NE2  . GLN B 1 18 ? 19.682  -6.461  12.087  1.00 23.08 ? 118 GLN D NE2  1 
ATOM   901  N N    . LEU B 1 19 ? 19.683  -1.033  10.686  1.00 14.05 ? 119 LEU D N    1 
ATOM   902  C CA   . LEU B 1 19 ? 19.194  -0.532  9.410   1.00 14.28 ? 119 LEU D CA   1 
ATOM   903  C C    . LEU B 1 19 ? 18.427  -1.622  8.672   1.00 13.55 ? 119 LEU D C    1 
ATOM   904  O O    . LEU B 1 19 ? 18.813  -2.794  8.671   1.00 13.29 ? 119 LEU D O    1 
ATOM   905  C CB   . LEU B 1 19 ? 20.347  -0.046  8.530   1.00 16.53 ? 119 LEU D CB   1 
ATOM   906  C CG   . LEU B 1 19 ? 21.252  1.060   9.065   1.00 17.24 ? 119 LEU D CG   1 
ATOM   907  C CD1  . LEU B 1 19 ? 22.324  1.388   8.031   1.00 17.27 ? 119 LEU D CD1  1 
ATOM   908  C CD2  . LEU B 1 19 ? 20.410  2.271   9.362   1.00 18.50 ? 119 LEU D CD2  1 
ATOM   909  N N    . LYS B 1 20 ? 17.346  -1.223  8.023   1.00 13.10 ? 120 LYS D N    1 
ATOM   910  C CA   . LYS B 1 20 ? 16.516  -2.145  7.267   1.00 13.06 ? 120 LYS D CA   1 
ATOM   911  C C    . LYS B 1 20 ? 15.926  -1.407  6.081   1.00 12.31 ? 120 LYS D C    1 
ATOM   912  O O    . LYS B 1 20 ? 15.992  -0.183  6.003   1.00 11.91 ? 120 LYS D O    1 
ATOM   913  C CB   . LYS B 1 20 ? 15.383  -2.682  8.145   1.00 13.70 ? 120 LYS D CB   1 
ATOM   914  C CG   . LYS B 1 20 ? 15.841  -3.619  9.247   1.00 15.34 ? 120 LYS D CG   1 
ATOM   915  C CD   . LYS B 1 20 ? 14.677  -4.031  10.121  1.00 18.10 ? 120 LYS D CD   1 
ATOM   916  C CE   . LYS B 1 20 ? 15.041  -5.209  11.013  1.00 17.14 ? 120 LYS D CE   1 
ATOM   917  N NZ   . LYS B 1 20 ? 15.293  -6.450  10.226  1.00 17.75 ? 120 LYS D NZ   1 
ATOM   918  N N    . GLU B 1 21 ? 15.396  -2.163  5.130   1.00 11.56 ? 121 GLU D N    1 
ATOM   919  C CA   . GLU B 1 21 ? 14.773  -1.575  3.961   1.00 11.56 ? 121 GLU D CA   1 
ATOM   920  C C    . GLU B 1 21 ? 13.263  -1.704  4.136   1.00 10.56 ? 121 GLU D C    1 
ATOM   921  O O    . GLU B 1 21 ? 12.764  -2.774  4.476   1.00 11.23 ? 121 GLU D O    1 
ATOM   922  C CB   . GLU B 1 21 ? 15.238  -2.296  2.703   1.00 13.03 ? 121 GLU D CB   1 
ATOM   923  C CG   . GLU B 1 21 ? 14.753  -1.663  1.421   1.00 18.39 ? 121 GLU D CG   1 
ATOM   924  C CD   . GLU B 1 21 ? 15.339  -2.326  0.193   1.00 21.62 ? 121 GLU D CD   1 
ATOM   925  O OE1  . GLU B 1 21 ? 15.014  -3.507  -0.057  1.00 25.39 ? 121 GLU D OE1  1 
ATOM   926  O OE2  . GLU B 1 21 ? 16.121  -1.670  -0.523  1.00 23.32 ? 121 GLU D OE2  1 
ATOM   927  N N    . ALA B 1 22 ? 12.544  -0.604  3.943   1.00 9.11  ? 122 ALA D N    1 
ATOM   928  C CA   . ALA B 1 22 ? 11.094  -0.609  4.094   1.00 8.72  ? 122 ALA D CA   1 
ATOM   929  C C    . ALA B 1 22 ? 10.400  0.088   2.931   1.00 8.47  ? 122 ALA D C    1 
ATOM   930  O O    . ALA B 1 22 ? 10.967  0.970   2.288   1.00 8.82  ? 122 ALA D O    1 
ATOM   931  C CB   . ALA B 1 22 ? 10.704  0.038   5.401   1.00 5.87  ? 122 ALA D CB   1 
ATOM   932  N N    . LEU B 1 23 ? 9.156   -0.303  2.692   1.00 9.16  ? 123 LEU D N    1 
ATOM   933  C CA   . LEU B 1 23 ? 8.355   0.238   1.604   1.00 9.47  ? 123 LEU D CA   1 
ATOM   934  C C    . LEU B 1 23 ? 7.338   1.261   2.107   1.00 9.60  ? 123 LEU D C    1 
ATOM   935  O O    . LEU B 1 23 ? 6.546   0.955   2.996   1.00 9.09  ? 123 LEU D O    1 
ATOM   936  C CB   . LEU B 1 23 ? 7.626   -0.918  0.911   1.00 11.35 ? 123 LEU D CB   1 
ATOM   937  C CG   . LEU B 1 23 ? 6.682   -0.667  -0.262  1.00 12.95 ? 123 LEU D CG   1 
ATOM   938  C CD1  . LEU B 1 23 ? 7.483   -0.482  -1.521  1.00 14.31 ? 123 LEU D CD1  1 
ATOM   939  C CD2  . LEU B 1 23 ? 5.777   -1.864  -0.421  1.00 14.06 ? 123 LEU D CD2  1 
ATOM   940  N N    . LEU B 1 24 ? 7.384   2.478   1.557   1.00 9.10  ? 124 LEU D N    1 
ATOM   941  C CA   . LEU B 1 24 ? 6.442   3.542   1.919   1.00 9.09  ? 124 LEU D CA   1 
ATOM   942  C C    . LEU B 1 24 ? 5.097   3.123   1.332   1.00 9.19  ? 124 LEU D C    1 
ATOM   943  O O    . LEU B 1 24 ? 4.882   3.175   0.118   1.00 9.20  ? 124 LEU D O    1 
ATOM   944  C CB   . LEU B 1 24 ? 6.900   4.872   1.330   1.00 9.59  ? 124 LEU D CB   1 
ATOM   945  C CG   . LEU B 1 24 ? 8.327   5.263   1.725   1.00 10.24 ? 124 LEU D CG   1 
ATOM   946  C CD1  . LEU B 1 24 ? 8.674   6.602   1.105   1.00 12.64 ? 124 LEU D CD1  1 
ATOM   947  C CD2  . LEU B 1 24 ? 8.443   5.341   3.237   1.00 10.37 ? 124 LEU D CD2  1 
ATOM   948  N N    . ASP B 1 25 ? 4.200   2.693   2.210   1.00 9.29  ? 125 ASP D N    1 
ATOM   949  C CA   . ASP B 1 25 ? 2.908   2.170   1.797   1.00 8.19  ? 125 ASP D CA   1 
ATOM   950  C C    . ASP B 1 25 ? 1.702   3.016   2.188   1.00 8.19  ? 125 ASP D C    1 
ATOM   951  O O    . ASP B 1 25 ? 1.205   2.915   3.306   1.00 7.73  ? 125 ASP D O    1 
ATOM   952  C CB   . ASP B 1 25 ? 2.773   0.758   2.380   1.00 9.03  ? 125 ASP D CB   1 
ATOM   953  C CG   . ASP B 1 25 ? 1.635   -0.019  1.793   1.00 8.63  ? 125 ASP D CG   1 
ATOM   954  O OD1  . ASP B 1 25 ? 0.902   0.515   0.943   1.00 9.80  ? 125 ASP D OD1  1 
ATOM   955  O OD2  . ASP B 1 25 ? 1.475   -1.186  2.191   1.00 12.46 ? 125 ASP D OD2  1 
ATOM   956  N N    . THR B 1 26 ? 1.203   3.805   1.242   1.00 6.24  ? 126 THR D N    1 
ATOM   957  C CA   . THR B 1 26 ? 0.043   4.648   1.497   1.00 5.21  ? 126 THR D CA   1 
ATOM   958  C C    . THR B 1 26 ? -1.241  3.824   1.665   1.00 6.09  ? 126 THR D C    1 
ATOM   959  O O    . THR B 1 26 ? -2.266  4.359   2.082   1.00 7.87  ? 126 THR D O    1 
ATOM   960  C CB   . THR B 1 26 ? -0.163  5.677   0.386   1.00 4.26  ? 126 THR D CB   1 
ATOM   961  O OG1  . THR B 1 26 ? -0.376  5.002   -0.855  1.00 4.44  ? 126 THR D OG1  1 
ATOM   962  C CG2  . THR B 1 26 ? 1.050   6.579   0.275   1.00 3.49  ? 126 THR D CG2  1 
ATOM   963  N N    . GLY B 1 27 ? -1.179  2.537   1.330   1.00 4.46  ? 127 GLY D N    1 
ATOM   964  C CA   . GLY B 1 27 ? -2.334  1.666   1.472   1.00 4.71  ? 127 GLY D CA   1 
ATOM   965  C C    . GLY B 1 27 ? -2.308  0.879   2.773   1.00 4.32  ? 127 GLY D C    1 
ATOM   966  O O    . GLY B 1 27 ? -3.126  -0.010  2.986   1.00 6.49  ? 127 GLY D O    1 
ATOM   967  N N    . ALA B 1 28 ? -1.366  1.205   3.646   1.00 4.69  ? 128 ALA D N    1 
ATOM   968  C CA   . ALA B 1 28 ? -1.246  0.530   4.930   1.00 5.58  ? 128 ALA D CA   1 
ATOM   969  C C    . ALA B 1 28 ? -1.579  1.495   6.060   1.00 7.29  ? 128 ALA D C    1 
ATOM   970  O O    . ALA B 1 28 ? -1.003  2.581   6.137   1.00 6.17  ? 128 ALA D O    1 
ATOM   971  C CB   . ALA B 1 28 ? 0.164   0.004   5.105   1.00 6.83  ? 128 ALA D CB   1 
ATOM   972  N N    . ASP B 1 29 ? -2.518  1.114   6.924   1.00 7.98  ? 129 ASP D N    1 
ATOM   973  C CA   . ASP B 1 29 ? -2.892  1.969   8.060   1.00 9.05  ? 129 ASP D CA   1 
ATOM   974  C C    . ASP B 1 29 ? -1.750  1.987   9.068   1.00 8.92  ? 129 ASP D C    1 
ATOM   975  O O    . ASP B 1 29 ? -1.422  3.030   9.643   1.00 8.16  ? 129 ASP D O    1 
ATOM   976  C CB   . ASP B 1 29 ? -4.125  1.427   8.799   1.00 8.19  ? 129 ASP D CB   1 
ATOM   977  C CG   . ASP B 1 29 ? -5.386  1.440   7.962   1.00 10.76 ? 129 ASP D CG   1 
ATOM   978  O OD1  . ASP B 1 29 ? -5.480  2.190   6.968   1.00 9.93  ? 129 ASP D OD1  1 
ATOM   979  O OD2  . ASP B 1 29 ? -6.304  0.679   8.319   1.00 10.82 ? 129 ASP D OD2  1 
ATOM   980  N N    . ASP B 1 30 ? -1.129  0.822   9.236   1.00 8.21  ? 130 ASP D N    1 
ATOM   981  C CA   . ASP B 1 30 ? -0.066  0.635   10.207  1.00 8.79  ? 130 ASP D CA   1 
ATOM   982  C C    . ASP B 1 30 ? 1.272   0.268   9.599   1.00 8.61  ? 130 ASP D C    1 
ATOM   983  O O    . ASP B 1 30 ? 1.362   -0.060  8.423   1.00 8.87  ? 130 ASP D O    1 
ATOM   984  C CB   . ASP B 1 30 ? -0.474  -0.472  11.190  1.00 9.94  ? 130 ASP D CB   1 
ATOM   985  C CG   . ASP B 1 30 ? -1.912  -0.333  11.671  1.00 11.52 ? 130 ASP D CG   1 
ATOM   986  O OD1  . ASP B 1 30 ? -2.186  0.607   12.446  1.00 12.23 ? 130 ASP D OD1  1 
ATOM   987  O OD2  . ASP B 1 30 ? -2.765  -1.153  11.257  1.00 12.21 ? 130 ASP D OD2  1 
ATOM   988  N N    . THR B 1 31 ? 2.304   0.326   10.436  1.00 8.03  ? 131 THR D N    1 
ATOM   989  C CA   . THR B 1 31 ? 3.669   -0.013  10.067  1.00 8.81  ? 131 THR D CA   1 
ATOM   990  C C    . THR B 1 31 ? 3.941   -1.441  10.564  1.00 9.73  ? 131 THR D C    1 
ATOM   991  O O    . THR B 1 31 ? 3.765   -1.750  11.751  1.00 8.98  ? 131 THR D O    1 
ATOM   992  C CB   . THR B 1 31 ? 4.669   0.996   10.696  1.00 9.32  ? 131 THR D CB   1 
ATOM   993  O OG1  . THR B 1 31 ? 4.466   2.291   10.112  1.00 8.81  ? 131 THR D OG1  1 
ATOM   994  C CG2  . THR B 1 31 ? 6.117   0.549   10.494  1.00 6.26  ? 131 THR D CG2  1 
ATOM   995  N N    . VAL B 1 32 ? 4.292   -2.319  9.630   1.00 9.29  ? 132 VAL D N    1 
ATOM   996  C CA   . VAL B 1 32 ? 4.564   -3.718  9.942   1.00 8.74  ? 132 VAL D CA   1 
ATOM   997  C C    . VAL B 1 32 ? 5.986   -4.071  9.510   1.00 8.58  ? 132 VAL D C    1 
ATOM   998  O O    . VAL B 1 32 ? 6.350   -3.910  8.344   1.00 7.94  ? 132 VAL D O    1 
ATOM   999  C CB   . VAL B 1 32 ? 3.573   -4.661  9.219   1.00 8.59  ? 132 VAL D CB   1 
ATOM   1000 C CG1  . VAL B 1 32 ? 3.632   -6.048  9.822   1.00 10.51 ? 132 VAL D CG1  1 
ATOM   1001 C CG2  . VAL B 1 32 ? 2.162   -4.115  9.298   1.00 8.61  ? 132 VAL D CG2  1 
ATOM   1002 N N    . ILE B 1 33 ? 6.780   -4.555  10.457  1.00 7.64  ? 133 ILE D N    1 
ATOM   1003 C CA   . ILE B 1 33 ? 8.158   -4.929  10.188  1.00 8.52  ? 133 ILE D CA   1 
ATOM   1004 C C    . ILE B 1 33 ? 8.304   -6.438  10.371  1.00 9.83  ? 133 ILE D C    1 
ATOM   1005 O O    . ILE B 1 33 ? 7.633   -7.037  11.209  1.00 8.89  ? 133 ILE D O    1 
ATOM   1006 C CB   . ILE B 1 33 ? 9.136   -4.200  11.160  1.00 9.17  ? 133 ILE D CB   1 
ATOM   1007 C CG1  . ILE B 1 33 ? 8.912   -2.687  11.112  1.00 8.02  ? 133 ILE D CG1  1 
ATOM   1008 C CG2  . ILE B 1 33 ? 10.588  -4.519  10.812  1.00 6.33  ? 133 ILE D CG2  1 
ATOM   1009 C CD1  . ILE B 1 33 ? 9.175   -2.071  9.764   1.00 9.22  ? 133 ILE D CD1  1 
ATOM   1010 N N    . GLU B 1 34 ? 9.162   -7.046  9.559   1.00 10.37 ? 134 GLU D N    1 
ATOM   1011 C CA   . GLU B 1 34 ? 9.436   -8.477  9.617   1.00 11.33 ? 134 GLU D CA   1 
ATOM   1012 C C    . GLU B 1 34 ? 9.884   -8.862  11.031  1.00 11.57 ? 134 GLU D C    1 
ATOM   1013 O O    . GLU B 1 34 ? 10.342  -8.010  11.795  1.00 10.78 ? 134 GLU D O    1 
ATOM   1014 C CB   . GLU B 1 34 ? 10.550  -8.808  8.621   1.00 12.83 ? 134 GLU D CB   1 
ATOM   1015 C CG   . GLU B 1 34 ? 11.893  -8.163  8.996   1.00 14.28 ? 134 GLU D CG   1 
ATOM   1016 C CD   . GLU B 1 34 ? 12.850  -8.018  7.825   1.00 16.75 ? 134 GLU D CD   1 
ATOM   1017 O OE1  . GLU B 1 34 ? 12.614  -8.639  6.763   1.00 17.92 ? 134 GLU D OE1  1 
ATOM   1018 O OE2  . GLU B 1 34 ? 13.836  -7.258  7.967   1.00 18.41 ? 134 GLU D OE2  1 
ATOM   1019 N N    . GLU B 1 35 ? 9.786   -10.149 11.365  1.00 13.50 ? 135 GLU D N    1 
ATOM   1020 C CA   . GLU B 1 35 ? 10.178  -10.626 12.693  1.00 15.94 ? 135 GLU D CA   1 
ATOM   1021 C C    . GLU B 1 35 ? 11.590  -10.162 12.999  1.00 14.95 ? 135 GLU D C    1 
ATOM   1022 O O    . GLU B 1 35 ? 12.486  -10.268 12.167  1.00 15.57 ? 135 GLU D O    1 
ATOM   1023 C CB   . GLU B 1 35 ? 10.099  -12.161 12.787  1.00 18.71 ? 135 GLU D CB   1 
ATOM   1024 C CG   . GLU B 1 35 ? 9.963   -12.730 14.227  1.00 26.04 ? 135 GLU D CG   1 
ATOM   1025 C CD   . GLU B 1 35 ? 11.292  -12.894 15.003  1.00 30.14 ? 135 GLU D CD   1 
ATOM   1026 O OE1  . GLU B 1 35 ? 12.338  -13.219 14.393  1.00 33.58 ? 135 GLU D OE1  1 
ATOM   1027 O OE2  . GLU B 1 35 ? 11.282  -12.727 16.249  1.00 31.79 ? 135 GLU D OE2  1 
ATOM   1028 N N    . MET B 1 36 ? 11.767  -9.619  14.194  1.00 14.82 ? 136 MET D N    1 
ATOM   1029 C CA   . MET B 1 36 ? 13.060  -9.126  14.629  1.00 15.73 ? 136 MET D CA   1 
ATOM   1030 C C    . MET B 1 36 ? 13.012  -8.943  16.134  1.00 16.72 ? 136 MET D C    1 
ATOM   1031 O O    . MET B 1 36 ? 11.933  -8.961  16.736  1.00 16.19 ? 136 MET D O    1 
ATOM   1032 C CB   . MET B 1 36 ? 13.349  -7.771  13.978  1.00 15.18 ? 136 MET D CB   1 
ATOM   1033 C CG   . MET B 1 36 ? 12.398  -6.661  14.433  1.00 15.75 ? 136 MET D CG   1 
ATOM   1034 S SD   . MET B 1 36 ? 12.810  -5.035  13.779  1.00 14.64 ? 136 MET D SD   1 
ATOM   1035 C CE   . MET B 1 36 ? 14.309  -4.675  14.673  1.00 15.40 ? 136 MET D CE   1 
ATOM   1036 N N    . SER B 1 37 ? 14.186  -8.790  16.736  1.00 17.71 ? 137 SER D N    1 
ATOM   1037 C CA   . SER B 1 37 ? 14.293  -8.552  18.170  1.00 19.03 ? 137 SER D CA   1 
ATOM   1038 C C    . SER B 1 37 ? 14.188  -7.041  18.339  1.00 18.66 ? 137 SER D C    1 
ATOM   1039 O O    . SER B 1 37 ? 14.938  -6.289  17.728  1.00 18.75 ? 137 SER D O    1 
ATOM   1040 C CB   . SER B 1 37 ? 15.641  -9.038  18.702  1.00 18.74 ? 137 SER D CB   1 
ATOM   1041 O OG   . SER B 1 37 ? 15.785  -10.429 18.506  1.00 21.17 ? 137 SER D OG   1 
ATOM   1042 N N    . LEU B 1 38 ? 13.248  -6.590  19.151  1.00 18.64 ? 138 LEU D N    1 
ATOM   1043 C CA   . LEU B 1 38 ? 13.083  -5.159  19.345  1.00 19.95 ? 138 LEU D CA   1 
ATOM   1044 C C    . LEU B 1 38 ? 12.992  -4.844  20.834  1.00 21.11 ? 138 LEU D C    1 
ATOM   1045 O O    . LEU B 1 38 ? 12.264  -5.506  21.571  1.00 20.35 ? 138 LEU D O    1 
ATOM   1046 C CB   . LEU B 1 38 ? 11.831  -4.690  18.606  1.00 19.30 ? 138 LEU D CB   1 
ATOM   1047 C CG   . LEU B 1 38 ? 11.591  -3.194  18.420  1.00 19.95 ? 138 LEU D CG   1 
ATOM   1048 C CD1  . LEU B 1 38 ? 12.785  -2.554  17.731  1.00 18.99 ? 138 LEU D CD1  1 
ATOM   1049 C CD2  . LEU B 1 38 ? 10.320  -3.002  17.600  1.00 18.82 ? 138 LEU D CD2  1 
ATOM   1050 N N    . PRO B 1 39 ? 13.787  -3.867  21.304  1.00 22.67 ? 139 PRO D N    1 
ATOM   1051 C CA   . PRO B 1 39 ? 13.761  -3.500  22.722  1.00 24.03 ? 139 PRO D CA   1 
ATOM   1052 C C    . PRO B 1 39 ? 12.406  -2.911  23.089  1.00 26.34 ? 139 PRO D C    1 
ATOM   1053 O O    . PRO B 1 39 ? 11.969  -1.912  22.504  1.00 27.90 ? 139 PRO D O    1 
ATOM   1054 C CB   . PRO B 1 39 ? 14.867  -2.451  22.824  1.00 23.31 ? 139 PRO D CB   1 
ATOM   1055 C CG   . PRO B 1 39 ? 15.810  -2.830  21.721  1.00 23.32 ? 139 PRO D CG   1 
ATOM   1056 C CD   . PRO B 1 39 ? 14.856  -3.140  20.599  1.00 22.52 ? 139 PRO D CD   1 
ATOM   1057 N N    . GLY B 1 40 ? 11.726  -3.567  24.024  1.00 27.31 ? 140 GLY D N    1 
ATOM   1058 C CA   . GLY B 1 40 ? 10.428  -3.094  24.461  1.00 28.62 ? 140 GLY D CA   1 
ATOM   1059 C C    . GLY B 1 40 ? 9.420   -4.190  24.738  1.00 29.10 ? 140 GLY D C    1 
ATOM   1060 O O    . GLY B 1 40 ? 9.569   -5.322  24.279  1.00 29.04 ? 140 GLY D O    1 
ATOM   1061 N N    . ARG B 1 41 ? 8.422   -3.866  25.553  1.00 29.53 ? 141 ARG D N    1 
ATOM   1062 C CA   . ARG B 1 41 ? 7.371   -4.817  25.867  1.00 29.67 ? 141 ARG D CA   1 
ATOM   1063 C C    . ARG B 1 41 ? 6.344   -4.736  24.742  1.00 28.13 ? 141 ARG D C    1 
ATOM   1064 O O    . ARG B 1 41 ? 6.260   -3.725  24.042  1.00 28.70 ? 141 ARG D O    1 
ATOM   1065 C CB   . ARG B 1 41 ? 6.744   -4.548  27.246  1.00 32.25 ? 141 ARG D CB   1 
ATOM   1066 C CG   . ARG B 1 41 ? 6.348   -3.107  27.559  1.00 37.45 ? 141 ARG D CG   1 
ATOM   1067 C CD   . ARG B 1 41 ? 7.551   -2.226  27.897  1.00 41.79 ? 141 ARG D CD   1 
ATOM   1068 N NE   . ARG B 1 41 ? 8.028   -1.463  26.742  1.00 46.16 ? 141 ARG D NE   1 
ATOM   1069 C CZ   . ARG B 1 41 ? 9.230   -0.897  26.649  1.00 48.12 ? 141 ARG D CZ   1 
ATOM   1070 N NH1  . ARG B 1 41 ? 10.102  -1.004  27.646  1.00 49.81 ? 141 ARG D NH1  1 
ATOM   1071 N NH2  . ARG B 1 41 ? 9.560   -0.213  25.555  1.00 48.77 ? 141 ARG D NH2  1 
ATOM   1072 N N    . TRP B 1 42 ? 5.588   -5.811  24.547  1.00 25.97 ? 142 TRP D N    1 
ATOM   1073 C CA   . TRP B 1 42 ? 4.602   -5.863  23.473  1.00 23.14 ? 142 TRP D CA   1 
ATOM   1074 C C    . TRP B 1 42 ? 3.366   -6.667  23.840  1.00 22.40 ? 142 TRP D C    1 
ATOM   1075 O O    . TRP B 1 42 ? 3.375   -7.450  24.791  1.00 21.50 ? 142 TRP D O    1 
ATOM   1076 C CB   . TRP B 1 42 ? 5.246   -6.486  22.229  1.00 21.01 ? 142 TRP D CB   1 
ATOM   1077 C CG   . TRP B 1 42 ? 5.736   -7.897  22.448  1.00 17.90 ? 142 TRP D CG   1 
ATOM   1078 C CD1  . TRP B 1 42 ? 6.991   -8.280  22.835  1.00 17.12 ? 142 TRP D CD1  1 
ATOM   1079 C CD2  . TRP B 1 42 ? 4.981   -9.105  22.293  1.00 15.41 ? 142 TRP D CD2  1 
ATOM   1080 N NE1  . TRP B 1 42 ? 7.060   -9.648  22.927  1.00 14.46 ? 142 TRP D NE1  1 
ATOM   1081 C CE2  . TRP B 1 42 ? 5.840   -10.178 22.599  1.00 15.10 ? 142 TRP D CE2  1 
ATOM   1082 C CE3  . TRP B 1 42 ? 3.659   -9.381  21.926  1.00 14.19 ? 142 TRP D CE3  1 
ATOM   1083 C CZ2  . TRP B 1 42 ? 5.418   -11.512 22.549  1.00 15.48 ? 142 TRP D CZ2  1 
ATOM   1084 C CZ3  . TRP B 1 42 ? 3.239   -10.702 21.878  1.00 14.62 ? 142 TRP D CZ3  1 
ATOM   1085 C CH2  . TRP B 1 42 ? 4.115   -11.753 22.186  1.00 15.19 ? 142 TRP D CH2  1 
ATOM   1086 N N    . LYS B 1 43 ? 2.314   -6.492  23.043  1.00 22.33 ? 143 LYS D N    1 
ATOM   1087 C CA   . LYS B 1 43 ? 1.055   -7.205  23.231  1.00 22.33 ? 143 LYS D CA   1 
ATOM   1088 C C    . LYS B 1 43 ? 0.640   -7.808  21.899  1.00 21.43 ? 143 LYS D C    1 
ATOM   1089 O O    . LYS B 1 43 ? 0.894   -7.223  20.844  1.00 20.59 ? 143 LYS D O    1 
ATOM   1090 C CB   . LYS B 1 43 ? -0.039  -6.265  23.756  1.00 24.17 ? 143 LYS D CB   1 
ATOM   1091 C CG   . LYS B 1 43 ? -0.223  -4.993  22.946  1.00 27.43 ? 143 LYS D CG   1 
ATOM   1092 C CD   . LYS B 1 43 ? -1.465  -4.220  23.383  1.00 29.45 ? 143 LYS D CD   1 
ATOM   1093 C CE   . LYS B 1 43 ? -1.623  -2.926  22.588  1.00 30.60 ? 143 LYS D CE   1 
ATOM   1094 N NZ   . LYS B 1 43 ? -2.930  -2.248  22.830  1.00 31.92 ? 143 LYS D NZ   1 
ATOM   1095 N N    . PRO B 1 44 ? 0.026   -9.003  21.923  1.00 21.24 ? 144 PRO D N    1 
ATOM   1096 C CA   . PRO B 1 44 ? -0.404  -9.650  20.678  1.00 21.03 ? 144 PRO D CA   1 
ATOM   1097 C C    . PRO B 1 44 ? -1.520  -8.857  20.006  1.00 21.23 ? 144 PRO D C    1 
ATOM   1098 O O    . PRO B 1 44 ? -2.368  -8.263  20.675  1.00 21.39 ? 144 PRO D O    1 
ATOM   1099 C CB   . PRO B 1 44 ? -0.900  -11.021 21.152  1.00 20.25 ? 144 PRO D CB   1 
ATOM   1100 C CG   . PRO B 1 44 ? -0.183  -11.234 22.450  1.00 21.22 ? 144 PRO D CG   1 
ATOM   1101 C CD   . PRO B 1 44 ? -0.236  -9.876  23.080  1.00 20.52 ? 144 PRO D CD   1 
ATOM   1102 N N    . LYS B 1 45 ? -1.487  -8.831  18.679  1.00 21.40 ? 145 LYS D N    1 
ATOM   1103 C CA   . LYS B 1 45 ? -2.478  -8.130  17.874  1.00 21.23 ? 145 LYS D CA   1 
ATOM   1104 C C    . LYS B 1 45 ? -2.599  -8.845  16.535  1.00 19.60 ? 145 LYS D C    1 
ATOM   1105 O O    . LYS B 1 45 ? -1.725  -9.627  16.158  1.00 19.03 ? 145 LYS D O    1 
ATOM   1106 C CB   . LYS B 1 45 ? -2.061  -6.671  17.648  1.00 24.75 ? 145 LYS D CB   1 
ATOM   1107 C CG   . LYS B 1 45 ? -3.048  -5.644  18.217  1.00 30.18 ? 145 LYS D CG   1 
ATOM   1108 C CD   . LYS B 1 45 ? -3.104  -5.689  19.749  1.00 32.98 ? 145 LYS D CD   1 
ATOM   1109 C CE   . LYS B 1 45 ? -4.175  -4.768  20.331  1.00 34.87 ? 145 LYS D CE   1 
ATOM   1110 N NZ   . LYS B 1 45 ? -3.891  -3.319  20.101  1.00 36.53 ? 145 LYS D NZ   1 
ATOM   1111 N N    . MET B 1 46 ? -3.695  -8.599  15.829  1.00 17.82 ? 146 MET D N    1 
ATOM   1112 C CA   . MET B 1 46 ? -3.910  -9.231  14.537  1.00 18.63 ? 146 MET D CA   1 
ATOM   1113 C C    . MET B 1 46 ? -4.278  -8.190  13.484  1.00 17.29 ? 146 MET D C    1 
ATOM   1114 O O    . MET B 1 46 ? -5.110  -7.315  13.729  1.00 17.94 ? 146 MET D O    1 
ATOM   1115 C CB   . MET B 1 46 ? -4.995  -10.305 14.643  1.00 19.75 ? 146 MET D CB   1 
ATOM   1116 C CG   . MET B 1 46 ? -5.110  -11.184 13.411  1.00 24.22 ? 146 MET D CG   1 
ATOM   1117 S SD   . MET B 1 46 ? -5.942  -12.742 13.757  1.00 27.55 ? 146 MET D SD   1 
ATOM   1118 C CE   . MET B 1 46 ? -7.566  -12.358 13.284  1.00 24.23 ? 146 MET D CE   1 
ATOM   1119 N N    . ILE B 1 47 ? -3.640  -8.280  12.318  1.00 15.58 ? 147 ILE D N    1 
ATOM   1120 C CA   . ILE B 1 47 ? -3.895  -7.346  11.221  1.00 14.08 ? 147 ILE D CA   1 
ATOM   1121 C C    . ILE B 1 47 ? -4.257  -8.097  9.954   1.00 13.00 ? 147 ILE D C    1 
ATOM   1122 O O    . ILE B 1 47 ? -3.893  -9.261  9.786   1.00 11.73 ? 147 ILE D O    1 
ATOM   1123 C CB   . ILE B 1 47 ? -2.662  -6.455  10.924  1.00 13.86 ? 147 ILE D CB   1 
ATOM   1124 C CG1  . ILE B 1 47 ? -1.477  -7.327  10.500  1.00 13.63 ? 147 ILE D CG1  1 
ATOM   1125 C CG2  . ILE B 1 47 ? -2.298  -5.627  12.147  1.00 13.88 ? 147 ILE D CG2  1 
ATOM   1126 C CD1  . ILE B 1 47 ? -0.234  -6.566  10.207  1.00 13.44 ? 147 ILE D CD1  1 
ATOM   1127 N N    . GLY B 1 48 ? -4.953  -7.416  9.052   1.00 12.84 ? 148 GLY D N    1 
ATOM   1128 C CA   . GLY B 1 48 ? -5.338  -8.051  7.811   1.00 13.44 ? 148 GLY D CA   1 
ATOM   1129 C C    . GLY B 1 48 ? -4.879  -7.271  6.601   1.00 13.94 ? 148 GLY D C    1 
ATOM   1130 O O    . GLY B 1 48 ? -4.501  -6.107  6.706   1.00 14.14 ? 148 GLY D O    1 
ATOM   1131 N N    . GLY B 1 49 ? -4.899  -7.932  5.454   1.00 13.78 ? 149 GLY D N    1 
ATOM   1132 C CA   . GLY B 1 49 ? -4.511  -7.296  4.213   1.00 14.97 ? 149 GLY D CA   1 
ATOM   1133 C C    . GLY B 1 49 ? -5.050  -8.145  3.087   1.00 16.83 ? 149 GLY D C    1 
ATOM   1134 O O    . GLY B 1 49 ? -6.105  -8.769  3.233   1.00 18.07 ? 149 GLY D O    1 
ATOM   1135 N N    . ILE B 1 50 ? -4.363  -8.141  1.951   1.00 17.18 ? 150 ILE D N    1 
ATOM   1136 C CA   . ILE B 1 50 ? -4.772  -8.962  0.822   1.00 19.22 ? 150 ILE D CA   1 
ATOM   1137 C C    . ILE B 1 50 ? -4.370  -10.374 1.214   1.00 19.15 ? 150 ILE D C    1 
ATOM   1138 O O    . ILE B 1 50 ? -3.262  -10.593 1.712   1.00 21.51 ? 150 ILE D O    1 
ATOM   1139 C CB   . ILE B 1 50 ? -4.032  -8.558  -0.482  1.00 19.72 ? 150 ILE D CB   1 
ATOM   1140 C CG1  . ILE B 1 50 ? -4.592  -7.241  -1.007  1.00 22.13 ? 150 ILE D CG1  1 
ATOM   1141 C CG2  . ILE B 1 50 ? -4.168  -9.645  -1.557  1.00 21.25 ? 150 ILE D CG2  1 
ATOM   1142 C CD1  . ILE B 1 50 ? -6.066  -7.280  -1.341  1.00 24.25 ? 150 ILE D CD1  1 
ATOM   1143 N N    . GLY B 1 51 ? -5.283  -11.318 1.041   1.00 18.84 ? 151 GLY D N    1 
ATOM   1144 C CA   . GLY B 1 51 ? -4.971  -12.688 1.383   1.00 16.65 ? 151 GLY D CA   1 
ATOM   1145 C C    . GLY B 1 51 ? -5.441  -13.112 2.755   1.00 16.15 ? 151 GLY D C    1 
ATOM   1146 O O    . GLY B 1 51 ? -5.755  -14.285 2.948   1.00 15.56 ? 151 GLY D O    1 
ATOM   1147 N N    . GLY B 1 52 ? -5.467  -12.189 3.714   1.00 14.84 ? 152 GLY D N    1 
ATOM   1148 C CA   . GLY B 1 52 ? -5.927  -12.557 5.040   1.00 14.81 ? 152 GLY D CA   1 
ATOM   1149 C C    . GLY B 1 52 ? -5.328  -11.847 6.235   1.00 13.82 ? 152 GLY D C    1 
ATOM   1150 O O    . GLY B 1 52 ? -4.718  -10.790 6.118   1.00 11.81 ? 152 GLY D O    1 
ATOM   1151 N N    . PHE B 1 53 ? -5.503  -12.474 7.395   1.00 14.02 ? 153 PHE D N    1 
ATOM   1152 C CA   . PHE B 1 53 ? -5.028  -11.950 8.672   1.00 13.71 ? 153 PHE D CA   1 
ATOM   1153 C C    . PHE B 1 53 ? -3.825  -12.682 9.236   1.00 13.09 ? 153 PHE D C    1 
ATOM   1154 O O    . PHE B 1 53 ? -3.726  -13.906 9.143   1.00 13.23 ? 153 PHE D O    1 
ATOM   1155 C CB   . PHE B 1 53 ? -6.152  -11.999 9.712   1.00 14.58 ? 153 PHE D CB   1 
ATOM   1156 C CG   . PHE B 1 53 ? -7.290  -11.073 9.421   1.00 15.49 ? 153 PHE D CG   1 
ATOM   1157 C CD1  . PHE B 1 53 ? -8.194  -11.362 8.409   1.00 15.62 ? 153 PHE D CD1  1 
ATOM   1158 C CD2  . PHE B 1 53 ? -7.459  -9.906  10.162  1.00 16.85 ? 153 PHE D CD2  1 
ATOM   1159 C CE1  . PHE B 1 53 ? -9.253  -10.505 8.131   1.00 17.00 ? 153 PHE D CE1  1 
ATOM   1160 C CE2  . PHE B 1 53 ? -8.522  -9.034  9.895   1.00 18.25 ? 153 PHE D CE2  1 
ATOM   1161 C CZ   . PHE B 1 53 ? -9.420  -9.338  8.876   1.00 17.66 ? 153 PHE D CZ   1 
ATOM   1162 N N    . ILE B 1 54 ? -2.926  -11.917 9.846   1.00 12.97 ? 154 ILE D N    1 
ATOM   1163 C CA   . ILE B 1 54 ? -1.732  -12.469 10.467  1.00 13.81 ? 154 ILE D CA   1 
ATOM   1164 C C    . ILE B 1 54 ? -1.597  -11.957 11.904  1.00 13.46 ? 154 ILE D C    1 
ATOM   1165 O O    . ILE B 1 54 ? -2.161  -10.922 12.266  1.00 13.03 ? 154 ILE D O    1 
ATOM   1166 C CB   . ILE B 1 54 ? -0.422  -12.130 9.672   1.00 14.21 ? 154 ILE D CB   1 
ATOM   1167 C CG1  . ILE B 1 54 ? -0.125  -10.630 9.704   1.00 13.23 ? 154 ILE D CG1  1 
ATOM   1168 C CG2  . ILE B 1 54 ? -0.525  -12.618 8.225   1.00 14.64 ? 154 ILE D CG2  1 
ATOM   1169 C CD1  . ILE B 1 54 ? 1.252   -10.278 9.183   1.00 11.82 ? 154 ILE D CD1  1 
ATOM   1170 N N    . LYS B 1 55 ? -0.862  -12.701 12.723  1.00 13.36 ? 155 LYS D N    1 
ATOM   1171 C CA   . LYS B 1 55 ? -0.637  -12.332 14.112  1.00 14.13 ? 155 LYS D CA   1 
ATOM   1172 C C    . LYS B 1 55 ? 0.661   -11.534 14.216  1.00 13.12 ? 155 LYS D C    1 
ATOM   1173 O O    . LYS B 1 55 ? 1.687   -11.923 13.655  1.00 13.35 ? 155 LYS D O    1 
ATOM   1174 C CB   . LYS B 1 55 ? -0.574  -13.588 14.994  1.00 16.45 ? 155 LYS D CB   1 
ATOM   1175 C CG   . LYS B 1 55 ? -1.924  -14.309 15.194  1.00 21.03 ? 155 LYS D CG   1 
ATOM   1176 C CD   . LYS B 1 55 ? -2.555  -14.740 13.867  1.00 25.91 ? 155 LYS D CD   1 
ATOM   1177 C CE   . LYS B 1 55 ? -3.938  -15.359 14.034  1.00 29.60 ? 155 LYS D CE   1 
ATOM   1178 N NZ   . LYS B 1 55 ? -3.916  -16.846 14.245  1.00 33.32 ? 155 LYS D NZ   1 
ATOM   1179 N N    . VAL B 1 56 ? 0.609   -10.407 14.920  1.00 12.53 ? 156 VAL D N    1 
ATOM   1180 C CA   . VAL B 1 56 ? 1.787   -9.565  15.084  1.00 12.62 ? 156 VAL D CA   1 
ATOM   1181 C C    . VAL B 1 56 ? 2.019   -9.147  16.528  1.00 13.72 ? 156 VAL D C    1 
ATOM   1182 O O    . VAL B 1 56 ? 1.133   -9.256  17.376  1.00 13.86 ? 156 VAL D O    1 
ATOM   1183 C CB   . VAL B 1 56 ? 1.689   -8.277  14.228  1.00 12.08 ? 156 VAL D CB   1 
ATOM   1184 C CG1  . VAL B 1 56 ? 1.632   -8.621  12.750  1.00 11.00 ? 156 VAL D CG1  1 
ATOM   1185 C CG2  . VAL B 1 56 ? 0.469   -7.458  14.643  1.00 12.46 ? 156 VAL D CG2  1 
ATOM   1186 N N    . ARG B 1 57 ? 3.238   -8.703  16.811  1.00 14.09 ? 157 ARG D N    1 
ATOM   1187 C CA   . ARG B 1 57 ? 3.576   -8.230  18.145  1.00 15.33 ? 157 ARG D CA   1 
ATOM   1188 C C    . ARG B 1 57 ? 3.460   -6.718  18.056  1.00 14.55 ? 157 ARG D C    1 
ATOM   1189 O O    . ARG B 1 57 ? 4.089   -6.104  17.196  1.00 14.42 ? 157 ARG D O    1 
ATOM   1190 C CB   . ARG B 1 57 ? 5.011   -8.625  18.533  1.00 17.19 ? 157 ARG D CB   1 
ATOM   1191 C CG   . ARG B 1 57 ? 5.361   -10.101 18.334  1.00 22.09 ? 157 ARG D CG   1 
ATOM   1192 C CD   . ARG B 1 57 ? 4.219   -11.029 18.751  1.00 28.04 ? 157 ARG D CD   1 
ATOM   1193 N NE   . ARG B 1 57 ? 4.448   -12.434 18.392  1.00 31.66 ? 157 ARG D NE   1 
ATOM   1194 C CZ   . ARG B 1 57 ? 3.496   -13.368 18.333  1.00 32.31 ? 157 ARG D CZ   1 
ATOM   1195 N NH1  . ARG B 1 57 ? 2.230   -13.068 18.614  1.00 32.36 ? 157 ARG D NH1  1 
ATOM   1196 N NH2  . ARG B 1 57 ? 3.811   -14.602 17.962  1.00 32.96 ? 157 ARG D NH2  1 
ATOM   1197 N N    . GLN B 1 58 ? 2.613   -6.117  18.887  1.00 14.12 ? 158 GLN D N    1 
ATOM   1198 C CA   . GLN B 1 58 ? 2.454   -4.671  18.864  1.00 13.83 ? 158 GLN D CA   1 
ATOM   1199 C C    . GLN B 1 58 ? 3.357   -3.938  19.848  1.00 14.24 ? 158 GLN D C    1 
ATOM   1200 O O    . GLN B 1 58 ? 3.213   -4.082  21.065  1.00 12.96 ? 158 GLN D O    1 
ATOM   1201 C CB   . GLN B 1 58 ? 1.002   -4.261  19.102  1.00 15.03 ? 158 GLN D CB   1 
ATOM   1202 C CG   . GLN B 1 58 ? 0.790   -2.763  18.910  1.00 17.67 ? 158 GLN D CG   1 
ATOM   1203 C CD   . GLN B 1 58 ? -0.622  -2.305  19.195  1.00 19.32 ? 158 GLN D CD   1 
ATOM   1204 O OE1  . GLN B 1 58 ? -1.585  -2.887  18.713  1.00 22.94 ? 158 GLN D OE1  1 
ATOM   1205 N NE2  . GLN B 1 58 ? -0.750  -1.242  19.973  1.00 20.27 ? 158 GLN D NE2  1 
ATOM   1206 N N    . TYR B 1 59 ? 4.302   -3.170  19.306  1.00 15.02 ? 159 TYR D N    1 
ATOM   1207 C CA   . TYR B 1 59 ? 5.217   -2.367  20.110  1.00 15.86 ? 159 TYR D CA   1 
ATOM   1208 C C    . TYR B 1 59 ? 4.770   -0.909  19.995  1.00 17.35 ? 159 TYR D C    1 
ATOM   1209 O O    . TYR B 1 59 ? 4.564   -0.399  18.895  1.00 17.16 ? 159 TYR D O    1 
ATOM   1210 C CB   . TYR B 1 59 ? 6.657   -2.498  19.610  1.00 14.94 ? 159 TYR D CB   1 
ATOM   1211 C CG   . TYR B 1 59 ? 7.297   -3.840  19.851  1.00 13.69 ? 159 TYR D CG   1 
ATOM   1212 C CD1  . TYR B 1 59 ? 7.108   -4.896  18.956  1.00 14.06 ? 159 TYR D CD1  1 
ATOM   1213 C CD2  . TYR B 1 59 ? 8.108   -4.055  20.960  1.00 12.69 ? 159 TYR D CD2  1 
ATOM   1214 C CE1  . TYR B 1 59 ? 7.713   -6.136  19.163  1.00 12.99 ? 159 TYR D CE1  1 
ATOM   1215 C CE2  . TYR B 1 59 ? 8.715   -5.289  21.174  1.00 11.75 ? 159 TYR D CE2  1 
ATOM   1216 C CZ   . TYR B 1 59 ? 8.514   -6.322  20.270  1.00 11.88 ? 159 TYR D CZ   1 
ATOM   1217 O OH   . TYR B 1 59 ? 9.130   -7.536  20.461  1.00 12.28 ? 159 TYR D OH   1 
ATOM   1218 N N    . ASP B 1 60 ? 4.621   -0.245  21.135  1.00 19.51 ? 160 ASP D N    1 
ATOM   1219 C CA   . ASP B 1 60 ? 4.180   1.147   21.159  1.00 21.54 ? 160 ASP D CA   1 
ATOM   1220 C C    . ASP B 1 60 ? 5.328   2.130   21.367  1.00 21.62 ? 160 ASP D C    1 
ATOM   1221 O O    . ASP B 1 60 ? 6.362   1.778   21.936  1.00 21.36 ? 160 ASP D O    1 
ATOM   1222 C CB   . ASP B 1 60 ? 3.128   1.353   22.265  1.00 23.93 ? 160 ASP D CB   1 
ATOM   1223 C CG   . ASP B 1 60 ? 1.827   0.587   22.008  1.00 26.91 ? 160 ASP D CG   1 
ATOM   1224 O OD1  . ASP B 1 60 ? 1.312   0.623   20.868  1.00 28.98 ? 160 ASP D OD1  1 
ATOM   1225 O OD2  . ASP B 1 60 ? 1.302   -0.036  22.957  1.00 28.66 ? 160 ASP D OD2  1 
ATOM   1226 N N    . GLN B 1 61 ? 5.136   3.351   20.872  1.00 22.07 ? 161 GLN D N    1 
ATOM   1227 C CA   . GLN B 1 61 ? 6.102   4.445   21.003  1.00 22.38 ? 161 GLN D CA   1 
ATOM   1228 C C    . GLN B 1 61 ? 7.550   4.064   20.645  1.00 21.06 ? 161 GLN D C    1 
ATOM   1229 O O    . GLN B 1 61 ? 8.497   4.393   21.370  1.00 21.36 ? 161 GLN D O    1 
ATOM   1230 C CB   . GLN B 1 61 ? 6.021   5.019   22.426  1.00 25.11 ? 161 GLN D CB   1 
ATOM   1231 C CG   . GLN B 1 61 ? 6.263   6.523   22.546  1.00 28.72 ? 161 GLN D CG   1 
ATOM   1232 C CD   . GLN B 1 61 ? 5.926   7.054   23.936  1.00 30.67 ? 161 GLN D CD   1 
ATOM   1233 O OE1  . GLN B 1 61 ? 4.896   6.701   24.513  1.00 32.01 ? 161 GLN D OE1  1 
ATOM   1234 N NE2  . GLN B 1 61 ? 6.790   7.912   24.473  1.00 30.41 ? 161 GLN D NE2  1 
ATOM   1235 N N    . ILE B 1 62 ? 7.707   3.382   19.512  1.00 18.01 ? 162 ILE D N    1 
ATOM   1236 C CA   . ILE B 1 62 ? 9.011   2.943   19.024  1.00 15.31 ? 162 ILE D CA   1 
ATOM   1237 C C    . ILE B 1 62 ? 9.681   4.034   18.193  1.00 14.83 ? 162 ILE D C    1 
ATOM   1238 O O    . ILE B 1 62 ? 9.075   4.582   17.274  1.00 15.31 ? 162 ILE D O    1 
ATOM   1239 C CB   . ILE B 1 62 ? 8.858   1.686   18.143  1.00 15.82 ? 162 ILE D CB   1 
ATOM   1240 C CG1  . ILE B 1 62 ? 8.394   0.506   18.991  1.00 14.59 ? 162 ILE D CG1  1 
ATOM   1241 C CG2  . ILE B 1 62 ? 10.155  1.376   17.399  1.00 14.21 ? 162 ILE D CG2  1 
ATOM   1242 C CD1  . ILE B 1 62 ? 9.433   0.000   19.973  1.00 16.45 ? 162 ILE D CD1  1 
ATOM   1243 N N    . ILE B 1 63 ? 10.928  4.354   18.525  1.00 14.25 ? 163 ILE D N    1 
ATOM   1244 C CA   . ILE B 1 63 ? 11.678  5.369   17.787  1.00 14.75 ? 163 ILE D CA   1 
ATOM   1245 C C    . ILE B 1 63 ? 12.189  4.736   16.494  1.00 15.75 ? 163 ILE D C    1 
ATOM   1246 O O    . ILE B 1 63 ? 12.837  3.688   16.524  1.00 16.18 ? 163 ILE D O    1 
ATOM   1247 C CB   . ILE B 1 63 ? 12.891  5.903   18.596  1.00 13.17 ? 163 ILE D CB   1 
ATOM   1248 C CG1  . ILE B 1 63 ? 12.434  6.532   19.913  1.00 12.38 ? 163 ILE D CG1  1 
ATOM   1249 C CG2  . ILE B 1 63 ? 13.632  6.936   17.787  1.00 15.10 ? 163 ILE D CG2  1 
ATOM   1250 C CD1  . ILE B 1 63 ? 13.569  7.073   20.756  1.00 9.23  ? 163 ILE D CD1  1 
ATOM   1251 N N    . ILE B 1 64 ? 11.887  5.360   15.362  1.00 16.15 ? 164 ILE D N    1 
ATOM   1252 C CA   . ILE B 1 64 ? 12.324  4.834   14.077  1.00 16.65 ? 164 ILE D CA   1 
ATOM   1253 C C    . ILE B 1 64 ? 12.662  5.958   13.110  1.00 16.45 ? 164 ILE D C    1 
ATOM   1254 O O    . ILE B 1 64 ? 11.952  6.952   13.039  1.00 17.58 ? 164 ILE D O    1 
ATOM   1255 C CB   . ILE B 1 64 ? 11.246  3.910   13.451  1.00 17.52 ? 164 ILE D CB   1 
ATOM   1256 C CG1  . ILE B 1 64 ? 11.660  3.473   12.046  1.00 17.84 ? 164 ILE D CG1  1 
ATOM   1257 C CG2  . ILE B 1 64 ? 9.892   4.611   13.428  1.00 20.01 ? 164 ILE D CG2  1 
ATOM   1258 C CD1  . ILE B 1 64 ? 10.632  2.603   11.354  1.00 17.94 ? 164 ILE D CD1  1 
ATOM   1259 N N    . GLU B 1 65 ? 13.788  5.819   12.416  1.00 15.27 ? 165 GLU D N    1 
ATOM   1260 C CA   . GLU B 1 65 ? 14.214  6.813   11.440  1.00 15.67 ? 165 GLU D CA   1 
ATOM   1261 C C    . GLU B 1 65 ? 13.886  6.274   10.056  1.00 14.15 ? 165 GLU D C    1 
ATOM   1262 O O    . GLU B 1 65 ? 14.326  5.186   9.687   1.00 12.57 ? 165 GLU D O    1 
ATOM   1263 C CB   . GLU B 1 65 ? 15.711  7.078   11.556  1.00 16.79 ? 165 GLU D CB   1 
ATOM   1264 C CG   . GLU B 1 65 ? 16.215  8.123   10.594  1.00 20.99 ? 165 GLU D CG   1 
ATOM   1265 C CD   . GLU B 1 65 ? 17.725  8.142   10.511  1.00 22.79 ? 165 GLU D CD   1 
ATOM   1266 O OE1  . GLU B 1 65 ? 18.369  8.644   11.457  1.00 25.31 ? 165 GLU D OE1  1 
ATOM   1267 O OE2  . GLU B 1 65 ? 18.267  7.636   9.506   1.00 24.90 ? 165 GLU D OE2  1 
ATOM   1268 N N    . ILE B 1 66 ? 13.111  7.046   9.303   1.00 11.73 ? 166 ILE D N    1 
ATOM   1269 C CA   . ILE B 1 66 ? 12.672  6.664   7.967   1.00 10.77 ? 166 ILE D CA   1 
ATOM   1270 C C    . ILE B 1 66 ? 13.272  7.616   6.945   1.00 11.00 ? 166 ILE D C    1 
ATOM   1271 O O    . ILE B 1 66 ? 12.846  8.767   6.838   1.00 10.25 ? 166 ILE D O    1 
ATOM   1272 C CB   . ILE B 1 66 ? 11.120  6.753   7.870   1.00 11.67 ? 166 ILE D CB   1 
ATOM   1273 C CG1  . ILE B 1 66 ? 10.468  5.898   8.970   1.00 10.95 ? 166 ILE D CG1  1 
ATOM   1274 C CG2  . ILE B 1 66 ? 10.635  6.353   6.468   1.00 9.84  ? 166 ILE D CG2  1 
ATOM   1275 C CD1  . ILE B 1 66 ? 9.079   6.370   9.372   1.00 10.54 ? 166 ILE D CD1  1 
ATOM   1276 N N    . ALA B 1 67 ? 14.253  7.131   6.192   1.00 11.24 ? 167 ALA D N    1 
ATOM   1277 C CA   . ALA B 1 67 ? 14.911  7.939   5.172   1.00 12.72 ? 167 ALA D CA   1 
ATOM   1278 C C    . ALA B 1 67 ? 15.448  9.242   5.768   1.00 13.39 ? 167 ALA D C    1 
ATOM   1279 O O    . ALA B 1 67 ? 15.247  10.323  5.209   1.00 13.04 ? 167 ALA D O    1 
ATOM   1280 C CB   . ALA B 1 67 ? 13.941  8.233   4.007   1.00 12.33 ? 167 ALA D CB   1 
ATOM   1281 N N    . GLY B 1 68 ? 16.087  9.132   6.931   1.00 13.45 ? 168 GLY D N    1 
ATOM   1282 C CA   . GLY B 1 68 ? 16.644  10.302  7.583   1.00 13.99 ? 168 GLY D CA   1 
ATOM   1283 C C    . GLY B 1 68 ? 15.654  11.079  8.424   1.00 14.10 ? 168 GLY D C    1 
ATOM   1284 O O    . GLY B 1 68 ? 16.050  11.982  9.142   1.00 15.75 ? 168 GLY D O    1 
ATOM   1285 N N    . HIS B 1 69 ? 14.374  10.734  8.339   1.00 13.25 ? 169 HIS D N    1 
ATOM   1286 C CA   . HIS B 1 69 ? 13.338  11.418  9.107   1.00 13.48 ? 169 HIS D CA   1 
ATOM   1287 C C    . HIS B 1 69 ? 12.917  10.619  10.327  1.00 14.84 ? 169 HIS D C    1 
ATOM   1288 O O    . HIS B 1 69 ? 12.732  9.408   10.258  1.00 13.92 ? 169 HIS D O    1 
ATOM   1289 C CB   . HIS B 1 69 ? 12.117  11.700  8.235   1.00 12.95 ? 169 HIS D CB   1 
ATOM   1290 C CG   . HIS B 1 69 ? 12.341  12.776  7.216   1.00 13.16 ? 169 HIS D CG   1 
ATOM   1291 N ND1  . HIS B 1 69 ? 13.025  12.555  6.044   1.00 13.91 ? 169 HIS D ND1  1 
ATOM   1292 C CD2  . HIS B 1 69 ? 11.966  14.072  7.197   1.00 11.57 ? 169 HIS D CD2  1 
ATOM   1293 C CE1  . HIS B 1 69 ? 13.063  13.672  5.341   1.00 12.18 ? 169 HIS D CE1  1 
ATOM   1294 N NE2  . HIS B 1 69 ? 12.423  14.612  6.022   1.00 13.26 ? 169 HIS D NE2  1 
ATOM   1295 N N    . LYS B 1 70 ? 12.742  11.308  11.446  1.00 15.14 ? 170 LYS D N    1 
ATOM   1296 C CA   . LYS B 1 70 ? 12.360  10.630  12.673  1.00 17.60 ? 170 LYS D CA   1 
ATOM   1297 C C    . LYS B 1 70 ? 10.868  10.545  12.983  1.00 16.08 ? 170 LYS D C    1 
ATOM   1298 O O    . LYS B 1 70 ? 10.115  11.494  12.778  1.00 16.68 ? 170 LYS D O    1 
ATOM   1299 C CB   . LYS B 1 70 ? 13.110  11.215  13.872  1.00 19.34 ? 170 LYS D CB   1 
ATOM   1300 C CG   . LYS B 1 70 ? 14.137  10.251  14.446  1.00 24.47 ? 170 LYS D CG   1 
ATOM   1301 C CD   . LYS B 1 70 ? 14.205  10.384  15.956  1.00 29.77 ? 170 LYS D CD   1 
ATOM   1302 C CE   . LYS B 1 70 ? 12.830  10.168  16.590  1.00 30.93 ? 170 LYS D CE   1 
ATOM   1303 N NZ   . LYS B 1 70 ? 12.868  10.360  18.073  1.00 33.30 ? 170 LYS D NZ   1 
ATOM   1304 N N    . ALA B 1 71 ? 10.461  9.385   13.486  1.00 13.62 ? 171 ALA D N    1 
ATOM   1305 C CA   . ALA B 1 71 ? 9.081   9.124   13.865  1.00 11.67 ? 171 ALA D CA   1 
ATOM   1306 C C    . ALA B 1 71 ? 9.146   8.313   15.149  1.00 11.43 ? 171 ALA D C    1 
ATOM   1307 O O    . ALA B 1 71 ? 10.151  7.651   15.428  1.00 12.43 ? 171 ALA D O    1 
ATOM   1308 C CB   . ALA B 1 71 ? 8.361   8.325   12.774  1.00 11.04 ? 171 ALA D CB   1 
ATOM   1309 N N    . ILE B 1 72 ? 8.096   8.405   15.953  1.00 10.45 ? 172 ILE D N    1 
ATOM   1310 C CA   . ILE B 1 72 ? 8.015   7.661   17.209  1.00 10.93 ? 172 ILE D CA   1 
ATOM   1311 C C    . ILE B 1 72 ? 6.567   7.211   17.350  1.00 11.74 ? 172 ILE D C    1 
ATOM   1312 O O    . ILE B 1 72 ? 5.671   8.029   17.543  1.00 14.11 ? 172 ILE D O    1 
ATOM   1313 C CB   . ILE B 1 72 ? 8.377   8.527   18.428  1.00 8.66  ? 172 ILE D CB   1 
ATOM   1314 C CG1  . ILE B 1 72 ? 9.743   9.184   18.241  1.00 8.60  ? 172 ILE D CG1  1 
ATOM   1315 C CG2  . ILE B 1 72 ? 8.362   7.672   19.683  1.00 8.25  ? 172 ILE D CG2  1 
ATOM   1316 C CD1  . ILE B 1 72 ? 10.140  10.100  19.384  1.00 8.69  ? 172 ILE D CD1  1 
ATOM   1317 N N    . GLY B 1 73 ? 6.331   5.916   17.211  1.00 12.61 ? 173 GLY D N    1 
ATOM   1318 C CA   . GLY B 1 73 ? 4.973   5.430   17.313  1.00 12.45 ? 173 GLY D CA   1 
ATOM   1319 C C    . GLY B 1 73 ? 4.891   3.927   17.321  1.00 14.40 ? 173 GLY D C    1 
ATOM   1320 O O    . GLY B 1 73 ? 5.889   3.235   17.516  1.00 15.14 ? 173 GLY D O    1 
ATOM   1321 N N    . THR B 1 74 ? 3.689   3.425   17.075  1.00 15.50 ? 174 THR D N    1 
ATOM   1322 C CA   . THR B 1 74 ? 3.442   1.996   17.071  1.00 15.33 ? 174 THR D CA   1 
ATOM   1323 C C    . THR B 1 74 ? 4.067   1.263   15.898  1.00 14.54 ? 174 THR D C    1 
ATOM   1324 O O    . THR B 1 74 ? 3.923   1.667   14.740  1.00 14.09 ? 174 THR D O    1 
ATOM   1325 C CB   . THR B 1 74 ? 1.929   1.706   17.111  1.00 16.23 ? 174 THR D CB   1 
ATOM   1326 O OG1  . THR B 1 74 ? 1.383   2.240   18.323  1.00 18.32 ? 174 THR D OG1  1 
ATOM   1327 C CG2  . THR B 1 74 ? 1.657   0.196   17.061  1.00 15.92 ? 174 THR D CG2  1 
ATOM   1328 N N    . VAL B 1 75 ? 4.776   0.187   16.217  1.00 14.51 ? 175 VAL D N    1 
ATOM   1329 C CA   . VAL B 1 75 ? 5.403   -0.650  15.210  1.00 12.73 ? 175 VAL D CA   1 
ATOM   1330 C C    . VAL B 1 75 ? 4.922   -2.082  15.458  1.00 13.45 ? 175 VAL D C    1 
ATOM   1331 O O    . VAL B 1 75 ? 5.002   -2.589  16.584  1.00 12.70 ? 175 VAL D O    1 
ATOM   1332 C CB   . VAL B 1 75 ? 6.952   -0.593  15.278  1.00 12.88 ? 175 VAL D CB   1 
ATOM   1333 C CG1  . VAL B 1 75 ? 7.555   -1.666  14.368  1.00 13.17 ? 175 VAL D CG1  1 
ATOM   1334 C CG2  . VAL B 1 75 ? 7.458   0.783   14.839  1.00 11.57 ? 175 VAL D CG2  1 
ATOM   1335 N N    . LEU B 1 76 ? 4.343   -2.685  14.418  1.00 11.91 ? 176 LEU D N    1 
ATOM   1336 C CA   . LEU B 1 76 ? 3.841   -4.051  14.478  1.00 10.45 ? 176 LEU D CA   1 
ATOM   1337 C C    . LEU B 1 76 ? 4.916   -4.935  13.859  1.00 10.86 ? 176 LEU D C    1 
ATOM   1338 O O    . LEU B 1 76 ? 5.419   -4.647  12.773  1.00 10.49 ? 176 LEU D O    1 
ATOM   1339 C CB   . LEU B 1 76 ? 2.530   -4.176  13.695  1.00 8.57  ? 176 LEU D CB   1 
ATOM   1340 C CG   . LEU B 1 76 ? 1.424   -3.162  14.020  1.00 9.23  ? 176 LEU D CG   1 
ATOM   1341 C CD1  . LEU B 1 76 ? 0.206   -3.429  13.176  1.00 7.49  ? 176 LEU D CD1  1 
ATOM   1342 C CD2  . LEU B 1 76 ? 1.067   -3.241  15.482  1.00 9.75  ? 176 LEU D CD2  1 
ATOM   1343 N N    . VAL B 1 77 ? 5.288   -5.995  14.570  1.00 11.44 ? 177 VAL D N    1 
ATOM   1344 C CA   . VAL B 1 77 ? 6.325   -6.911  14.110  1.00 10.88 ? 177 VAL D CA   1 
ATOM   1345 C C    . VAL B 1 77 ? 5.748   -8.302  13.913  1.00 10.59 ? 177 VAL D C    1 
ATOM   1346 O O    . VAL B 1 77 ? 5.190   -8.885  14.840  1.00 10.96 ? 177 VAL D O    1 
ATOM   1347 C CB   . VAL B 1 77 ? 7.496   -6.960  15.125  1.00 11.03 ? 177 VAL D CB   1 
ATOM   1348 C CG1  . VAL B 1 77 ? 8.563   -7.962  14.679  1.00 10.57 ? 177 VAL D CG1  1 
ATOM   1349 C CG2  . VAL B 1 77 ? 8.102   -5.570  15.287  1.00 9.91  ? 177 VAL D CG2  1 
ATOM   1350 N N    . GLY B 1 78 ? 5.868   -8.820  12.696  1.00 11.01 ? 178 GLY D N    1 
ATOM   1351 C CA   . GLY B 1 78 ? 5.339   -10.141 12.400  1.00 9.83  ? 178 GLY D CA   1 
ATOM   1352 C C    . GLY B 1 78 ? 5.772   -10.649 11.039  1.00 11.21 ? 178 GLY D C    1 
ATOM   1353 O O    . GLY B 1 78 ? 6.602   -10.013 10.382  1.00 10.22 ? 178 GLY D O    1 
ATOM   1354 N N    . PRO B 1 79 ? 5.221   -11.791 10.583  1.00 11.90 ? 179 PRO D N    1 
ATOM   1355 C CA   . PRO B 1 79 ? 5.523   -12.428 9.294   1.00 11.88 ? 179 PRO D CA   1 
ATOM   1356 C C    . PRO B 1 79 ? 4.956   -11.730 8.048   1.00 12.57 ? 179 PRO D C    1 
ATOM   1357 O O    . PRO B 1 79 ? 4.151   -12.300 7.313   1.00 14.08 ? 179 PRO D O    1 
ATOM   1358 C CB   . PRO B 1 79 ? 4.937   -13.826 9.475   1.00 11.66 ? 179 PRO D CB   1 
ATOM   1359 C CG   . PRO B 1 79 ? 3.745   -13.572 10.312  1.00 11.81 ? 179 PRO D CG   1 
ATOM   1360 C CD   . PRO B 1 79 ? 4.284   -12.621 11.359  1.00 12.06 ? 179 PRO D CD   1 
ATOM   1361 N N    . THR B 1 80 ? 5.389   -10.498 7.809   1.00 12.88 ? 180 THR D N    1 
ATOM   1362 C CA   . THR B 1 80 ? 4.938   -9.742  6.646   1.00 12.65 ? 180 THR D CA   1 
ATOM   1363 C C    . THR B 1 80 ? 5.894   -10.035 5.484   1.00 13.09 ? 180 THR D C    1 
ATOM   1364 O O    . THR B 1 80 ? 7.080   -10.295 5.707   1.00 12.70 ? 180 THR D O    1 
ATOM   1365 C CB   . THR B 1 80 ? 4.909   -8.207  6.949   1.00 11.84 ? 180 THR D CB   1 
ATOM   1366 O OG1  . THR B 1 80 ? 4.568   -7.482  5.764   1.00 10.44 ? 180 THR D OG1  1 
ATOM   1367 C CG2  . THR B 1 80 ? 6.261   -7.719  7.467   1.00 12.00 ? 180 THR D CG2  1 
ATOM   1368 N N    . PRO B 1 81 ? 5.384   -10.025 4.233   1.00 13.43 ? 181 PRO D N    1 
ATOM   1369 C CA   . PRO B 1 81 ? 6.185   -10.285 3.027   1.00 12.61 ? 181 PRO D CA   1 
ATOM   1370 C C    . PRO B 1 81 ? 7.346   -9.312  2.912   1.00 12.77 ? 181 PRO D C    1 
ATOM   1371 O O    . PRO B 1 81 ? 8.428   -9.681  2.471   1.00 13.35 ? 181 PRO D O    1 
ATOM   1372 C CB   . PRO B 1 81 ? 5.190   -10.050 1.896   1.00 11.55 ? 181 PRO D CB   1 
ATOM   1373 C CG   . PRO B 1 81 ? 3.900   -10.424 2.506   1.00 13.33 ? 181 PRO D CG   1 
ATOM   1374 C CD   . PRO B 1 81 ? 3.972   -9.824  3.877   1.00 11.78 ? 181 PRO D CD   1 
ATOM   1375 N N    . VAL B 1 82 ? 7.091   -8.053  3.269   1.00 12.71 ? 182 VAL D N    1 
ATOM   1376 C CA   . VAL B 1 82 ? 8.112   -6.998  3.232   1.00 12.43 ? 182 VAL D CA   1 
ATOM   1377 C C    . VAL B 1 82 ? 7.848   -5.972  4.335   1.00 10.93 ? 182 VAL D C    1 
ATOM   1378 O O    . VAL B 1 82 ? 6.714   -5.837  4.809   1.00 10.90 ? 182 VAL D O    1 
ATOM   1379 C CB   . VAL B 1 82 ? 8.132   -6.232  1.877   1.00 13.85 ? 182 VAL D CB   1 
ATOM   1380 C CG1  . VAL B 1 82 ? 8.104   -7.191  0.698   1.00 16.15 ? 182 VAL D CG1  1 
ATOM   1381 C CG2  . VAL B 1 82 ? 6.992   -5.263  1.795   1.00 14.84 ? 182 VAL D CG2  1 
ATOM   1382 N N    . ASN B 1 83 ? 8.892   -5.253  4.743   1.00 9.43  ? 183 ASN D N    1 
ATOM   1383 C CA   . ASN B 1 83 ? 8.755   -4.214  5.767   1.00 8.66  ? 183 ASN D CA   1 
ATOM   1384 C C    . ASN B 1 83 ? 7.972   -3.061  5.155   1.00 8.57  ? 183 ASN D C    1 
ATOM   1385 O O    . ASN B 1 83 ? 8.325   -2.568  4.087   1.00 7.78  ? 183 ASN D O    1 
ATOM   1386 C CB   . ASN B 1 83 ? 10.133  -3.714  6.213   1.00 7.27  ? 183 ASN D CB   1 
ATOM   1387 C CG   . ASN B 1 83 ? 10.981  -4.814  6.796   1.00 7.29  ? 183 ASN D CG   1 
ATOM   1388 O OD1  . ASN B 1 83 ? 10.467  -5.698  7.470   1.00 9.13  ? 183 ASN D OD1  1 
ATOM   1389 N ND2  . ASN B 1 83 ? 12.276  -4.777  6.534   1.00 7.42  ? 183 ASN D ND2  1 
ATOM   1390 N N    . ILE B 1 84 ? 6.908   -2.632  5.823   1.00 8.56  ? 184 ILE D N    1 
ATOM   1391 C CA   . ILE B 1 84 ? 6.097   -1.550  5.297   1.00 8.46  ? 184 ILE D CA   1 
ATOM   1392 C C    . ILE B 1 84 ? 5.884   -0.432  6.310   1.00 9.21  ? 184 ILE D C    1 
ATOM   1393 O O    . ILE B 1 84 ? 5.736   -0.685  7.507   1.00 8.67  ? 184 ILE D O    1 
ATOM   1394 C CB   . ILE B 1 84 ? 4.717   -2.060  4.762   1.00 11.33 ? 184 ILE D CB   1 
ATOM   1395 C CG1  . ILE B 1 84 ? 3.848   -2.587  5.897   1.00 13.96 ? 184 ILE D CG1  1 
ATOM   1396 C CG2  . ILE B 1 84 ? 4.900   -3.166  3.721   1.00 7.48  ? 184 ILE D CG2  1 
ATOM   1397 C CD1  . ILE B 1 84 ? 2.845   -1.573  6.398   1.00 19.12 ? 184 ILE D CD1  1 
ATOM   1398 N N    . ILE B 1 85 ? 5.940   0.805   5.821   1.00 8.13  ? 185 ILE D N    1 
ATOM   1399 C CA   . ILE B 1 85 ? 5.729   1.988   6.641   1.00 7.34  ? 185 ILE D CA   1 
ATOM   1400 C C    . ILE B 1 85 ? 4.328   2.501   6.291   1.00 7.48  ? 185 ILE D C    1 
ATOM   1401 O O    . ILE B 1 85 ? 4.084   2.972   5.172   1.00 8.20  ? 185 ILE D O    1 
ATOM   1402 C CB   . ILE B 1 85 ? 6.781   3.091   6.343   1.00 8.37  ? 185 ILE D CB   1 
ATOM   1403 C CG1  . ILE B 1 85 ? 8.210   2.550   6.539   1.00 8.29  ? 185 ILE D CG1  1 
ATOM   1404 C CG2  . ILE B 1 85 ? 6.510   4.317   7.208   1.00 5.81  ? 185 ILE D CG2  1 
ATOM   1405 C CD1  . ILE B 1 85 ? 8.516   1.998   7.935   1.00 7.73  ? 185 ILE D CD1  1 
ATOM   1406 N N    . GLY B 1 86 ? 3.412   2.395   7.249   1.00 5.49  ? 186 GLY D N    1 
ATOM   1407 C CA   . GLY B 1 86 ? 2.050   2.819   7.018   1.00 4.82  ? 186 GLY D CA   1 
ATOM   1408 C C    . GLY B 1 86 ? 1.818   4.292   7.240   1.00 5.83  ? 186 GLY D C    1 
ATOM   1409 O O    . GLY B 1 86 ? 2.743   5.030   7.579   1.00 5.32  ? 186 GLY D O    1 
ATOM   1410 N N    . ARG B 1 87 ? 0.559   4.703   7.118   1.00 6.08  ? 187 ARG D N    1 
ATOM   1411 C CA   . ARG B 1 87 ? 0.166   6.102   7.273   1.00 5.97  ? 187 ARG D CA   1 
ATOM   1412 C C    . ARG B 1 87 ? 0.437   6.684   8.654   1.00 6.44  ? 187 ARG D C    1 
ATOM   1413 O O    . ARG B 1 87 ? 0.603   7.893   8.796   1.00 7.61  ? 187 ARG D O    1 
ATOM   1414 C CB   . ARG B 1 87 ? -1.307  6.292   6.882   1.00 4.58  ? 187 ARG D CB   1 
ATOM   1415 C CG   . ARG B 1 87 ? -1.596  6.043   5.403   1.00 4.16  ? 187 ARG D CG   1 
ATOM   1416 C CD   . ARG B 1 87 ? -3.019  6.414   5.025   1.00 5.22  ? 187 ARG D CD   1 
ATOM   1417 N NE   . ARG B 1 87 ? -3.999  5.561   5.689   1.00 6.31  ? 187 ARG D NE   1 
ATOM   1418 C CZ   . ARG B 1 87 ? -4.625  5.876   6.818   1.00 7.18  ? 187 ARG D CZ   1 
ATOM   1419 N NH1  . ARG B 1 87 ? -4.392  7.039   7.415   1.00 6.89  ? 187 ARG D NH1  1 
ATOM   1420 N NH2  . ARG B 1 87 ? -5.422  4.991   7.397   1.00 5.67  ? 187 ARG D NH2  1 
ATOM   1421 N N    . ASP B 1 88 ? 0.491   5.825   9.670   1.00 7.89  ? 188 ASP D N    1 
ATOM   1422 C CA   . ASP B 1 88 ? 0.751   6.270   11.038  1.00 8.03  ? 188 ASP D CA   1 
ATOM   1423 C C    . ASP B 1 88 ? 2.113   6.970   11.159  1.00 8.59  ? 188 ASP D C    1 
ATOM   1424 O O    . ASP B 1 88 ? 2.230   8.004   11.815  1.00 10.48 ? 188 ASP D O    1 
ATOM   1425 C CB   . ASP B 1 88 ? 0.606   5.105   12.048  1.00 9.72  ? 188 ASP D CB   1 
ATOM   1426 C CG   . ASP B 1 88 ? 1.630   3.977   11.845  1.00 12.03 ? 188 ASP D CG   1 
ATOM   1427 O OD1  . ASP B 1 88 ? 1.995   3.649   10.700  1.00 11.15 ? 188 ASP D OD1  1 
ATOM   1428 O OD2  . ASP B 1 88 ? 2.066   3.396   12.860  1.00 17.43 ? 188 ASP D OD2  1 
ATOM   1429 N N    . LEU B 1 89 ? 3.129   6.443   10.479  1.00 7.25  ? 189 LEU D N    1 
ATOM   1430 C CA   . LEU B 1 89 ? 4.450   7.054   10.520  1.00 5.77  ? 189 LEU D CA   1 
ATOM   1431 C C    . LEU B 1 89 ? 4.666   7.979   9.318   1.00 6.67  ? 189 LEU D C    1 
ATOM   1432 O O    . LEU B 1 89 ? 5.402   8.959   9.414   1.00 7.27  ? 189 LEU D O    1 
ATOM   1433 C CB   . LEU B 1 89 ? 5.542   5.989   10.602  1.00 5.96  ? 189 LEU D CB   1 
ATOM   1434 C CG   . LEU B 1 89 ? 5.467   5.005   11.778  1.00 9.15  ? 189 LEU D CG   1 
ATOM   1435 C CD1  . LEU B 1 89 ? 6.669   4.087   11.743  1.00 9.99  ? 189 LEU D CD1  1 
ATOM   1436 C CD2  . LEU B 1 89 ? 5.404   5.734   13.124  1.00 9.25  ? 189 LEU D CD2  1 
ATOM   1437 N N    . LEU B 1 90 ? 4.035   7.675   8.182   1.00 6.88  ? 190 LEU D N    1 
ATOM   1438 C CA   . LEU B 1 90 ? 4.163   8.534   6.995   1.00 6.58  ? 190 LEU D CA   1 
ATOM   1439 C C    . LEU B 1 90 ? 3.677   9.949   7.324   1.00 6.31  ? 190 LEU D C    1 
ATOM   1440 O O    . LEU B 1 90 ? 4.270   10.927  6.888   1.00 5.67  ? 190 LEU D O    1 
ATOM   1441 C CB   . LEU B 1 90 ? 3.390   7.964   5.790   1.00 7.31  ? 190 LEU D CB   1 
ATOM   1442 C CG   . LEU B 1 90 ? 3.971   6.734   5.053   1.00 8.56  ? 190 LEU D CG   1 
ATOM   1443 C CD1  . LEU B 1 90 ? 3.088   6.288   3.889   1.00 9.20  ? 190 LEU D CD1  1 
ATOM   1444 C CD2  . LEU B 1 90 ? 5.343   7.047   4.527   1.00 12.02 ? 190 LEU D CD2  1 
ATOM   1445 N N    . THR B 1 91 ? 2.623   10.058  8.132   1.00 6.02  ? 191 THR D N    1 
ATOM   1446 C CA   . THR B 1 91 ? 2.116   11.375  8.510   1.00 6.10  ? 191 THR D CA   1 
ATOM   1447 C C    . THR B 1 91 ? 3.106   12.082  9.430   1.00 5.51  ? 191 THR D C    1 
ATOM   1448 O O    . THR B 1 91 ? 3.241   13.302  9.374   1.00 4.90  ? 191 THR D O    1 
ATOM   1449 C CB   . THR B 1 91 ? 0.734   11.305  9.212   1.00 7.03  ? 191 THR D CB   1 
ATOM   1450 O OG1  . THR B 1 91 ? 0.812   10.429  10.340  1.00 8.53  ? 191 THR D OG1  1 
ATOM   1451 C CG2  . THR B 1 91 ? -0.324  10.798  8.262   1.00 5.58  ? 191 THR D CG2  1 
ATOM   1452 N N    . GLN B 1 92 ? 3.804   11.316  10.265  1.00 6.27  ? 192 GLN D N    1 
ATOM   1453 C CA   . GLN B 1 92 ? 4.786   11.885  11.182  1.00 6.86  ? 192 GLN D CA   1 
ATOM   1454 C C    . GLN B 1 92 ? 5.941   12.564  10.469  1.00 8.04  ? 192 GLN D C    1 
ATOM   1455 O O    . GLN B 1 92 ? 6.476   13.548  10.976  1.00 8.72  ? 192 GLN D O    1 
ATOM   1456 C CB   . GLN B 1 92 ? 5.336   10.829  12.141  1.00 8.09  ? 192 GLN D CB   1 
ATOM   1457 C CG   . GLN B 1 92 ? 4.313   10.324  13.143  1.00 8.77  ? 192 GLN D CG   1 
ATOM   1458 C CD   . GLN B 1 92 ? 4.951   9.792   14.418  1.00 7.84  ? 192 GLN D CD   1 
ATOM   1459 O OE1  . GLN B 1 92 ? 6.144   9.986   14.657  1.00 6.47  ? 192 GLN D OE1  1 
ATOM   1460 N NE2  . GLN B 1 92 ? 4.147   9.132   15.250  1.00 6.98  ? 192 GLN D NE2  1 
ATOM   1461 N N    . ILE B 1 93 ? 6.338   12.032  9.311   1.00 8.98  ? 193 ILE D N    1 
ATOM   1462 C CA   . ILE B 1 93 ? 7.439   12.615  8.535   1.00 9.96  ? 193 ILE D CA   1 
ATOM   1463 C C    . ILE B 1 93 ? 6.938   13.598  7.471   1.00 9.81  ? 193 ILE D C    1 
ATOM   1464 O O    . ILE B 1 93 ? 7.718   14.102  6.666   1.00 11.19 ? 193 ILE D O    1 
ATOM   1465 C CB   . ILE B 1 93 ? 8.345   11.541  7.871   1.00 10.26 ? 193 ILE D CB   1 
ATOM   1466 C CG1  . ILE B 1 93 ? 7.579   10.777  6.780   1.00 9.88  ? 193 ILE D CG1  1 
ATOM   1467 C CG2  . ILE B 1 93 ? 8.938   10.611  8.941   1.00 8.36  ? 193 ILE D CG2  1 
ATOM   1468 C CD1  . ILE B 1 93 ? 8.466   9.876   5.912   1.00 10.08 ? 193 ILE D CD1  1 
ATOM   1469 N N    . GLY B 1 94 ? 5.625   13.818  7.457   1.00 9.42  ? 194 GLY D N    1 
ATOM   1470 C CA   . GLY B 1 94 ? 5.003   14.759  6.538   1.00 10.62 ? 194 GLY D CA   1 
ATOM   1471 C C    . GLY B 1 94 ? 4.809   14.340  5.096   1.00 10.22 ? 194 GLY D C    1 
ATOM   1472 O O    . GLY B 1 94 ? 4.792   15.192  4.205   1.00 11.02 ? 194 GLY D O    1 
ATOM   1473 N N    . ALA B 1 95 ? 4.622   13.047  4.856   1.00 8.83  ? 195 ALA D N    1 
ATOM   1474 C CA   . ALA B 1 95 ? 4.429   12.551  3.502   1.00 7.68  ? 195 ALA D CA   1 
ATOM   1475 C C    . ALA B 1 95 ? 3.017   12.794  2.979   1.00 8.07  ? 195 ALA D C    1 
ATOM   1476 O O    . ALA B 1 95 ? 2.032   12.686  3.718   1.00 8.75  ? 195 ALA D O    1 
ATOM   1477 C CB   . ALA B 1 95 ? 4.774   11.070  3.436   1.00 6.39  ? 195 ALA D CB   1 
ATOM   1478 N N    . THR B 1 96 ? 2.933   13.165  1.704   1.00 8.46  ? 196 THR D N    1 
ATOM   1479 C CA   . THR B 1 96 ? 1.661   13.405  1.020   1.00 7.58  ? 196 THR D CA   1 
ATOM   1480 C C    . THR B 1 96 ? 1.754   12.814  -0.381  1.00 8.13  ? 196 THR D C    1 
ATOM   1481 O O    . THR B 1 96 ? 2.844   12.562  -0.889  1.00 7.70  ? 196 THR D O    1 
ATOM   1482 C CB   . THR B 1 96 ? 1.336   14.915  0.836   1.00 8.48  ? 196 THR D CB   1 
ATOM   1483 O OG1  . THR B 1 96 ? 2.381   15.560  0.087   1.00 8.56  ? 196 THR D OG1  1 
ATOM   1484 C CG2  . THR B 1 96 ? 1.146   15.607  2.175   1.00 8.81  ? 196 THR D CG2  1 
ATOM   1485 N N    . LEU B 1 97 ? 0.599   12.540  -0.975  1.00 8.45  ? 197 LEU D N    1 
ATOM   1486 C CA   . LEU B 1 97 ? 0.531   12.026  -2.332  1.00 7.05  ? 197 LEU D CA   1 
ATOM   1487 C C    . LEU B 1 97 ? 0.162   13.221  -3.179  1.00 7.25  ? 197 LEU D C    1 
ATOM   1488 O O    . LEU B 1 97 ? -0.709  14.005  -2.813  1.00 7.59  ? 197 LEU D O    1 
ATOM   1489 C CB   . LEU B 1 97 ? -0.539  10.946  -2.460  1.00 8.40  ? 197 LEU D CB   1 
ATOM   1490 C CG   . LEU B 1 97 ? -0.121  9.516   -2.144  1.00 7.22  ? 197 LEU D CG   1 
ATOM   1491 C CD1  . LEU B 1 97 ? -1.365  8.662   -2.052  1.00 8.93  ? 197 LEU D CD1  1 
ATOM   1492 C CD2  . LEU B 1 97 ? 0.813   9.000   -3.236  1.00 6.67  ? 197 LEU D CD2  1 
ATOM   1493 N N    . ASN B 1 98 ? 0.810   13.350  -4.327  1.00 8.59  ? 198 ASN D N    1 
ATOM   1494 C CA   . ASN B 1 98 ? 0.567   14.483  -5.203  1.00 8.54  ? 198 ASN D CA   1 
ATOM   1495 C C    . ASN B 1 98 ? 0.506   14.041  -6.661  1.00 9.48  ? 198 ASN D C    1 
ATOM   1496 O O    . ASN B 1 98 ? 1.251   13.156  -7.075  1.00 8.32  ? 198 ASN D O    1 
ATOM   1497 C CB   . ASN B 1 98 ? 1.699   15.506  -5.029  1.00 8.52  ? 198 ASN D CB   1 
ATOM   1498 C CG   . ASN B 1 98 ? 1.771   16.076  -3.621  1.00 7.43  ? 198 ASN D CG   1 
ATOM   1499 O OD1  . ASN B 1 98 ? 1.147   17.092  -3.327  1.00 10.08 ? 198 ASN D OD1  1 
ATOM   1500 N ND2  . ASN B 1 98 ? 2.550   15.442  -2.753  1.00 7.23  ? 198 ASN D ND2  1 
ATOM   1501 N N    . PHE B 1 99 ? -0.411  14.630  -7.421  1.00 9.70  ? 199 PHE D N    1 
ATOM   1502 C CA   . PHE B 1 99 ? -0.539  14.325  -8.844  1.00 12.00 ? 199 PHE D CA   1 
ATOM   1503 C C    . PHE B 1 99 ? -1.268  15.447  -9.574  1.00 12.90 ? 199 PHE D C    1 
ATOM   1504 O O    . PHE B 1 99 ? -1.580  15.292  -10.776 1.00 13.75 ? 199 PHE D O    1 
ATOM   1505 C CB   . PHE B 1 99 ? -1.195  12.951  -9.099  1.00 11.45 ? 199 PHE D CB   1 
ATOM   1506 C CG   . PHE B 1 99 ? -2.580  12.800  -8.528  1.00 14.11 ? 199 PHE D CG   1 
ATOM   1507 C CD1  . PHE B 1 99 ? -3.690  13.233  -9.244  1.00 14.30 ? 199 PHE D CD1  1 
ATOM   1508 C CD2  . PHE B 1 99 ? -2.775  12.201  -7.288  1.00 15.18 ? 199 PHE D CD2  1 
ATOM   1509 C CE1  . PHE B 1 99 ? -4.978  13.075  -8.739  1.00 16.18 ? 199 PHE D CE1  1 
ATOM   1510 C CE2  . PHE B 1 99 ? -4.059  12.034  -6.770  1.00 16.79 ? 199 PHE D CE2  1 
ATOM   1511 C CZ   . PHE B 1 99 ? -5.163  12.472  -7.495  1.00 18.23 ? 199 PHE D CZ   1 
ATOM   1512 O OXT  . PHE B 1 99 ? -1.476  16.495  -8.923  1.00 15.24 ? 199 PHE D OXT  1 
HETATM 1513 N N    A 0Q4 C 2 .  ? 2.557   -7.607  -6.249  0.60 19.06 ? 401 0Q4 C N    1 
HETATM 1514 N N    B 0Q4 C 2 .  ? -6.107  -2.220  8.345   0.40 11.36 ? 401 0Q4 C N    1 
HETATM 1515 C CA   A 0Q4 C 2 .  ? 2.206   -7.681  -4.800  0.60 19.16 ? 401 0Q4 C CA   1 
HETATM 1516 C CA   B 0Q4 C 2 .  ? -5.604  -3.094  7.251   0.40 11.91 ? 401 0Q4 C CA   1 
HETATM 1517 C C    A 0Q4 C 2 .  ? 1.380   -6.480  -4.361  0.60 18.27 ? 401 0Q4 C C    1 
HETATM 1518 C C    B 0Q4 C 2 .  ? -4.325  -2.583  6.600   0.40 11.51 ? 401 0Q4 C C    1 
HETATM 1519 O O    A 0Q4 C 2 .  ? 1.701   -5.338  -4.690  0.60 18.19 ? 401 0Q4 C O    1 
HETATM 1520 O O    B 0Q4 C 2 .  ? -4.065  -1.377  6.560   0.40 11.32 ? 401 0Q4 C O    1 
HETATM 1521 C CB   A 0Q4 C 2 .  ? 3.473   -7.768  -3.945  0.60 20.85 ? 401 0Q4 C CB   1 
HETATM 1522 C CB   B 0Q4 C 2 .  ? -6.670  -3.282  6.170   0.40 13.18 ? 401 0Q4 C CB   1 
HETATM 1523 C CG   A 0Q4 C 2 .  ? 4.316   -9.007  -4.199  0.60 24.10 ? 401 0Q4 C CG   1 
HETATM 1524 C CG   B 0Q4 C 2 .  ? -7.729  -4.335  6.477   0.40 15.83 ? 401 0Q4 C CG   1 
HETATM 1525 C CD   A 0Q4 C 2 .  ? 3.473   -10.283 -4.156  0.60 25.61 ? 401 0Q4 C CD   1 
HETATM 1526 C CD   B 0Q4 C 2 .  ? -8.597  -4.565  5.248   0.40 16.98 ? 401 0Q4 C CD   1 
HETATM 1527 N NE   A 0Q4 C 2 .  ? 4.274   -11.449 -3.802  0.60 25.85 ? 401 0Q4 C NE   1 
HETATM 1528 N NE   B 0Q4 C 2 .  ? -9.633  -5.580  5.436   0.40 16.89 ? 401 0Q4 C NE   1 
HETATM 1529 C CZ   A 0Q4 C 2 .  ? 4.369   -11.942 -2.570  0.60 25.67 ? 401 0Q4 C CZ   1 
HETATM 1530 C CZ   B 0Q4 C 2 .  ? -9.457  -6.887  5.255   0.40 17.15 ? 401 0Q4 C CZ   1 
HETATM 1531 N NH1  A 0Q4 C 2 .  ? 3.702   -11.378 -1.568  0.60 26.07 ? 401 0Q4 C NH1  1 
HETATM 1532 N NH1  B 0Q4 C 2 .  ? -8.267  -7.368  4.909   0.40 17.17 ? 401 0Q4 C NH1  1 
HETATM 1533 N NH2  A 0Q4 C 2 .  ? 5.164   -12.970 -2.332  0.60 25.89 ? 401 0Q4 C NH2  1 
HETATM 1534 N NH2  B 0Q4 C 2 .  ? -10.472 -7.721  5.438   0.40 18.05 ? 401 0Q4 C NH2  1 
HETATM 1535 N N1   A 0Q4 C 2 .  ? 0.314   -6.752  -3.615  0.60 17.08 ? 401 0Q4 C N1   1 
HETATM 1536 N N1   B 0Q4 C 2 .  ? -3.539  -3.524  6.083   0.40 10.73 ? 401 0Q4 C N1   1 
HETATM 1537 C CA1  A 0Q4 C 2 .  ? -0.575  -5.706  -3.116  0.60 16.22 ? 401 0Q4 C CA1  1 
HETATM 1538 C CA1  B 0Q4 C 2 .  ? -2.282  -3.229  5.400   0.40 9.73  ? 401 0Q4 C CA1  1 
HETATM 1539 C C1   A 0Q4 C 2 .  ? -0.477  -5.653  -1.596  0.60 15.79 ? 401 0Q4 C C1   1 
HETATM 1540 C C1   B 0Q4 C 2 .  ? -2.404  -3.807  3.998   0.40 9.35  ? 401 0Q4 C C1   1 
HETATM 1541 O O1   A 0Q4 C 2 .  ? -0.979  -6.537  -0.900  0.60 15.20 ? 401 0Q4 C O1   1 
HETATM 1542 O O1   B 0Q4 C 2 .  ? -2.306  -5.020  3.803   0.40 9.21  ? 401 0Q4 C O1   1 
HETATM 1543 C CB1  A 0Q4 C 2 .  ? -2.036  -5.975  -3.537  0.60 16.46 ? 401 0Q4 C CB1  1 
HETATM 1544 C CB1  B 0Q4 C 2 .  ? -1.080  -3.874  6.120   0.40 9.22  ? 401 0Q4 C CB1  1 
HETATM 1545 C CG1  A 0Q4 C 2 .  ? -2.933  -4.845  -3.077  0.60 16.63 ? 401 0Q4 C CG1  1 
HETATM 1546 C CG1  B 0Q4 C 2 .  ? 0.202   -3.619  5.344   0.40 9.03  ? 401 0Q4 C CG1  1 
HETATM 1547 C CG2  A 0Q4 C 2 .  ? -2.119  -6.136  -5.048  0.60 17.43 ? 401 0Q4 C CG2  1 
HETATM 1548 C CG2  B 0Q4 C 2 .  ? -0.961  -3.322  7.531   0.40 9.25  ? 401 0Q4 C CG2  1 
HETATM 1549 N N2   A 0Q4 C 2 .  ? 0.161   -4.607  -1.084  0.60 14.79 ? 401 0Q4 C N2   1 
HETATM 1550 N N2   B 0Q4 C 2 .  ? -2.634  -2.937  3.020   0.40 9.26  ? 401 0Q4 C N2   1 
HETATM 1551 C CA2  A 0Q4 C 2 .  ? 0.348   -4.473  0.352   0.60 14.42 ? 401 0Q4 C CA2  1 
HETATM 1552 C CA2  B 0Q4 C 2 .  ? -2.807  -3.387  1.648   0.40 9.23  ? 401 0Q4 C CA2  1 
HETATM 1553 C C2   A 0Q4 C 2 .  ? -0.637  -3.617  1.129   0.60 14.04 ? 401 0Q4 C C2   1 
HETATM 1554 C C2   B 0Q4 C 2 .  ? -1.589  -3.450  0.738   0.40 9.10  ? 401 0Q4 C C2   1 
HETATM 1555 C CB2  A 0Q4 C 2 .  ? 1.787   -4.072  0.657   0.60 13.54 ? 401 0Q4 C CB2  1 
HETATM 1556 C CB2  B 0Q4 C 2 .  ? -3.945  -2.627  0.963   0.40 9.54  ? 401 0Q4 C CB2  1 
HETATM 1557 C CG3  A 0Q4 C 2 .  ? 2.746   -5.239  0.416   0.60 14.51 ? 401 0Q4 C CG3  1 
HETATM 1558 C CG3  B 0Q4 C 2 .  ? -5.377  -2.991  1.385   0.40 9.33  ? 401 0Q4 C CG3  1 
HETATM 1559 C CD1  A 0Q4 C 2 .  ? 4.142   -4.729  0.200   0.60 14.58 ? 401 0Q4 C CD1  1 
HETATM 1560 C CD1  B 0Q4 C 2 .  ? -5.595  -4.490  1.252   0.40 9.41  ? 401 0Q4 C CD1  1 
HETATM 1561 C CD2  A 0Q4 C 2 .  ? 2.686   -6.221  1.579   0.60 14.74 ? 401 0Q4 C CD2  1 
HETATM 1562 C CD2  B 0Q4 C 2 .  ? -5.661  -2.541  2.807   0.40 9.70  ? 401 0Q4 C CD2  1 
HETATM 1563 N N3   A 0Q4 C 2 .  ? -1.920  -3.778  0.824   0.60 14.16 ? 401 0Q4 C N3   1 
HETATM 1564 N N3   B 0Q4 C 2 .  ? -0.543  -4.141  1.183   0.40 8.89  ? 401 0Q4 C N3   1 
HETATM 1565 C CA3  A 0Q4 C 2 .  ? -2.956  -3.067  1.553   0.60 13.21 ? 401 0Q4 C CA3  1 
HETATM 1566 C CA3  B 0Q4 C 2 .  ? 0.639   -4.322  0.350   0.40 8.16  ? 401 0Q4 C CA3  1 
HETATM 1567 C C3   A 0Q4 C 2 .  ? -2.909  -3.666  2.959   0.60 13.23 ? 401 0Q4 C C3   1 
HETATM 1568 C C3   B 0Q4 C 2 .  ? 0.195   -5.348  -0.685  0.40 7.98  ? 401 0Q4 C C3   1 
HETATM 1569 O O2   A 0Q4 C 2 .  ? -2.734  -4.878  3.118   0.60 12.98 ? 401 0Q4 C O2   1 
HETATM 1570 O O2   B 0Q4 C 2 .  ? -0.474  -6.324  -0.344  0.40 7.43  ? 401 0Q4 C O2   1 
HETATM 1571 C CB3  A 0Q4 C 2 .  ? -4.333  -3.321  0.934   0.60 13.48 ? 401 0Q4 C CB3  1 
HETATM 1572 C CB3  B 0Q4 C 2 .  ? 1.811   -4.889  1.163   0.40 7.91  ? 401 0Q4 C CB3  1 
HETATM 1573 C CG4  A 0Q4 C 2 .  ? -5.477  -3.132  1.900   0.60 12.33 ? 401 0Q4 C CG4  1 
HETATM 1574 C CG4  B 0Q4 C 2 .  ? 2.818   -5.648  0.328   0.40 8.03  ? 401 0Q4 C CG4  1 
HETATM 1575 C CD11 A 0Q4 C 2 .  ? -5.762  -1.877  2.431   0.60 13.40 ? 401 0Q4 C CD11 1 
HETATM 1576 C CD11 B 0Q4 C 2 .  ? 3.720   -4.974  -0.490  0.40 8.44  ? 401 0Q4 C CD11 1 
HETATM 1577 C CD21 A 0Q4 C 2 .  ? -6.247  -4.217  2.304   0.60 12.90 ? 401 0Q4 C CD21 1 
HETATM 1578 C CD21 B 0Q4 C 2 .  ? 2.833   -7.039  0.331   0.40 7.86  ? 401 0Q4 C CD21 1 
HETATM 1579 C CE1  A 0Q4 C 2 .  ? -6.793  -1.706  3.352   0.60 12.96 ? 401 0Q4 C CE1  1 
HETATM 1580 C CE1  B 0Q4 C 2 .  ? 4.618   -5.677  -1.297  0.40 8.58  ? 401 0Q4 C CE1  1 
HETATM 1581 C CE2  A 0Q4 C 2 .  ? -7.279  -4.056  3.224   0.60 12.67 ? 401 0Q4 C CE2  1 
HETATM 1582 C CE2  B 0Q4 C 2 .  ? 3.726   -7.749  -0.472  0.40 8.38  ? 401 0Q4 C CE2  1 
HETATM 1583 C CZ1  A 0Q4 C 2 .  ? -7.552  -2.799  3.749   0.60 12.68 ? 401 0Q4 C CZ1  1 
HETATM 1584 C CZ1  B 0Q4 C 2 .  ? 4.619   -7.067  -1.287  0.40 7.72  ? 401 0Q4 C CZ1  1 
HETATM 1585 N N4   A 0Q4 C 2 .  ? -3.059  -2.821  3.970   0.60 12.84 ? 401 0Q4 C N4   1 
HETATM 1586 N N4   B 0Q4 C 2 .  ? 0.555   -5.137  -1.944  0.40 7.94  ? 401 0Q4 C N4   1 
HETATM 1587 C CA4  A 0Q4 C 2 .  ? -3.034  -3.292  5.344   0.60 12.79 ? 401 0Q4 C CA4  1 
HETATM 1588 C CA4  B 0Q4 C 2 .  ? 0.159   -6.072  -2.984  0.40 7.51  ? 401 0Q4 C CA4  1 
HETATM 1589 C C4   A 0Q4 C 2 .  ? -4.004  -2.489  6.214   0.60 13.18 ? 401 0Q4 C C4   1 
HETATM 1590 C C4   B 0Q4 C 2 .  ? 1.271   -6.333  -3.993  0.40 8.21  ? 401 0Q4 C C4   1 
HETATM 1591 O O3   A 0Q4 C 2 .  ? -4.263  -1.309  5.964   0.60 12.47 ? 401 0Q4 C O3   1 
HETATM 1592 O O3   B 0Q4 C 2 .  ? 2.025   -5.429  -4.362  0.40 8.19  ? 401 0Q4 C O3   1 
HETATM 1593 C CB4  A 0Q4 C 2 .  ? -1.593  -3.234  5.882   0.60 11.77 ? 401 0Q4 C CB4  1 
HETATM 1594 C CB4  B 0Q4 C 2 .  ? -1.116  -5.568  -3.675  0.40 7.63  ? 401 0Q4 C CB4  1 
HETATM 1595 C CG5  A 0Q4 C 2 .  ? -1.386  -3.767  7.296   0.60 10.76 ? 401 0Q4 C CG5  1 
HETATM 1596 C CG5  B 0Q4 C 2 .  ? -1.698  -6.494  -4.745  0.40 6.64  ? 401 0Q4 C CG5  1 
HETATM 1597 C CD3  A 0Q4 C 2 .  ? -1.757  -2.760  8.373   0.60 10.78 ? 401 0Q4 C CD3  1 
HETATM 1598 C CD3  B 0Q4 C 2 .  ? -1.001  -6.367  -6.086  0.40 5.35  ? 401 0Q4 C CD3  1 
HETATM 1599 O OE1  A 0Q4 C 2 .  ? -1.762  -1.544  8.085   0.60 9.15  ? 401 0Q4 C OE1  1 
HETATM 1600 O OE1  B 0Q4 C 2 .  ? -0.475  -5.276  -6.385  0.40 4.08  ? 401 0Q4 C OE1  1 
HETATM 1601 O OE2  A 0Q4 C 2 .  ? -2.058  -3.188  9.508   0.60 10.48 ? 401 0Q4 C OE2  1 
HETATM 1602 O OE2  B 0Q4 C 2 .  ? -0.969  -7.358  -6.838  0.40 5.55  ? 401 0Q4 C OE2  1 
HETATM 1603 N N5   A 0Q4 C 2 .  ? -4.560  -3.164  7.216   0.60 13.08 ? 401 0Q4 C N5   1 
HETATM 1604 N N5   B 0Q4 C 2 .  ? 1.355   -7.585  -4.430  0.40 8.51  ? 401 0Q4 C N5   1 
HETATM 1605 C CA5  A 0Q4 C 2 .  ? -5.504  -2.566  8.145   0.60 13.39 ? 401 0Q4 C CA5  1 
HETATM 1606 C CA5  B 0Q4 C 2 .  ? 2.349   -8.016  -5.403  0.40 9.41  ? 401 0Q4 C CA5  1 
HETATM 1607 C C5   A 0Q4 C 2 .  ? -5.577  -3.404  9.413   0.60 14.75 ? 401 0Q4 C C5   1 
HETATM 1608 C C5   B 0Q4 C 2 .  ? 1.931   -9.355  -6.000  0.40 10.48 ? 401 0Q4 C C5   1 
HETATM 1609 O O4   A 0Q4 C 2 .  ? -5.656  -4.636  9.359   0.60 14.17 ? 401 0Q4 C O4   1 
HETATM 1610 O O4   B 0Q4 C 2 .  ? 1.498   -10.257 -5.285  0.40 10.20 ? 401 0Q4 C O4   1 
HETATM 1611 C CB5  A 0Q4 C 2 .  ? -6.876  -2.468  7.506   0.60 12.70 ? 401 0Q4 C CB5  1 
HETATM 1612 C CB5  B 0Q4 C 2 .  ? 3.715   -8.135  -4.747  0.40 9.29  ? 401 0Q4 C CB5  1 
HETATM 1613 N N6   A 0Q4 C 2 .  ? -5.551  -2.726  10.555  0.60 16.26 ? 401 0Q4 C N6   1 
HETATM 1614 N N6   B 0Q4 C 2 .  ? 2.078   -9.480  -7.314  0.40 10.94 ? 401 0Q4 C N6   1 
HETATM 1615 C CA6  A 0Q4 C 2 .  ? -5.624  -3.384  11.854  0.60 18.13 ? 401 0Q4 C CA6  1 
HETATM 1616 C CA6  B 0Q4 C 2 .  ? 1.720   -10.702 -8.027  0.40 11.94 ? 401 0Q4 C CA6  1 
HETATM 1617 C C6   A 0Q4 C 2 .  ? -6.921  -4.188  11.950  0.60 19.40 ? 401 0Q4 C C6   1 
HETATM 1618 C C6   B 0Q4 C 2 .  ? 2.522   -11.921 -7.557  0.40 11.88 ? 401 0Q4 C C6   1 
HETATM 1619 O O5   A 0Q4 C 2 .  ? -7.969  -3.669  11.505  0.60 21.31 ? 401 0Q4 C O5   1 
HETATM 1620 O O5   B 0Q4 C 2 .  ? 2.112   -13.062 -7.870  0.40 12.44 ? 401 0Q4 C O5   1 
HETATM 1621 C CB6  A 0Q4 C 2 .  ? -5.581  -2.335  12.966  0.60 19.14 ? 401 0Q4 C CB6  1 
HETATM 1622 C CB6  B 0Q4 C 2 .  ? 1.903   -10.494 -9.533  0.40 13.08 ? 401 0Q4 C CB6  1 
HETATM 1623 C CG6  A 0Q4 C 2 .  ? -5.000  -2.823  14.283  0.60 20.74 ? 401 0Q4 C CG6  1 
HETATM 1624 C CG6  B 0Q4 C 2 .  ? 3.265   -9.950  -9.922  0.40 15.15 ? 401 0Q4 C CG6  1 
HETATM 1625 C CD4  A 0Q4 C 2 .  ? -3.502  -3.031  14.174  0.60 20.94 ? 401 0Q4 C CD4  1 
HETATM 1626 C CD4  B 0Q4 C 2 .  ? 3.405   -9.807  -11.426 0.40 16.21 ? 401 0Q4 C CD4  1 
HETATM 1627 C CE   A 0Q4 C 2 .  ? -2.919  -3.431  15.502  0.60 21.85 ? 401 0Q4 C CE   1 
HETATM 1628 C CE   B 0Q4 C 2 .  ? 4.801   -9.338  -11.784 0.40 16.60 ? 401 0Q4 C CE   1 
HETATM 1629 N N7   A 0Q4 C 2 .  ? -6.875  -5.335  12.444  0.60 20.98 ? 401 0Q4 C N7   1 
HETATM 1630 N N7   B 0Q4 C 2 .  ? 3.546   -11.725 -6.873  0.40 11.36 ? 401 0Q4 C N7   1 
HETATM 1631 O O    . HOH D 3 .  ? 4.673   -3.688  -3.725  1.00 7.14  ? 100 HOH C O    1 
HETATM 1632 O O    . HOH D 3 .  ? -6.272  12.918  5.163   1.00 9.68  ? 101 HOH C O    1 
HETATM 1633 O O    . HOH D 3 .  ? 5.162   -0.831  -4.427  1.00 8.87  ? 102 HOH C O    1 
HETATM 1634 O O    . HOH D 3 .  ? -13.001 -15.397 -11.202 1.00 25.20 ? 103 HOH C O    1 
HETATM 1635 O O    . HOH D 3 .  ? -21.233 -0.776  -17.381 1.00 13.01 ? 104 HOH C O    1 
HETATM 1636 O O    . HOH D 3 .  ? -15.513 -4.280  -1.953  1.00 23.95 ? 105 HOH C O    1 
HETATM 1637 O O    . HOH D 3 .  ? -17.020 1.365   -4.327  1.00 19.82 ? 106 HOH C O    1 
HETATM 1638 O O    . HOH D 3 .  ? -10.447 -20.465 -4.684  1.00 10.94 ? 107 HOH C O    1 
HETATM 1639 O O    . HOH D 3 .  ? -13.151 0.773   -18.525 1.00 18.37 ? 108 HOH C O    1 
HETATM 1640 O O    . HOH D 3 .  ? -20.311 -4.220  -10.201 1.00 31.11 ? 109 HOH C O    1 
HETATM 1641 O O    . HOH D 3 .  ? -21.112 -6.987  -11.481 1.00 32.07 ? 110 HOH C O    1 
HETATM 1642 O O    . HOH D 3 .  ? -22.141 4.396   -13.846 1.00 28.41 ? 111 HOH C O    1 
HETATM 1643 O O    . HOH D 3 .  ? -22.460 2.035   -16.958 1.00 17.30 ? 112 HOH C O    1 
HETATM 1644 O O    . HOH D 3 .  ? -12.980 1.427   0.018   1.00 35.13 ? 113 HOH C O    1 
HETATM 1645 O O    . HOH D 3 .  ? 8.824   17.482  -2.643  1.00 17.53 ? 114 HOH C O    1 
HETATM 1646 O O    . HOH D 3 .  ? 5.195   8.164   -10.430 1.00 6.64  ? 115 HOH C O    1 
HETATM 1647 O O    . HOH D 3 .  ? -17.757 -12.919 -12.334 1.00 19.11 ? 116 HOH C O    1 
HETATM 1648 O O    . HOH D 3 .  ? -0.107  13.527  5.405   1.00 9.86  ? 117 HOH C O    1 
HETATM 1649 O O    . HOH D 3 .  ? 8.528   -2.489  -10.269 1.00 60.71 ? 118 HOH C O    1 
HETATM 1650 O O    . HOH D 3 .  ? -9.427  6.254   7.146   1.00 23.22 ? 119 HOH C O    1 
HETATM 1651 O O    . HOH D 3 .  ? -8.968  11.692  1.181   1.00 47.21 ? 120 HOH C O    1 
HETATM 1652 O O    . HOH D 3 .  ? -11.961 -1.215  -20.398 1.00 33.75 ? 121 HOH C O    1 
HETATM 1653 O O    . HOH D 3 .  ? -5.880  12.873  -17.945 1.00 36.79 ? 122 HOH C O    1 
HETATM 1654 O O    . HOH D 3 .  ? -6.290  10.715  2.646   1.00 17.67 ? 123 HOH C O    1 
HETATM 1655 O O    . HOH D 3 .  ? -13.560 -15.487 -20.847 1.00 43.36 ? 124 HOH C O    1 
HETATM 1656 O O    . HOH D 3 .  ? 5.104   9.476   -12.982 1.00 20.29 ? 125 HOH C O    1 
HETATM 1657 O O    . HOH D 3 .  ? -6.510  17.186  -10.803 1.00 25.74 ? 126 HOH C O    1 
HETATM 1658 O O    . HOH D 3 .  ? -11.770 11.501  -6.356  1.00 13.61 ? 127 HOH C O    1 
HETATM 1659 O O    . HOH D 3 .  ? -9.121  -16.539 -3.857  1.00 17.63 ? 128 HOH C O    1 
HETATM 1660 O O    . HOH D 3 .  ? -11.267 -14.359 -8.620  1.00 23.39 ? 129 HOH C O    1 
HETATM 1661 O O    . HOH D 3 .  ? -15.796 4.083   2.742   1.00 43.52 ? 130 HOH C O    1 
HETATM 1662 O O    . HOH D 3 .  ? -14.290 3.067   -19.801 1.00 35.13 ? 131 HOH C O    1 
HETATM 1663 O O    . HOH D 3 .  ? -18.779 -12.365 -14.822 1.00 33.88 ? 132 HOH C O    1 
HETATM 1664 O O    . HOH D 3 .  ? 4.278   19.235  -2.355  1.00 33.72 ? 133 HOH C O    1 
HETATM 1665 O O    . HOH D 3 .  ? -2.174  -17.740 -16.159 1.00 17.97 ? 134 HOH C O    1 
HETATM 1666 O O    . HOH D 3 .  ? -13.574 12.974  -19.494 1.00 76.45 ? 135 HOH C O    1 
HETATM 1667 O O    . HOH D 3 .  ? -13.301 5.816   -19.260 1.00 62.34 ? 136 HOH C O    1 
HETATM 1668 O O    . HOH D 3 .  ? 3.370   -6.528  -11.342 1.00 29.37 ? 137 HOH C O    1 
HETATM 1669 O O    . HOH D 3 .  ? 6.325   -15.196 -2.722  1.00 26.81 ? 138 HOH C O    1 
HETATM 1670 O O    . HOH D 3 .  ? -1.820  -6.959  1.799   1.00 12.03 ? 177 HOH C O    1 
HETATM 1671 O O    . HOH E 3 .  ? -4.403  3.559   3.793   1.00 5.11  ? 200 HOH D O    1 
HETATM 1672 O O    . HOH E 3 .  ? -5.378  0.911   4.428   1.00 7.79  ? 201 HOH D O    1 
HETATM 1673 O O    . HOH E 3 .  ? 16.470  3.654   15.773  1.00 17.65 ? 202 HOH D O    1 
HETATM 1674 O O    . HOH E 3 .  ? 10.708  5.356   -9.546  1.00 15.00 ? 203 HOH D O    1 
HETATM 1675 O O    . HOH E 3 .  ? 12.071  8.888   -7.247  1.00 19.20 ? 204 HOH D O    1 
HETATM 1676 O O    . HOH E 3 .  ? 10.709  -1.869  -7.979  1.00 28.57 ? 205 HOH D O    1 
HETATM 1677 O O    . HOH E 3 .  ? -7.625  6.197   9.554   1.00 52.58 ? 206 HOH D O    1 
HETATM 1678 O O    . HOH E 3 .  ? 9.360   -10.010 17.429  1.00 29.14 ? 207 HOH D O    1 
HETATM 1679 O O    . HOH E 3 .  ? 14.445  14.132  9.775   1.00 90.93 ? 208 HOH D O    1 
HETATM 1680 O O    . HOH E 3 .  ? 12.435  -5.607  2.889   1.00 41.15 ? 209 HOH D O    1 
HETATM 1681 O O    . HOH E 3 .  ? 12.622  -11.677 9.954   1.00 16.10 ? 210 HOH D O    1 
HETATM 1682 O O    . HOH E 3 .  ? 15.949  -11.642 15.223  1.00 35.69 ? 211 HOH D O    1 
HETATM 1683 O O    . HOH E 3 .  ? 16.292  16.022  8.558   1.00 63.31 ? 212 HOH D O    1 
HETATM 1684 O O    . HOH E 3 .  ? 4.229   16.521  1.625   1.00 14.33 ? 213 HOH D O    1 
HETATM 1685 O O    . HOH E 3 .  ? 0.282   -15.366 11.707  1.00 20.38 ? 214 HOH D O    1 
HETATM 1686 O O    . HOH E 3 .  ? 10.813  -15.151 21.733  1.00 14.67 ? 215 HOH D O    1 
HETATM 1687 O O    . HOH E 3 .  ? 6.316   -11.480 15.585  1.00 23.83 ? 216 HOH D O    1 
HETATM 1688 O O    . HOH E 3 .  ? -3.131  5.161   10.304  1.00 21.84 ? 217 HOH D O    1 
HETATM 1689 O O    . HOH E 3 .  ? 9.766   4.569   -5.953  1.00 11.39 ? 218 HOH D O    1 
HETATM 1690 O O    . HOH E 3 .  ? 17.448  -9.651  14.965  1.00 16.15 ? 219 HOH D O    1 
HETATM 1691 O O    . HOH E 3 .  ? 2.664   -5.981  27.508  1.00 53.40 ? 220 HOH D O    1 
HETATM 1692 O O    . HOH E 3 .  ? 15.656  -5.280  5.399   1.00 20.65 ? 221 HOH D O    1 
HETATM 1693 O O    . HOH E 3 .  ? 13.971  1.744   17.792  1.00 12.91 ? 222 HOH D O    1 
HETATM 1694 O O    . HOH E 3 .  ? 8.763   -12.157 6.600   1.00 17.48 ? 223 HOH D O    1 
HETATM 1695 O O    . HOH E 3 .  ? 0.426   18.856  -5.016  1.00 16.29 ? 224 HOH D O    1 
HETATM 1696 O O    . HOH E 3 .  ? 12.168  -5.035  0.110   1.00 55.78 ? 225 HOH D O    1 
HETATM 1697 O O    . HOH E 3 .  ? 8.474   -11.814 20.054  1.00 23.91 ? 226 HOH D O    1 
HETATM 1698 O O    . HOH E 3 .  ? 13.542  10.874  -5.423  1.00 36.02 ? 227 HOH D O    1 
HETATM 1699 O O    . HOH E 3 .  ? 4.978   8.860   20.017  1.00 13.65 ? 228 HOH D O    1 
HETATM 1700 O O    . HOH E 3 .  ? 12.197  -9.696  20.741  1.00 23.34 ? 229 HOH D O    1 
HETATM 1701 O O    . HOH E 3 .  ? 9.397   -12.228 9.142   1.00 16.13 ? 230 HOH D O    1 
HETATM 1702 O O    . HOH E 3 .  ? 13.429  15.213  11.776  1.00 19.76 ? 231 HOH D O    1 
HETATM 1703 O O    . HOH E 3 .  ? 16.919  -8.136  12.647  1.00 37.80 ? 232 HOH D O    1 
HETATM 1704 O O    . HOH E 3 .  ? 24.117  3.689   11.265  1.00 49.76 ? 233 HOH D O    1 
HETATM 1705 O O    . HOH E 3 .  ? 16.594  6.164   2.306   1.00 25.71 ? 234 HOH D O    1 
HETATM 1706 O O    . HOH E 3 .  ? 12.441  5.534   -2.548  1.00 23.54 ? 235 HOH D O    1 
HETATM 1707 O O    . HOH E 3 .  ? 6.186   -8.197  27.074  1.00 23.19 ? 236 HOH D O    1 
HETATM 1708 O O    . HOH E 3 .  ? 10.038  -5.141  -1.746  1.00 28.26 ? 237 HOH D O    1 
HETATM 1709 O O    . HOH E 3 .  ? 15.044  7.710   23.532  1.00 50.52 ? 238 HOH D O    1 
HETATM 1710 O O    . HOH E 3 .  ? 13.294  -2.283  -6.615  1.00 51.55 ? 239 HOH D O    1 
HETATM 1711 O O    . HOH E 3 .  ? 9.757   13.785  11.293  1.00 25.50 ? 240 HOH D O    1 
# 
